data_3Q22
#
_entry.id   3Q22
#
_cell.length_a   83.300
_cell.length_b   111.787
_cell.length_c   276.850
_cell.angle_alpha   90.00
_cell.angle_beta   90.00
_cell.angle_gamma   90.00
#
_symmetry.space_group_name_H-M   'P 21 21 21'
#
loop_
_entity.id
_entity.type
_entity.pdbx_description
1 polymer 'Virion RNA polymerase'
2 polymer "DNA (5'-D(*TP*GP*CP*CP*TP*CP*CP*CP*AP*GP*GP*CP*AP*TP*CP*CP*AP*AP*AP*AP*GP*AP*AP*GP*CP*GP*GP*AP*GP*CP*TP*TP*CP*TP*TP*C)-3')"
3 non-polymer "GUANOSINE-5'-TRIPHOSPHATE"
4 non-polymer 'DIHYDROGENPHOSPHATE ION'
5 non-polymer 'MAGNESIUM ION'
6 water water
#
loop_
_entity_poly.entity_id
_entity_poly.type
_entity_poly.pdbx_seq_one_letter_code
_entity_poly.pdbx_strand_id
1 'polypeptide(L)'
;MGGSHHHHHHRSESTVTEELKEGIDAVYPSLVGTADSKAEGIKNYFKLSFTLPEEQKSRTVGSEAPLKDVAQALSSRARY
ELFTEKETANPAFNGEVIKRYKELMEHGEGIADILRSRLAKFLNTKDVGKRFAQGTEANRWVGGKLLNIVEQDGDTFKYN
EQLLQTAVLAGLQWRLTATSNTAIKDAKDVAAITGIDQALLPEGLVEQFDTGMTLTEAVSSLAQKIESYWGLSRNPNAPL
GYTKGIPTAMAAEILAAFVESTDVVENIVDMSEIDPDNKKTIGLYTITELDSFDPINSFPTAIEEAVLVNPTEKMFFGDD
IPPVANTQLRNPAVRNTPEQKAALKAEQATEFYVHTPMVQFYETLGKDRILELMGAGTLNKELLNDNHAKSLEGKNRSVE
DSYNQLFSVIEQVRAQSEDISTVPIHYAYNMTRVGRMQMLGKYNPQSAKLVREAILPTKATLDLSNQNNEDFSAFQLGLA
QALDIKVHTMTREVMSDELTKLLEGNLKPAIDMMVEFNTTGSLPENAVDVLNTALGDRKSFVALMALMEYSRYLVAEDKS
AFVTPLYVEADGVTNGPINAMMLMTGGLFTPDWIRNIAKGGLFIGSPNKTMNEHRSTADNNDLYQASTNALMESLGKLRS
NYASNMPIQSQIDSLLSLMDLFLPDINLGENGALELKRGIAKNPLTITIYGSGARGIAGKLVSSVTDAIYERMSDVLKAR
AKDPNISAAMAMFGKQAASEAHAEELLARFLKDMETLTSTVPVKRKGVLELQSTGTGAKGKINPKTYTIKGEQLKALQEN
MLHFFVEPLRNGITQTVGESLVYSTEQLQKATQIQSVVLEDMFKQRVQEKLAEKAKDPTWKKGDFLTQKELNDIQASLNN
LAPMIETGSQTFYIAGSENAEVANQVLATNLDDRMRVPMSIYAPAQAGVAGIPFMTIGTGDGMMMQTLSTMKGAPKNTLK
IFDGMNIGLNDITDASRKANEAVYTSWQGNPIKNVYESYAKFMKNVDFSKLSPEALEAIGKSALEYDQRENATVDDIANA
ASLIERNLRNIALGVDIRHKVLDKVNLSIDQMAAVGAPYQNNGKIDLSNMTPEQQADELNKLFREELEARKQKVAKAR
;
A,B
2 'polydeoxyribonucleotide'
;(DT)(DG)(DC)(DC)(DT)(DC)(DC)(DC)(DA)(DG)(DG)(DC)(DA)(DT)(DC)(DC)(DA)(DA)(DA)(DA)
(DG)(DA)(DA)(DG)(DC)(DG)(DG)(DA)(DG)(DC)(DT)(DT)(DC)(DT)(DT)(DC)
;
C,D
#
# COMPACT_ATOMS: atom_id res chain seq x y z
N GLU A 18 6.76 33.41 -42.45
CA GLU A 18 7.66 32.24 -42.30
C GLU A 18 8.92 32.60 -41.50
N GLU A 19 8.71 33.22 -40.34
CA GLU A 19 9.80 33.60 -39.44
C GLU A 19 9.93 32.57 -38.30
N LEU A 20 9.50 31.35 -38.60
CA LEU A 20 9.45 30.27 -37.61
C LEU A 20 10.80 29.63 -37.37
N LYS A 21 11.72 29.80 -38.32
CA LYS A 21 13.09 29.29 -38.22
C LYS A 21 13.90 30.09 -37.19
N GLU A 22 13.80 31.42 -37.26
CA GLU A 22 14.46 32.32 -36.31
C GLU A 22 13.92 32.10 -34.90
N GLY A 23 12.60 32.00 -34.78
CA GLY A 23 11.92 31.80 -33.51
C GLY A 23 12.39 30.60 -32.71
N ILE A 24 12.36 29.42 -33.34
CA ILE A 24 12.69 28.16 -32.66
C ILE A 24 14.19 27.98 -32.43
N ASP A 25 15.01 28.63 -33.26
CA ASP A 25 16.45 28.66 -33.06
C ASP A 25 16.81 29.50 -31.84
N ALA A 26 16.07 30.58 -31.61
CA ALA A 26 16.28 31.45 -30.46
C ALA A 26 16.02 30.71 -29.14
N VAL A 27 15.04 29.80 -29.16
CA VAL A 27 14.71 28.98 -27.99
C VAL A 27 15.70 27.83 -27.78
N TYR A 28 16.15 27.21 -28.88
CA TYR A 28 17.08 26.06 -28.81
C TYR A 28 18.32 26.23 -29.71
N PRO A 29 19.20 27.20 -29.37
CA PRO A 29 20.31 27.46 -30.29
C PRO A 29 21.49 26.48 -30.19
N SER A 30 21.48 25.61 -29.19
CA SER A 30 22.63 24.74 -28.92
C SER A 30 22.43 23.28 -29.29
N LEU A 31 21.25 22.96 -29.80
CA LEU A 31 20.97 21.62 -30.33
C LEU A 31 21.93 21.36 -31.48
N VAL A 32 22.38 20.11 -31.58
CA VAL A 32 23.38 19.71 -32.58
C VAL A 32 22.81 19.73 -34.00
N GLY A 33 23.60 20.24 -34.93
CA GLY A 33 23.23 20.21 -36.34
C GLY A 33 22.63 21.48 -36.89
N THR A 34 22.34 21.46 -38.20
CA THR A 34 21.81 22.61 -38.92
C THR A 34 20.34 22.43 -39.20
N ALA A 35 19.55 23.46 -38.88
CA ALA A 35 18.11 23.43 -39.16
C ALA A 35 17.85 23.76 -40.64
N ASP A 36 18.51 23.01 -41.51
CA ASP A 36 18.37 23.11 -42.96
C ASP A 36 18.39 21.69 -43.49
N SER A 37 17.29 21.28 -44.12
CA SER A 37 17.14 19.89 -44.60
C SER A 37 18.05 19.61 -45.80
N LYS A 38 18.56 20.69 -46.41
CA LYS A 38 19.43 20.60 -47.57
C LYS A 38 20.93 20.61 -47.19
N ALA A 39 21.23 20.99 -45.96
CA ALA A 39 22.60 21.03 -45.44
C ALA A 39 23.29 19.67 -45.54
N GLU A 40 24.61 19.67 -45.68
CA GLU A 40 25.36 18.45 -45.98
C GLU A 40 25.79 17.63 -44.76
N GLY A 41 26.00 18.31 -43.63
CA GLY A 41 26.39 17.63 -42.39
C GLY A 41 25.20 17.15 -41.58
N ILE A 42 25.38 17.11 -40.26
CA ILE A 42 24.31 16.76 -39.32
C ILE A 42 23.21 17.83 -39.33
N LYS A 43 21.99 17.40 -39.61
CA LYS A 43 20.84 18.28 -39.68
C LYS A 43 20.00 18.06 -38.43
N ASN A 44 19.51 19.14 -37.82
CA ASN A 44 18.68 19.00 -36.62
C ASN A 44 17.19 18.90 -36.93
N TYR A 45 16.65 17.70 -36.75
CA TYR A 45 15.29 17.40 -37.16
C TYR A 45 14.20 17.78 -36.16
N PHE A 46 14.62 18.17 -34.95
CA PHE A 46 13.69 18.75 -33.98
C PHE A 46 13.31 20.16 -34.40
N LYS A 47 14.30 20.97 -34.74
CA LYS A 47 14.05 22.34 -35.17
C LYS A 47 13.42 22.40 -36.56
N LEU A 48 13.71 21.39 -37.38
CA LEU A 48 13.10 21.26 -38.71
C LEU A 48 11.66 20.77 -38.65
N SER A 49 11.29 20.13 -37.53
CA SER A 49 9.96 19.50 -37.39
C SER A 49 8.97 20.32 -36.59
N PHE A 50 9.47 21.14 -35.67
CA PHE A 50 8.60 21.88 -34.77
C PHE A 50 8.73 23.40 -34.91
N THR A 51 7.68 24.11 -34.51
CA THR A 51 7.64 25.57 -34.53
C THR A 51 7.01 26.08 -33.24
N LEU A 52 7.26 27.35 -32.92
CA LEU A 52 6.61 28.01 -31.80
C LEU A 52 5.14 28.31 -32.13
N PRO A 53 4.23 28.09 -31.16
CA PRO A 53 2.81 28.40 -31.40
C PRO A 53 2.52 29.89 -31.27
N GLU A 54 1.57 30.38 -32.07
CA GLU A 54 1.21 31.80 -32.02
C GLU A 54 0.73 32.24 -30.65
N GLU A 55 0.04 31.34 -29.94
CA GLU A 55 -0.38 31.56 -28.56
C GLU A 55 0.14 30.46 -27.63
N GLN A 56 0.70 30.86 -26.48
CA GLN A 56 1.32 29.96 -25.50
C GLN A 56 0.47 28.73 -25.16
N LYS A 57 1.08 27.55 -25.29
CA LYS A 57 0.43 26.29 -24.94
C LYS A 57 1.01 25.68 -23.67
N SER A 58 2.31 25.92 -23.43
CA SER A 58 3.00 25.39 -22.27
C SER A 58 3.84 26.45 -21.53
N ARG A 59 3.66 26.48 -20.22
CA ARG A 59 4.38 27.42 -19.35
C ARG A 59 5.85 27.06 -19.12
N THR A 60 6.28 25.91 -19.63
CA THR A 60 7.66 25.46 -19.49
C THR A 60 8.54 25.85 -20.71
N VAL A 61 7.91 26.33 -21.77
CA VAL A 61 8.65 26.81 -22.94
C VAL A 61 9.47 28.05 -22.55
N GLY A 62 10.78 27.95 -22.75
CA GLY A 62 11.69 29.05 -22.43
C GLY A 62 12.38 28.89 -21.09
N SER A 63 12.02 27.85 -20.35
CA SER A 63 12.57 27.58 -19.03
C SER A 63 13.89 26.81 -19.09
N GLU A 64 14.88 27.31 -18.38
CA GLU A 64 16.20 26.68 -18.28
C GLU A 64 16.16 25.36 -17.49
N ALA A 65 15.25 25.28 -16.53
CA ALA A 65 15.13 24.11 -15.66
C ALA A 65 13.67 23.87 -15.26
N PRO A 66 12.86 23.30 -16.18
CA PRO A 66 11.43 23.03 -15.94
C PRO A 66 11.12 22.27 -14.64
N LEU A 67 11.90 21.25 -14.32
CA LEU A 67 11.70 20.46 -13.10
C LEU A 67 11.95 21.26 -11.83
N LYS A 68 12.82 22.26 -11.92
CA LYS A 68 13.07 23.16 -10.80
C LYS A 68 11.95 24.18 -10.69
N ASP A 69 11.59 24.80 -11.82
CA ASP A 69 10.55 25.81 -11.87
C ASP A 69 9.21 25.29 -11.39
N VAL A 70 8.81 24.11 -11.90
CA VAL A 70 7.53 23.51 -11.56
C VAL A 70 7.51 22.98 -10.11
N ALA A 71 8.64 22.45 -9.63
CA ALA A 71 8.78 22.07 -8.22
C ALA A 71 8.59 23.25 -7.25
N GLN A 72 9.08 24.42 -7.66
CA GLN A 72 8.87 25.64 -6.88
C GLN A 72 7.41 26.09 -7.00
N ALA A 73 6.86 26.00 -8.21
CA ALA A 73 5.44 26.25 -8.44
C ALA A 73 4.55 25.42 -7.51
N LEU A 74 4.88 24.14 -7.37
CA LEU A 74 4.11 23.21 -6.53
C LEU A 74 4.42 23.30 -5.03
N SER A 75 5.40 24.12 -4.66
CA SER A 75 5.85 24.19 -3.25
C SER A 75 4.90 24.96 -2.33
N SER A 76 4.03 25.79 -2.90
CA SER A 76 3.00 26.50 -2.11
C SER A 76 1.85 26.99 -2.98
N ARG A 77 0.71 27.24 -2.34
CA ARG A 77 -0.47 27.78 -3.02
C ARG A 77 -0.20 29.12 -3.71
N ALA A 78 0.48 30.04 -3.01
CA ALA A 78 0.78 31.36 -3.58
C ALA A 78 1.68 31.24 -4.80
N ARG A 79 2.69 30.38 -4.69
CA ARG A 79 3.59 30.13 -5.82
C ARG A 79 2.88 29.46 -7.00
N TYR A 80 1.92 28.60 -6.69
CA TYR A 80 1.13 27.92 -7.72
C TYR A 80 0.25 28.92 -8.47
N GLU A 81 -0.45 29.76 -7.71
CA GLU A 81 -1.33 30.78 -8.26
C GLU A 81 -0.58 31.80 -9.13
N LEU A 82 0.64 32.14 -8.71
CA LEU A 82 1.45 33.12 -9.43
C LEU A 82 2.08 32.51 -10.67
N PHE A 83 2.39 31.21 -10.62
CA PHE A 83 2.93 30.50 -11.78
C PHE A 83 1.86 30.28 -12.85
N THR A 84 0.64 29.98 -12.42
CA THR A 84 -0.47 29.75 -13.34
C THR A 84 -1.18 31.05 -13.73
N GLU A 85 -0.68 32.17 -13.20
CA GLU A 85 -1.21 33.52 -13.46
C GLU A 85 -2.72 33.63 -13.21
N LYS A 86 -3.18 32.94 -12.17
CA LYS A 86 -4.58 32.94 -11.78
C LYS A 86 -4.74 33.31 -10.30
N GLU A 87 -5.90 33.84 -9.95
CA GLU A 87 -6.14 34.36 -8.60
C GLU A 87 -6.20 33.26 -7.52
N THR A 88 -6.87 32.14 -7.83
CA THR A 88 -7.03 31.08 -6.81
C THR A 88 -6.93 29.64 -7.33
N ALA A 89 -6.10 28.86 -6.65
CA ALA A 89 -5.87 27.46 -7.01
C ALA A 89 -6.93 26.53 -6.43
N ASN A 90 -7.08 25.37 -7.05
CA ASN A 90 -7.94 24.29 -6.54
C ASN A 90 -7.68 24.10 -5.04
N PRO A 91 -8.74 24.23 -4.21
CA PRO A 91 -8.63 24.06 -2.76
C PRO A 91 -8.13 22.68 -2.30
N ALA A 92 -8.22 21.68 -3.18
CA ALA A 92 -7.67 20.36 -2.90
C ALA A 92 -6.14 20.37 -2.80
N PHE A 93 -5.51 21.37 -3.41
CA PHE A 93 -4.06 21.58 -3.31
C PHE A 93 -3.68 22.18 -1.94
N ASN A 94 -3.66 21.33 -0.93
CA ASN A 94 -3.37 21.75 0.44
C ASN A 94 -2.01 21.25 0.94
N GLY A 95 -1.77 21.40 2.24
CA GLY A 95 -0.52 21.00 2.89
C GLY A 95 -0.09 19.57 2.63
N GLU A 96 -1.00 18.62 2.83
CA GLU A 96 -0.70 17.20 2.64
C GLU A 96 -0.38 16.84 1.19
N VAL A 97 -1.07 17.49 0.26
CA VAL A 97 -0.91 17.25 -1.17
C VAL A 97 0.39 17.88 -1.68
N ILE A 98 0.71 19.07 -1.16
CA ILE A 98 1.96 19.76 -1.48
C ILE A 98 3.19 18.91 -1.09
N LYS A 99 3.14 18.32 0.10
CA LYS A 99 4.23 17.50 0.60
C LYS A 99 4.45 16.27 -0.28
N ARG A 100 3.36 15.68 -0.77
CA ARG A 100 3.43 14.53 -1.68
C ARG A 100 4.01 14.89 -3.04
N TYR A 101 3.64 16.04 -3.58
CA TYR A 101 4.23 16.53 -4.81
C TYR A 101 5.72 16.88 -4.67
N LYS A 102 6.11 17.34 -3.48
CA LYS A 102 7.53 17.60 -3.18
C LYS A 102 8.34 16.34 -3.40
N GLU A 103 7.85 15.23 -2.84
CA GLU A 103 8.47 13.91 -2.97
C GLU A 103 8.42 13.37 -4.40
N LEU A 104 7.36 13.71 -5.13
CA LEU A 104 7.20 13.30 -6.52
C LEU A 104 8.15 14.09 -7.45
N MET A 105 8.41 15.35 -7.10
CA MET A 105 9.36 16.17 -7.85
C MET A 105 10.77 15.65 -7.67
N GLU A 106 11.11 15.25 -6.44
CA GLU A 106 12.36 14.55 -6.13
C GLU A 106 12.52 13.27 -6.95
N HIS A 107 11.41 12.56 -7.16
CA HIS A 107 11.44 11.35 -7.96
C HIS A 107 11.67 11.64 -9.44
N GLY A 108 11.11 12.75 -9.90
CA GLY A 108 11.33 13.22 -11.28
C GLY A 108 12.80 13.47 -11.55
N GLU A 109 13.51 13.97 -10.55
CA GLU A 109 14.96 14.15 -10.63
C GLU A 109 15.67 12.80 -10.79
N GLY A 110 15.11 11.77 -10.18
CA GLY A 110 15.63 10.40 -10.31
C GLY A 110 15.43 9.85 -11.71
N ILE A 111 14.25 10.09 -12.27
CA ILE A 111 13.92 9.66 -13.64
C ILE A 111 14.85 10.35 -14.66
N ALA A 112 15.01 11.67 -14.48
CA ALA A 112 15.92 12.45 -15.31
C ALA A 112 17.36 11.93 -15.24
N ASP A 113 17.79 11.51 -14.04
CA ASP A 113 19.13 10.98 -13.82
C ASP A 113 19.32 9.62 -14.51
N ILE A 114 18.31 8.75 -14.42
CA ILE A 114 18.30 7.52 -15.17
C ILE A 114 18.43 7.80 -16.67
N LEU A 115 17.66 8.77 -17.19
CA LEU A 115 17.66 9.11 -18.61
C LEU A 115 19.01 9.60 -19.15
N ARG A 116 19.68 10.44 -18.36
CA ARG A 116 21.03 10.92 -18.67
C ARG A 116 22.07 9.80 -18.73
N SER A 117 21.98 8.84 -17.80
CA SER A 117 22.89 7.68 -17.80
C SER A 117 22.65 6.75 -18.98
N ARG A 118 21.38 6.56 -19.31
CA ARG A 118 21.00 5.79 -20.48
C ARG A 118 21.54 6.42 -21.76
N LEU A 119 21.48 7.74 -21.89
CA LEU A 119 22.08 8.43 -23.05
C LEU A 119 23.60 8.20 -23.13
N ALA A 120 24.27 8.38 -22.00
CA ALA A 120 25.72 8.17 -21.88
C ALA A 120 26.14 6.79 -22.36
N LYS A 121 25.39 5.77 -21.95
CA LYS A 121 25.67 4.39 -22.35
C LYS A 121 25.46 4.19 -23.84
N PHE A 122 24.39 4.78 -24.37
CA PHE A 122 24.09 4.72 -25.81
C PHE A 122 25.22 5.35 -26.63
N LEU A 123 25.72 6.51 -26.19
CA LEU A 123 26.79 7.19 -26.90
C LEU A 123 28.13 6.42 -26.86
N ASN A 124 28.37 5.66 -25.78
CA ASN A 124 29.60 4.90 -25.63
C ASN A 124 29.57 3.58 -26.41
N THR A 125 28.44 2.89 -26.37
CA THR A 125 28.27 1.60 -27.04
C THR A 125 28.51 1.73 -28.54
N LYS A 126 29.35 0.84 -29.06
CA LYS A 126 29.67 0.75 -30.49
C LYS A 126 30.16 2.09 -31.05
N ASP A 127 30.81 2.87 -30.19
CA ASP A 127 31.38 4.17 -30.56
C ASP A 127 30.40 5.10 -31.28
N VAL A 128 29.11 4.97 -30.97
CA VAL A 128 28.06 5.76 -31.63
C VAL A 128 28.25 7.27 -31.47
N GLY A 129 28.58 7.72 -30.24
CA GLY A 129 28.83 9.13 -29.96
C GLY A 129 29.98 9.71 -30.79
N LYS A 130 31.09 8.98 -30.86
CA LYS A 130 32.25 9.40 -31.63
C LYS A 130 31.91 9.49 -33.13
N ARG A 131 31.21 8.49 -33.63
CA ARG A 131 30.80 8.45 -35.04
C ARG A 131 29.88 9.60 -35.41
N PHE A 132 28.91 9.87 -34.53
CA PHE A 132 27.98 10.99 -34.68
C PHE A 132 28.71 12.32 -34.72
N ALA A 133 29.74 12.45 -33.87
CA ALA A 133 30.61 13.63 -33.87
C ALA A 133 31.42 13.75 -35.16
N GLN A 134 31.74 12.61 -35.77
CA GLN A 134 32.51 12.55 -37.03
C GLN A 134 31.62 12.68 -38.28
N GLY A 135 30.31 12.80 -38.09
CA GLY A 135 29.38 13.04 -39.19
C GLY A 135 28.41 11.93 -39.56
N THR A 136 28.54 10.77 -38.93
CA THR A 136 27.57 9.68 -39.12
C THR A 136 26.20 10.16 -38.65
N GLU A 137 25.21 10.04 -39.53
CA GLU A 137 23.88 10.59 -39.25
C GLU A 137 23.02 9.69 -38.37
N ALA A 138 23.49 9.46 -37.15
CA ALA A 138 22.82 8.59 -36.19
C ALA A 138 21.47 9.13 -35.72
N ASN A 139 21.25 10.44 -35.90
CA ASN A 139 20.00 11.11 -35.52
C ASN A 139 18.82 10.84 -36.46
N ARG A 140 19.08 10.04 -37.49
CA ARG A 140 18.05 9.65 -38.44
C ARG A 140 17.74 8.16 -38.33
N TRP A 141 18.51 7.46 -37.49
CA TRP A 141 18.25 6.05 -37.19
C TRP A 141 16.99 5.93 -36.35
N VAL A 142 16.34 4.77 -36.36
CA VAL A 142 15.11 4.58 -35.59
C VAL A 142 15.36 4.66 -34.08
N GLY A 143 16.57 4.29 -33.66
CA GLY A 143 16.97 4.34 -32.25
C GLY A 143 17.82 5.54 -31.84
N GLY A 144 17.92 6.53 -32.74
CA GLY A 144 18.78 7.69 -32.50
C GLY A 144 18.13 9.06 -32.69
N LYS A 145 16.81 9.09 -32.85
CA LYS A 145 16.10 10.35 -33.06
C LYS A 145 16.20 11.31 -31.86
N LEU A 146 16.49 10.75 -30.68
CA LEU A 146 16.80 11.54 -29.48
C LEU A 146 18.11 12.36 -29.57
N LEU A 147 18.95 12.05 -30.55
CA LEU A 147 20.15 12.88 -30.81
C LEU A 147 19.78 14.24 -31.41
N ASN A 148 18.51 14.40 -31.81
CA ASN A 148 18.02 15.69 -32.29
C ASN A 148 17.75 16.69 -31.17
N ILE A 149 17.75 16.21 -29.93
CA ILE A 149 17.57 17.09 -28.75
C ILE A 149 18.75 17.03 -27.75
N VAL A 150 19.92 16.64 -28.25
CA VAL A 150 21.15 16.73 -27.46
C VAL A 150 22.00 17.95 -27.87
N GLU A 151 22.95 18.28 -27.01
CA GLU A 151 23.85 19.40 -27.21
C GLU A 151 25.27 18.90 -27.00
N GLN A 152 26.22 19.50 -27.72
CA GLN A 152 27.62 19.10 -27.59
C GLN A 152 28.14 19.46 -26.22
N ASP A 153 28.90 18.54 -25.63
CA ASP A 153 29.46 18.72 -24.30
C ASP A 153 30.88 18.18 -24.28
N GLY A 154 31.83 19.00 -24.71
CA GLY A 154 33.23 18.59 -24.81
C GLY A 154 33.40 17.53 -25.89
N ASP A 155 33.94 16.39 -25.49
CA ASP A 155 34.13 15.27 -26.42
C ASP A 155 32.90 14.36 -26.50
N THR A 156 31.80 14.75 -25.85
CA THR A 156 30.57 13.97 -25.88
C THR A 156 29.29 14.81 -26.10
N PHE A 157 28.13 14.24 -25.74
CA PHE A 157 26.84 14.91 -25.93
C PHE A 157 25.99 14.74 -24.68
N LYS A 158 25.06 15.66 -24.48
CA LYS A 158 24.14 15.63 -23.34
C LYS A 158 22.78 16.22 -23.74
N TYR A 159 21.72 15.77 -23.07
CA TYR A 159 20.36 16.28 -23.31
C TYR A 159 20.28 17.79 -23.15
N ASN A 160 19.47 18.43 -24.00
CA ASN A 160 18.94 19.76 -23.72
C ASN A 160 18.08 19.62 -22.46
N GLU A 161 18.29 20.49 -21.48
CA GLU A 161 17.61 20.36 -20.19
C GLU A 161 16.14 20.79 -20.22
N GLN A 162 15.81 21.81 -20.99
CA GLN A 162 14.41 22.23 -21.14
C GLN A 162 13.58 21.05 -21.68
N LEU A 163 14.08 20.40 -22.72
CA LEU A 163 13.34 19.32 -23.38
C LEU A 163 13.27 18.04 -22.56
N LEU A 164 14.38 17.70 -21.91
CA LEU A 164 14.47 16.53 -21.06
C LEU A 164 13.55 16.63 -19.84
N GLN A 165 13.66 17.74 -19.11
CA GLN A 165 12.91 17.92 -17.86
C GLN A 165 11.40 18.08 -18.07
N THR A 166 11.02 18.72 -19.17
CA THR A 166 9.62 18.89 -19.57
C THR A 166 9.00 17.53 -19.90
N ALA A 167 9.74 16.70 -20.62
CA ALA A 167 9.33 15.32 -20.91
C ALA A 167 9.14 14.47 -19.66
N VAL A 168 10.02 14.66 -18.68
CA VAL A 168 9.91 14.00 -17.38
C VAL A 168 8.65 14.43 -16.62
N LEU A 169 8.34 15.72 -16.64
CA LEU A 169 7.10 16.22 -16.05
C LEU A 169 5.87 15.52 -16.67
N ALA A 170 5.88 15.39 -17.99
CA ALA A 170 4.84 14.64 -18.71
C ALA A 170 4.81 13.18 -18.27
N GLY A 171 6.00 12.59 -18.09
CA GLY A 171 6.16 11.24 -17.57
C GLY A 171 5.51 11.07 -16.21
N LEU A 172 5.70 12.05 -15.33
CA LEU A 172 5.08 12.01 -13.99
C LEU A 172 3.56 12.14 -14.04
N GLN A 173 3.04 13.03 -14.89
CA GLN A 173 1.59 13.16 -15.03
C GLN A 173 0.98 11.84 -15.53
N TRP A 174 1.59 11.28 -16.58
CA TRP A 174 1.22 9.99 -17.15
C TRP A 174 1.24 8.87 -16.10
N ARG A 175 2.30 8.81 -15.31
CA ARG A 175 2.42 7.81 -14.25
C ARG A 175 1.24 7.87 -13.28
N LEU A 176 0.77 9.08 -13.00
CA LEU A 176 -0.28 9.30 -12.03
C LEU A 176 -1.69 8.97 -12.52
N THR A 177 -1.99 9.28 -13.77
CA THR A 177 -3.36 9.19 -14.27
C THR A 177 -3.59 8.28 -15.47
N ALA A 178 -2.53 7.71 -16.04
CA ALA A 178 -2.66 6.93 -17.30
C ALA A 178 -3.60 5.73 -17.20
N THR A 179 -3.45 4.94 -16.14
CA THR A 179 -4.30 3.77 -15.89
C THR A 179 -5.81 4.10 -15.92
N SER A 180 -6.18 5.22 -15.32
CA SER A 180 -7.57 5.67 -15.27
C SER A 180 -8.10 6.18 -16.62
N ASN A 181 -7.21 6.35 -17.59
CA ASN A 181 -7.61 6.79 -18.93
C ASN A 181 -7.48 5.72 -20.01
N THR A 182 -7.04 4.52 -19.62
CA THR A 182 -6.89 3.41 -20.57
C THR A 182 -8.24 2.87 -21.03
N ALA A 183 -8.25 2.25 -22.20
CA ALA A 183 -9.43 1.56 -22.71
C ALA A 183 -9.63 0.21 -22.03
N ILE A 184 -10.84 -0.32 -22.16
CA ILE A 184 -11.20 -1.61 -21.59
C ILE A 184 -10.97 -2.69 -22.65
N LYS A 185 -10.15 -3.68 -22.30
CA LYS A 185 -9.93 -4.81 -23.19
C LYS A 185 -10.95 -5.93 -22.93
N ASP A 186 -11.68 -6.31 -23.97
CA ASP A 186 -12.53 -7.49 -23.91
C ASP A 186 -11.89 -8.67 -24.64
N ALA A 187 -12.66 -9.74 -24.82
CA ALA A 187 -12.21 -10.95 -25.50
C ALA A 187 -11.76 -10.69 -26.93
N LYS A 188 -12.47 -9.81 -27.63
CA LYS A 188 -12.15 -9.46 -29.02
C LYS A 188 -10.80 -8.72 -29.13
N ASP A 189 -10.58 -7.79 -28.19
CA ASP A 189 -9.33 -7.02 -28.14
C ASP A 189 -8.13 -7.95 -27.88
N VAL A 190 -8.24 -8.76 -26.83
CA VAL A 190 -7.18 -9.72 -26.48
C VAL A 190 -6.90 -10.70 -27.63
N ALA A 191 -7.96 -11.12 -28.34
CA ALA A 191 -7.81 -11.96 -29.53
C ALA A 191 -7.00 -11.27 -30.65
N ALA A 192 -7.32 -10.00 -30.91
CA ALA A 192 -6.58 -9.21 -31.90
C ALA A 192 -5.11 -9.04 -31.52
N ILE A 193 -4.86 -8.75 -30.25
CA ILE A 193 -3.49 -8.57 -29.73
C ILE A 193 -2.64 -9.85 -29.80
N THR A 194 -3.25 -10.97 -29.43
CA THR A 194 -2.52 -12.23 -29.23
C THR A 194 -2.43 -13.11 -30.47
N GLY A 195 -3.39 -12.97 -31.38
CA GLY A 195 -3.50 -13.86 -32.53
C GLY A 195 -4.09 -15.21 -32.17
N ILE A 196 -4.67 -15.31 -30.98
CA ILE A 196 -5.38 -16.51 -30.55
C ILE A 196 -6.86 -16.29 -30.79
N ASP A 197 -7.49 -17.22 -31.51
CA ASP A 197 -8.92 -17.16 -31.82
C ASP A 197 -9.72 -16.92 -30.54
N GLN A 198 -10.68 -16.00 -30.62
CA GLN A 198 -11.43 -15.57 -29.44
C GLN A 198 -11.98 -16.72 -28.58
N ALA A 199 -12.49 -17.76 -29.25
CA ALA A 199 -13.17 -18.86 -28.59
C ALA A 199 -12.24 -19.78 -27.78
N LEU A 200 -10.94 -19.74 -28.10
CA LEU A 200 -9.95 -20.63 -27.49
C LEU A 200 -9.04 -19.90 -26.49
N LEU A 201 -9.41 -18.66 -26.13
CA LEU A 201 -8.64 -17.86 -25.18
C LEU A 201 -8.69 -18.46 -23.79
N PRO A 202 -7.51 -18.80 -23.22
CA PRO A 202 -7.42 -19.35 -21.87
C PRO A 202 -8.07 -18.45 -20.85
N GLU A 203 -8.47 -19.04 -19.72
CA GLU A 203 -9.14 -18.32 -18.66
C GLU A 203 -8.16 -17.39 -17.94
N GLY A 204 -8.59 -16.14 -17.73
CA GLY A 204 -7.76 -15.17 -17.05
C GLY A 204 -6.75 -14.47 -17.94
N LEU A 205 -6.65 -14.90 -19.20
CA LEU A 205 -5.76 -14.24 -20.16
C LEU A 205 -6.28 -12.84 -20.48
N VAL A 206 -7.60 -12.73 -20.66
CA VAL A 206 -8.27 -11.44 -20.84
C VAL A 206 -8.03 -10.53 -19.63
N GLU A 207 -8.11 -11.12 -18.43
CA GLU A 207 -7.85 -10.41 -17.18
C GLU A 207 -6.40 -9.90 -17.12
N GLN A 208 -5.47 -10.77 -17.49
CA GLN A 208 -4.05 -10.41 -17.55
C GLN A 208 -3.83 -9.22 -18.49
N PHE A 209 -4.41 -9.29 -19.69
CA PHE A 209 -4.23 -8.24 -20.69
C PHE A 209 -5.01 -6.94 -20.44
N ASP A 210 -6.17 -7.05 -19.78
CA ASP A 210 -6.97 -5.85 -19.48
C ASP A 210 -6.35 -4.99 -18.38
N THR A 211 -5.62 -5.63 -17.47
CA THR A 211 -4.97 -4.93 -16.37
C THR A 211 -3.66 -4.26 -16.79
N GLY A 212 -3.10 -4.70 -17.92
CA GLY A 212 -1.84 -4.16 -18.43
C GLY A 212 -1.99 -3.36 -19.72
N MET A 213 -0.92 -2.66 -20.09
CA MET A 213 -0.85 -1.91 -21.35
C MET A 213 0.09 -2.58 -22.34
N THR A 214 -0.32 -2.67 -23.59
CA THR A 214 0.60 -3.06 -24.65
C THR A 214 1.62 -1.92 -24.85
N LEU A 215 2.72 -2.22 -25.53
CA LEU A 215 3.75 -1.22 -25.82
C LEU A 215 3.18 0.01 -26.55
N THR A 216 2.46 -0.23 -27.64
CA THR A 216 1.87 0.85 -28.44
C THR A 216 0.94 1.70 -27.57
N GLU A 217 0.14 1.02 -26.75
CA GLU A 217 -0.80 1.65 -25.84
C GLU A 217 -0.08 2.57 -24.83
N ALA A 218 1.00 2.06 -24.22
CA ALA A 218 1.75 2.82 -23.22
C ALA A 218 2.51 3.99 -23.84
N VAL A 219 3.19 3.72 -24.95
CA VAL A 219 4.07 4.70 -25.58
C VAL A 219 3.28 5.84 -26.23
N SER A 220 2.21 5.51 -26.95
CA SER A 220 1.45 6.52 -27.68
C SER A 220 0.79 7.55 -26.75
N SER A 221 0.20 7.07 -25.64
CA SER A 221 -0.36 7.97 -24.64
C SER A 221 0.74 8.79 -23.94
N LEU A 222 1.89 8.16 -23.71
CA LEU A 222 3.05 8.85 -23.15
C LEU A 222 3.56 9.93 -24.10
N ALA A 223 3.73 9.56 -25.37
CA ALA A 223 4.21 10.48 -26.42
C ALA A 223 3.28 11.68 -26.63
N GLN A 224 1.98 11.42 -26.57
CA GLN A 224 0.96 12.46 -26.66
C GLN A 224 1.15 13.53 -25.57
N LYS A 225 1.37 13.08 -24.34
CA LYS A 225 1.67 13.98 -23.21
C LYS A 225 2.95 14.79 -23.43
N ILE A 226 4.03 14.09 -23.75
CA ILE A 226 5.33 14.75 -23.97
C ILE A 226 5.21 15.88 -24.97
N GLU A 227 4.65 15.60 -26.15
CA GLU A 227 4.48 16.61 -27.20
C GLU A 227 3.59 17.76 -26.75
N SER A 228 2.55 17.43 -25.99
CA SER A 228 1.68 18.43 -25.39
C SER A 228 2.46 19.36 -24.45
N TYR A 229 3.28 18.79 -23.55
CA TYR A 229 4.03 19.58 -22.59
C TYR A 229 5.18 20.37 -23.23
N TRP A 230 5.76 19.81 -24.28
CA TRP A 230 6.76 20.53 -25.08
C TRP A 230 6.15 21.81 -25.67
N GLY A 231 4.84 21.79 -25.93
CA GLY A 231 4.07 22.99 -26.20
C GLY A 231 4.40 23.68 -27.52
N LEU A 232 4.90 22.90 -28.48
CA LEU A 232 5.26 23.42 -29.79
C LEU A 232 4.24 22.97 -30.85
N SER A 233 4.40 23.45 -32.07
CA SER A 233 3.51 23.07 -33.16
C SER A 233 4.29 22.34 -34.25
N ARG A 234 3.66 21.29 -34.80
CA ARG A 234 4.24 20.53 -35.89
C ARG A 234 4.28 21.35 -37.18
N ASN A 235 5.42 21.28 -37.86
CA ASN A 235 5.56 21.81 -39.21
C ASN A 235 4.84 20.86 -40.16
N PRO A 236 3.84 21.36 -40.92
CA PRO A 236 3.13 20.51 -41.90
C PRO A 236 4.03 19.99 -43.03
N ASN A 237 5.16 20.66 -43.25
CA ASN A 237 6.09 20.29 -44.32
C ASN A 237 7.26 19.43 -43.83
N ALA A 238 7.16 18.93 -42.60
CA ALA A 238 8.20 18.07 -42.03
C ALA A 238 7.77 16.59 -42.05
N PRO A 239 8.72 15.67 -42.29
CA PRO A 239 8.41 14.24 -42.30
C PRO A 239 7.92 13.71 -40.94
N LEU A 240 6.88 12.87 -41.00
CA LEU A 240 6.27 12.28 -39.79
C LEU A 240 7.25 11.40 -39.00
N GLY A 241 8.27 10.89 -39.70
CA GLY A 241 9.39 10.19 -39.07
C GLY A 241 10.04 10.96 -37.93
N TYR A 242 9.95 12.29 -37.97
CA TYR A 242 10.48 13.14 -36.90
C TYR A 242 9.42 13.89 -36.08
N THR A 243 8.34 14.35 -36.72
CA THR A 243 7.30 15.09 -35.98
C THR A 243 6.59 14.18 -34.97
N LYS A 244 6.45 12.92 -35.35
CA LYS A 244 5.83 11.90 -34.50
C LYS A 244 6.94 11.05 -33.85
N GLY A 245 8.09 10.95 -34.53
CA GLY A 245 9.18 10.10 -34.09
C GLY A 245 10.00 10.56 -32.90
N ILE A 246 10.23 11.86 -32.79
CA ILE A 246 11.05 12.39 -31.68
C ILE A 246 10.34 12.23 -30.32
N PRO A 247 9.05 12.67 -30.21
CA PRO A 247 8.32 12.49 -28.94
C PRO A 247 8.10 11.01 -28.59
N THR A 248 7.93 10.17 -29.60
CA THR A 248 7.78 8.74 -29.39
C THR A 248 9.09 8.14 -28.87
N ALA A 249 10.21 8.57 -29.46
CA ALA A 249 11.55 8.16 -29.00
C ALA A 249 11.76 8.52 -27.53
N MET A 250 11.37 9.74 -27.16
CA MET A 250 11.40 10.20 -25.79
C MET A 250 10.49 9.39 -24.89
N ALA A 251 9.27 9.13 -25.36
CA ALA A 251 8.30 8.32 -24.62
C ALA A 251 8.85 6.94 -24.34
N ALA A 252 9.50 6.34 -25.35
CA ALA A 252 10.09 5.01 -25.19
C ALA A 252 11.20 4.97 -24.15
N GLU A 253 12.04 6.00 -24.11
CA GLU A 253 13.11 6.09 -23.11
C GLU A 253 12.57 6.31 -21.70
N ILE A 254 11.48 7.08 -21.59
CA ILE A 254 10.81 7.32 -20.32
C ILE A 254 10.12 6.06 -19.76
N LEU A 255 9.51 5.28 -20.65
CA LEU A 255 8.97 3.98 -20.26
C LEU A 255 10.07 3.05 -19.73
N ALA A 256 11.20 3.00 -20.43
CA ALA A 256 12.37 2.20 -20.04
C ALA A 256 12.97 2.64 -18.69
N ALA A 257 13.05 3.95 -18.49
CA ALA A 257 13.45 4.54 -17.22
C ALA A 257 12.46 4.19 -16.08
N PHE A 258 11.16 4.24 -16.38
CA PHE A 258 10.11 3.82 -15.42
C PHE A 258 10.18 2.32 -15.04
N VAL A 259 10.66 1.48 -15.94
CA VAL A 259 10.88 0.05 -15.68
C VAL A 259 12.09 -0.14 -14.76
N GLU A 260 13.18 0.57 -15.04
CA GLU A 260 14.33 0.62 -14.15
C GLU A 260 13.98 1.09 -12.73
N SER A 261 13.08 2.07 -12.64
CA SER A 261 12.70 2.65 -11.35
C SER A 261 11.60 1.87 -10.61
N THR A 262 11.06 0.83 -11.25
CA THR A 262 9.95 0.01 -10.73
C THR A 262 8.61 0.77 -10.59
N ASP A 263 8.49 1.91 -11.28
CA ASP A 263 7.21 2.60 -11.42
C ASP A 263 6.29 1.88 -12.39
N VAL A 264 6.90 1.15 -13.33
CA VAL A 264 6.20 0.33 -14.32
C VAL A 264 6.82 -1.07 -14.28
N VAL A 265 5.98 -2.10 -14.38
CA VAL A 265 6.43 -3.47 -14.51
C VAL A 265 6.24 -3.96 -15.94
N GLU A 266 7.31 -4.52 -16.51
CA GLU A 266 7.27 -5.14 -17.85
C GLU A 266 7.11 -6.65 -17.75
N ASN A 267 6.12 -7.18 -18.46
CA ASN A 267 5.87 -8.62 -18.55
C ASN A 267 5.77 -9.01 -20.02
N ILE A 268 6.76 -9.78 -20.48
CA ILE A 268 6.76 -10.32 -21.84
C ILE A 268 6.03 -11.65 -21.81
N VAL A 269 4.82 -11.68 -22.39
CA VAL A 269 3.96 -12.86 -22.34
C VAL A 269 4.22 -13.78 -23.54
N ASP A 270 4.59 -15.01 -23.24
CA ASP A 270 4.92 -16.02 -24.26
C ASP A 270 3.67 -16.74 -24.74
N MET A 271 3.28 -16.51 -26.00
CA MET A 271 2.06 -17.10 -26.55
C MET A 271 2.16 -18.61 -26.80
N SER A 272 3.39 -19.11 -26.99
CA SER A 272 3.63 -20.53 -27.22
C SER A 272 3.37 -21.39 -25.98
N GLU A 273 3.36 -20.77 -24.80
CA GLU A 273 2.91 -21.41 -23.58
C GLU A 273 1.43 -21.80 -23.68
N ILE A 274 0.65 -20.93 -24.32
CA ILE A 274 -0.76 -21.18 -24.60
C ILE A 274 -0.88 -22.03 -25.86
N ASP A 275 -0.69 -21.39 -27.02
CA ASP A 275 -0.79 -22.06 -28.31
C ASP A 275 0.61 -22.28 -28.87
N PRO A 276 1.07 -23.55 -28.91
CA PRO A 276 2.44 -23.91 -29.30
C PRO A 276 2.88 -23.43 -30.70
N ASP A 277 1.92 -23.20 -31.60
CA ASP A 277 2.24 -22.69 -32.94
C ASP A 277 2.19 -21.16 -33.05
N ASN A 278 1.95 -20.49 -31.92
CA ASN A 278 2.00 -19.04 -31.83
C ASN A 278 3.39 -18.60 -31.37
N LYS A 279 4.08 -17.84 -32.21
CA LYS A 279 5.47 -17.44 -31.94
C LYS A 279 5.57 -16.09 -31.25
N LYS A 280 4.42 -15.44 -31.04
CA LYS A 280 4.37 -14.09 -30.51
C LYS A 280 4.82 -14.02 -29.05
N THR A 281 5.67 -13.04 -28.76
CA THR A 281 5.98 -12.66 -27.38
C THR A 281 5.54 -11.20 -27.24
N ILE A 282 4.67 -10.94 -26.26
CA ILE A 282 4.00 -9.64 -26.17
C ILE A 282 4.25 -8.94 -24.84
N GLY A 283 4.74 -7.71 -24.93
CA GLY A 283 5.02 -6.90 -23.75
C GLY A 283 3.77 -6.31 -23.15
N LEU A 284 3.71 -6.37 -21.82
CA LEU A 284 2.59 -5.86 -21.04
C LEU A 284 3.17 -4.99 -19.94
N TYR A 285 2.68 -3.75 -19.87
CA TYR A 285 3.21 -2.76 -18.93
C TYR A 285 2.13 -2.34 -17.94
N THR A 286 2.41 -2.58 -16.67
CA THR A 286 1.51 -2.18 -15.61
C THR A 286 2.18 -1.15 -14.71
N ILE A 287 1.48 -0.04 -14.49
CA ILE A 287 1.93 1.01 -13.61
C ILE A 287 1.75 0.59 -12.15
N THR A 288 2.78 0.79 -11.34
CA THR A 288 2.69 0.50 -9.91
C THR A 288 1.68 1.46 -9.27
N GLU A 289 0.67 0.88 -8.64
CA GLU A 289 -0.40 1.64 -8.01
C GLU A 289 0.05 2.35 -6.74
N LEU A 290 -0.37 3.60 -6.59
CA LEU A 290 -0.18 4.32 -5.34
C LEU A 290 -1.21 3.83 -4.34
N ASP A 291 -0.95 4.05 -3.06
CA ASP A 291 -1.91 3.74 -1.98
C ASP A 291 -3.22 4.46 -2.25
N SER A 292 -4.34 3.80 -1.96
CA SER A 292 -5.66 4.44 -2.10
C SER A 292 -5.79 5.69 -1.22
N PHE A 293 -5.11 5.65 -0.07
CA PHE A 293 -5.11 6.78 0.88
C PHE A 293 -3.95 7.78 0.66
N ASP A 294 -3.25 7.65 -0.45
CA ASP A 294 -2.18 8.58 -0.81
C ASP A 294 -2.82 9.93 -1.13
N PRO A 295 -2.43 11.01 -0.41
CA PRO A 295 -3.02 12.34 -0.59
C PRO A 295 -3.01 12.84 -2.05
N ILE A 296 -2.06 12.36 -2.83
CA ILE A 296 -1.94 12.75 -4.23
C ILE A 296 -3.16 12.36 -5.09
N ASN A 297 -3.88 11.31 -4.66
CA ASN A 297 -5.14 10.88 -5.31
C ASN A 297 -6.25 11.93 -5.27
N SER A 298 -6.26 12.74 -4.21
CA SER A 298 -7.27 13.78 -4.03
C SER A 298 -7.07 14.95 -4.99
N PHE A 299 -5.90 15.02 -5.62
CA PHE A 299 -5.56 16.03 -6.63
C PHE A 299 -4.40 15.55 -7.50
N PRO A 300 -4.68 14.62 -8.44
CA PRO A 300 -3.65 13.96 -9.24
C PRO A 300 -3.22 14.72 -10.50
N THR A 301 -3.73 15.94 -10.70
CA THR A 301 -3.47 16.70 -11.93
C THR A 301 -2.80 18.07 -11.73
N ALA A 302 -2.19 18.30 -10.57
CA ALA A 302 -1.52 19.58 -10.29
C ALA A 302 -0.45 19.95 -11.33
N ILE A 303 0.30 18.96 -11.80
CA ILE A 303 1.30 19.17 -12.84
C ILE A 303 0.65 19.61 -14.15
N GLU A 304 -0.35 18.85 -14.59
CA GLU A 304 -1.07 19.12 -15.83
C GLU A 304 -1.56 20.56 -15.87
N GLU A 305 -2.16 21.00 -14.76
CA GLU A 305 -2.80 22.30 -14.67
C GLU A 305 -1.78 23.43 -14.46
N ALA A 306 -0.57 23.08 -14.02
CA ALA A 306 0.53 24.04 -13.88
C ALA A 306 1.34 24.22 -15.16
N VAL A 307 1.43 23.15 -15.96
CA VAL A 307 2.24 23.16 -17.19
C VAL A 307 1.46 23.68 -18.39
N LEU A 308 0.24 23.17 -18.58
CA LEU A 308 -0.58 23.51 -19.75
C LEU A 308 -1.47 24.70 -19.50
N VAL A 309 -1.59 25.57 -20.51
CA VAL A 309 -2.45 26.74 -20.46
C VAL A 309 -3.91 26.28 -20.47
N ASN A 310 -4.20 25.24 -21.25
CA ASN A 310 -5.52 24.63 -21.28
C ASN A 310 -5.42 23.12 -21.01
N PRO A 311 -5.47 22.74 -19.72
CA PRO A 311 -5.28 21.35 -19.30
C PRO A 311 -6.38 20.44 -19.85
N THR A 312 -6.01 19.20 -20.14
CA THR A 312 -6.96 18.19 -20.59
C THR A 312 -7.52 17.48 -19.37
N GLU A 313 -6.60 17.02 -18.53
CA GLU A 313 -6.93 16.22 -17.36
C GLU A 313 -7.24 17.11 -16.18
N LYS A 314 -8.52 17.15 -15.83
CA LYS A 314 -9.02 17.91 -14.67
C LYS A 314 -10.48 17.54 -14.42
N MET A 315 -10.95 17.86 -13.22
CA MET A 315 -12.36 17.81 -12.93
C MET A 315 -12.98 19.19 -13.18
N PHE A 316 -14.26 19.20 -13.53
CA PHE A 316 -14.99 20.45 -13.76
C PHE A 316 -15.99 20.70 -12.64
N PHE A 317 -15.67 21.69 -11.81
CA PHE A 317 -16.50 22.05 -10.66
C PHE A 317 -17.23 23.35 -10.89
N GLY A 318 -18.43 23.45 -10.31
CA GLY A 318 -19.21 24.69 -10.32
C GLY A 318 -19.53 25.19 -11.71
N ASP A 319 -19.11 26.40 -12.01
CA ASP A 319 -19.41 27.00 -13.31
C ASP A 319 -18.28 26.79 -14.33
N ASP A 320 -17.29 25.98 -13.95
CA ASP A 320 -16.20 25.57 -14.83
C ASP A 320 -16.71 24.44 -15.74
N ILE A 321 -17.01 24.77 -16.99
CA ILE A 321 -17.62 23.80 -17.90
C ILE A 321 -16.66 23.33 -18.99
N PRO A 322 -16.81 22.06 -19.43
CA PRO A 322 -15.94 21.55 -20.50
C PRO A 322 -16.20 22.27 -21.83
N PRO A 323 -15.14 22.46 -22.64
CA PRO A 323 -15.33 22.99 -23.99
C PRO A 323 -15.98 21.94 -24.89
N VAL A 324 -16.52 22.39 -26.02
CA VAL A 324 -17.18 21.49 -26.98
C VAL A 324 -16.19 21.01 -28.06
N ALA A 325 -15.98 19.69 -28.09
CA ALA A 325 -15.09 19.05 -29.05
C ALA A 325 -15.51 19.31 -30.50
N ASN A 326 -14.55 19.71 -31.32
CA ASN A 326 -14.77 19.99 -32.74
C ASN A 326 -14.83 18.73 -33.62
N THR A 327 -14.11 17.69 -33.22
CA THR A 327 -14.06 16.47 -34.05
C THR A 327 -14.47 15.20 -33.31
N GLN A 328 -14.88 14.23 -34.09
CA GLN A 328 -15.30 12.92 -33.60
C GLN A 328 -14.16 12.22 -32.87
N LEU A 329 -14.50 11.49 -31.81
CA LEU A 329 -13.48 10.79 -31.02
C LEU A 329 -12.63 9.88 -31.92
N ARG A 330 -11.32 10.11 -31.88
CA ARG A 330 -10.28 9.43 -32.70
C ARG A 330 -10.49 9.46 -34.21
N ASN A 331 -11.35 10.36 -34.69
CA ASN A 331 -11.54 10.60 -36.13
C ASN A 331 -11.31 12.07 -36.50
N PRO A 332 -10.03 12.52 -36.54
CA PRO A 332 -9.71 13.93 -36.82
C PRO A 332 -10.27 14.47 -38.14
N ALA A 333 -10.60 13.59 -39.08
CA ALA A 333 -11.19 13.99 -40.36
C ALA A 333 -12.70 14.23 -40.29
N VAL A 334 -13.35 13.79 -39.21
CA VAL A 334 -14.78 13.95 -39.08
C VAL A 334 -15.09 15.01 -38.04
N ARG A 335 -15.65 16.12 -38.50
CA ARG A 335 -16.06 17.18 -37.60
C ARG A 335 -17.45 16.87 -37.08
N ASN A 336 -17.64 17.10 -35.78
CA ASN A 336 -18.97 17.03 -35.18
C ASN A 336 -19.86 18.08 -35.86
N THR A 337 -21.06 17.66 -36.28
CA THR A 337 -22.02 18.53 -36.94
C THR A 337 -22.52 19.61 -35.96
N PRO A 338 -23.10 20.71 -36.48
CA PRO A 338 -23.72 21.67 -35.57
C PRO A 338 -24.77 21.04 -34.64
N GLU A 339 -25.54 20.07 -35.11
CA GLU A 339 -26.54 19.44 -34.25
C GLU A 339 -25.89 18.57 -33.15
N GLN A 340 -24.81 17.87 -33.50
CA GLN A 340 -24.06 17.07 -32.54
C GLN A 340 -23.40 17.94 -31.47
N LYS A 341 -22.85 19.09 -31.89
CA LYS A 341 -22.21 20.03 -30.98
C LYS A 341 -23.19 20.61 -29.95
N ALA A 342 -24.41 20.91 -30.40
CA ALA A 342 -25.48 21.37 -29.53
C ALA A 342 -25.84 20.31 -28.49
N ALA A 343 -25.92 19.06 -28.93
CA ALA A 343 -26.14 17.92 -28.03
C ALA A 343 -25.05 17.81 -26.96
N LEU A 344 -23.80 17.96 -27.39
CA LEU A 344 -22.64 17.90 -26.50
C LEU A 344 -22.64 19.01 -25.44
N LYS A 345 -22.90 20.25 -25.88
CA LYS A 345 -23.06 21.42 -25.00
C LYS A 345 -24.15 21.20 -23.96
N ALA A 346 -25.31 20.69 -24.38
CA ALA A 346 -26.43 20.39 -23.47
C ALA A 346 -26.08 19.37 -22.37
N GLU A 347 -25.34 18.33 -22.74
CA GLU A 347 -24.99 17.26 -21.79
C GLU A 347 -23.88 17.69 -20.83
N GLN A 348 -22.94 18.46 -21.36
CA GLN A 348 -21.88 19.06 -20.54
C GLN A 348 -22.37 20.17 -19.60
N ALA A 349 -23.54 20.74 -19.90
CA ALA A 349 -24.16 21.75 -19.04
C ALA A 349 -24.75 21.14 -17.76
N THR A 350 -25.14 19.88 -17.83
CA THR A 350 -25.80 19.20 -16.72
C THR A 350 -24.93 19.18 -15.46
N GLU A 351 -25.52 19.58 -14.34
CA GLU A 351 -24.86 19.53 -13.04
C GLU A 351 -25.10 18.19 -12.34
N PHE A 352 -24.01 17.58 -11.89
CA PHE A 352 -24.05 16.33 -11.15
C PHE A 352 -23.68 16.63 -9.70
N TYR A 353 -24.26 15.89 -8.75
CA TYR A 353 -24.02 16.10 -7.32
C TYR A 353 -23.80 14.81 -6.56
N VAL A 354 -22.87 14.85 -5.61
CA VAL A 354 -22.66 13.78 -4.66
C VAL A 354 -23.92 13.55 -3.81
N HIS A 355 -24.36 12.31 -3.73
CA HIS A 355 -25.42 11.92 -2.83
C HIS A 355 -24.76 11.36 -1.57
N THR A 356 -24.68 12.22 -0.56
CA THR A 356 -23.95 11.96 0.68
C THR A 356 -24.31 10.64 1.40
N PRO A 357 -25.62 10.32 1.51
CA PRO A 357 -25.93 9.06 2.19
C PRO A 357 -25.33 7.80 1.52
N MET A 358 -25.26 7.76 0.19
CA MET A 358 -24.66 6.60 -0.49
C MET A 358 -23.14 6.50 -0.30
N VAL A 359 -22.46 7.65 -0.38
CA VAL A 359 -21.03 7.72 -0.08
C VAL A 359 -20.74 7.29 1.36
N GLN A 360 -21.55 7.77 2.30
CA GLN A 360 -21.44 7.38 3.71
C GLN A 360 -21.69 5.89 3.92
N PHE A 361 -22.65 5.35 3.17
CA PHE A 361 -22.94 3.91 3.20
C PHE A 361 -21.75 3.11 2.65
N TYR A 362 -21.29 3.48 1.46
CA TYR A 362 -20.10 2.86 0.87
C TYR A 362 -18.91 2.87 1.84
N GLU A 363 -18.69 4.01 2.49
CA GLU A 363 -17.57 4.24 3.40
C GLU A 363 -17.67 3.34 4.64
N THR A 364 -18.89 3.23 5.17
CA THR A 364 -19.17 2.48 6.40
C THR A 364 -19.06 0.98 6.18
N LEU A 365 -19.61 0.47 5.07
CA LEU A 365 -19.39 -0.91 4.65
C LEU A 365 -17.89 -1.16 4.47
N GLY A 366 -17.24 -0.25 3.75
CA GLY A 366 -15.80 -0.33 3.54
C GLY A 366 -15.48 -1.13 2.30
N LYS A 367 -14.27 -0.94 1.78
CA LYS A 367 -13.81 -1.59 0.57
C LYS A 367 -13.95 -3.10 0.64
N ASP A 368 -13.42 -3.70 1.72
CA ASP A 368 -13.46 -5.15 1.90
C ASP A 368 -14.87 -5.74 1.84
N ARG A 369 -15.84 -5.07 2.47
CA ARG A 369 -17.23 -5.58 2.49
C ARG A 369 -17.99 -5.36 1.18
N ILE A 370 -17.73 -4.25 0.51
CA ILE A 370 -18.29 -4.03 -0.83
C ILE A 370 -17.74 -5.06 -1.82
N LEU A 371 -16.49 -5.46 -1.65
CA LEU A 371 -15.92 -6.59 -2.39
C LEU A 371 -16.66 -7.89 -2.09
N GLU A 372 -16.94 -8.14 -0.81
CA GLU A 372 -17.67 -9.36 -0.41
C GLU A 372 -19.10 -9.36 -0.97
N LEU A 373 -19.73 -8.20 -0.92
CA LEU A 373 -21.10 -8.04 -1.38
C LEU A 373 -21.19 -8.01 -2.91
N MET A 374 -20.37 -7.18 -3.55
CA MET A 374 -20.51 -6.90 -4.98
C MET A 374 -19.45 -7.57 -5.86
N GLY A 375 -18.41 -8.13 -5.24
CA GLY A 375 -17.39 -8.89 -5.97
C GLY A 375 -17.42 -10.36 -5.57
N ALA A 376 -16.24 -10.89 -5.24
CA ALA A 376 -16.10 -12.29 -4.84
C ALA A 376 -15.45 -12.47 -3.46
N GLY A 377 -15.38 -11.38 -2.69
CA GLY A 377 -14.79 -11.41 -1.35
C GLY A 377 -13.34 -11.83 -1.31
N THR A 378 -12.92 -12.39 -0.16
CA THR A 378 -11.58 -12.94 -0.01
C THR A 378 -11.52 -14.33 -0.62
N LEU A 379 -10.55 -14.53 -1.52
CA LEU A 379 -10.41 -15.80 -2.21
C LEU A 379 -9.30 -16.63 -1.56
N ASN A 380 -9.63 -17.87 -1.21
CA ASN A 380 -8.57 -18.80 -0.84
C ASN A 380 -8.33 -19.84 -1.93
N LYS A 381 -7.10 -19.84 -2.43
CA LYS A 381 -6.70 -20.65 -3.57
C LYS A 381 -6.47 -22.11 -3.21
N GLU A 382 -7.51 -22.75 -2.67
CA GLU A 382 -7.55 -24.20 -2.48
C GLU A 382 -8.98 -24.73 -2.30
N LEU A 383 -9.94 -23.81 -2.30
CA LEU A 383 -11.36 -24.17 -2.42
C LEU A 383 -11.92 -23.64 -3.73
N LEU A 384 -11.02 -23.16 -4.58
CA LEU A 384 -11.36 -22.56 -5.87
C LEU A 384 -10.69 -23.28 -7.03
N ASN A 385 -11.48 -23.57 -8.06
CA ASN A 385 -10.94 -24.04 -9.34
C ASN A 385 -10.05 -22.96 -9.91
N ASP A 386 -8.88 -23.36 -10.39
CA ASP A 386 -7.88 -22.43 -10.95
C ASP A 386 -8.46 -21.43 -11.95
N ASN A 387 -9.27 -21.92 -12.88
CA ASN A 387 -9.91 -21.07 -13.89
C ASN A 387 -10.98 -20.16 -13.31
N HIS A 388 -11.78 -20.70 -12.39
CA HIS A 388 -12.82 -19.93 -11.70
C HIS A 388 -12.20 -18.83 -10.85
N ALA A 389 -11.08 -19.14 -10.20
CA ALA A 389 -10.33 -18.19 -9.38
C ALA A 389 -9.89 -16.96 -10.16
N LYS A 390 -9.61 -17.14 -11.45
CA LYS A 390 -9.12 -16.05 -12.31
C LYS A 390 -10.24 -15.14 -12.78
N SER A 391 -11.43 -15.68 -12.97
CA SER A 391 -12.62 -14.87 -13.25
C SER A 391 -12.99 -14.03 -12.02
N LEU A 392 -12.89 -14.64 -10.84
CA LEU A 392 -13.22 -13.95 -9.58
C LEU A 392 -12.24 -12.83 -9.24
N GLU A 393 -10.97 -13.02 -9.62
CA GLU A 393 -9.94 -11.98 -9.53
C GLU A 393 -10.27 -10.77 -10.39
N GLY A 394 -10.90 -11.02 -11.53
CA GLY A 394 -11.33 -9.97 -12.45
C GLY A 394 -12.52 -9.20 -11.92
N LYS A 395 -13.46 -9.92 -11.31
CA LYS A 395 -14.64 -9.32 -10.69
C LYS A 395 -14.25 -8.41 -9.52
N ASN A 396 -13.32 -8.86 -8.68
CA ASN A 396 -12.80 -8.05 -7.57
C ASN A 396 -12.06 -6.80 -8.03
N ARG A 397 -11.25 -6.95 -9.08
CA ARG A 397 -10.44 -5.86 -9.61
C ARG A 397 -11.30 -4.67 -10.05
N SER A 398 -12.34 -4.97 -10.83
CA SER A 398 -13.23 -3.95 -11.39
C SER A 398 -14.00 -3.17 -10.31
N VAL A 399 -14.51 -3.89 -9.31
CA VAL A 399 -15.22 -3.27 -8.18
C VAL A 399 -14.26 -2.43 -7.33
N GLU A 400 -13.07 -2.98 -7.07
CA GLU A 400 -12.05 -2.28 -6.28
C GLU A 400 -11.58 -0.99 -6.94
N ASP A 401 -11.23 -1.05 -8.22
CA ASP A 401 -10.78 0.14 -8.95
C ASP A 401 -11.86 1.22 -8.99
N SER A 402 -13.11 0.79 -9.13
CA SER A 402 -14.27 1.69 -9.17
C SER A 402 -14.52 2.38 -7.82
N TYR A 403 -14.27 1.65 -6.74
CA TYR A 403 -14.39 2.16 -5.37
C TYR A 403 -13.32 3.21 -5.08
N ASN A 404 -12.07 2.87 -5.36
CA ASN A 404 -10.95 3.77 -5.12
C ASN A 404 -11.07 5.05 -5.92
N GLN A 405 -11.51 4.89 -7.17
CA GLN A 405 -11.70 6.03 -8.05
C GLN A 405 -12.84 6.94 -7.60
N LEU A 406 -13.90 6.35 -7.03
CA LEU A 406 -14.97 7.14 -6.45
C LEU A 406 -14.48 7.97 -5.27
N PHE A 407 -13.73 7.35 -4.35
CA PHE A 407 -13.32 8.06 -3.14
C PHE A 407 -12.20 9.08 -3.35
N SER A 408 -11.43 8.90 -4.41
CA SER A 408 -10.46 9.91 -4.87
C SER A 408 -11.19 11.16 -5.37
N VAL A 409 -12.26 10.94 -6.14
CA VAL A 409 -13.11 12.03 -6.61
C VAL A 409 -13.79 12.71 -5.41
N ILE A 410 -14.26 11.91 -4.45
CA ILE A 410 -14.90 12.44 -3.23
C ILE A 410 -13.93 13.32 -2.40
N GLU A 411 -12.67 12.93 -2.32
CA GLU A 411 -11.68 13.75 -1.61
C GLU A 411 -11.56 15.13 -2.27
N GLN A 412 -11.44 15.16 -3.59
CA GLN A 412 -11.34 16.43 -4.33
C GLN A 412 -12.61 17.27 -4.18
N VAL A 413 -13.77 16.64 -4.37
CA VAL A 413 -15.06 17.33 -4.20
C VAL A 413 -15.16 17.94 -2.80
N ARG A 414 -14.76 17.17 -1.79
CA ARG A 414 -14.87 17.58 -0.38
C ARG A 414 -14.07 18.84 -0.03
N ALA A 415 -13.02 19.11 -0.79
CA ALA A 415 -12.16 20.29 -0.57
C ALA A 415 -12.79 21.57 -1.10
N GLN A 416 -13.71 21.44 -2.06
CA GLN A 416 -14.36 22.57 -2.73
C GLN A 416 -15.37 23.32 -1.85
N SER A 417 -15.87 22.63 -0.83
CA SER A 417 -16.94 23.15 0.04
C SER A 417 -16.99 22.41 1.37
N GLU A 418 -17.83 22.88 2.29
CA GLU A 418 -18.10 22.16 3.55
C GLU A 418 -19.25 21.15 3.36
N ASP A 419 -20.21 21.49 2.51
CA ASP A 419 -21.27 20.56 2.11
C ASP A 419 -21.04 20.03 0.68
N ILE A 420 -20.62 18.78 0.59
CA ILE A 420 -20.25 18.14 -0.67
C ILE A 420 -21.41 17.99 -1.65
N SER A 421 -22.65 17.92 -1.12
CA SER A 421 -23.82 17.71 -1.94
C SER A 421 -24.29 18.96 -2.70
N THR A 422 -23.59 20.08 -2.51
CA THR A 422 -23.92 21.32 -3.20
C THR A 422 -22.80 21.77 -4.13
N VAL A 423 -21.76 20.95 -4.29
CA VAL A 423 -20.74 21.19 -5.30
C VAL A 423 -21.20 20.63 -6.65
N PRO A 424 -21.42 21.51 -7.64
CA PRO A 424 -21.79 21.01 -8.97
C PRO A 424 -20.60 20.36 -9.69
N ILE A 425 -20.85 19.20 -10.31
CA ILE A 425 -19.83 18.52 -11.12
C ILE A 425 -20.29 18.43 -12.58
N HIS A 426 -19.40 18.82 -13.49
CA HIS A 426 -19.66 18.70 -14.92
C HIS A 426 -18.73 17.65 -15.53
N TYR A 427 -19.20 17.00 -16.59
CA TYR A 427 -18.40 16.01 -17.29
C TYR A 427 -18.24 16.34 -18.78
N ALA A 428 -17.04 16.11 -19.29
CA ALA A 428 -16.78 16.18 -20.73
C ALA A 428 -17.38 14.97 -21.46
N TYR A 429 -17.85 15.23 -22.67
CA TYR A 429 -18.36 14.21 -23.58
C TYR A 429 -17.72 14.41 -24.97
N ASN A 430 -17.74 13.35 -25.78
CA ASN A 430 -17.47 13.47 -27.21
C ASN A 430 -18.34 12.50 -28.00
N MET A 431 -18.50 12.78 -29.29
CA MET A 431 -19.22 11.88 -30.16
C MET A 431 -18.28 10.80 -30.66
N THR A 432 -18.66 9.54 -30.48
CA THR A 432 -17.89 8.42 -31.02
C THR A 432 -18.21 8.22 -32.52
N ARG A 433 -17.49 7.31 -33.16
CA ARG A 433 -17.68 6.91 -34.57
C ARG A 433 -19.08 6.42 -34.90
N VAL A 434 -19.75 5.86 -33.89
CA VAL A 434 -21.12 5.35 -34.07
C VAL A 434 -22.18 6.33 -33.55
N GLY A 435 -21.79 7.59 -33.35
CA GLY A 435 -22.72 8.65 -32.98
C GLY A 435 -23.23 8.66 -31.55
N ARG A 436 -22.54 7.94 -30.66
CA ARG A 436 -22.90 7.91 -29.24
C ARG A 436 -22.16 8.98 -28.47
N MET A 437 -22.86 9.58 -27.51
CA MET A 437 -22.28 10.59 -26.66
C MET A 437 -21.68 9.90 -25.45
N GLN A 438 -20.38 9.72 -25.51
CA GLN A 438 -19.63 8.98 -24.50
C GLN A 438 -19.07 9.99 -23.50
N MET A 439 -19.32 9.71 -22.22
CA MET A 439 -18.74 10.48 -21.13
C MET A 439 -17.28 10.07 -21.04
N LEU A 440 -16.39 11.07 -21.08
CA LEU A 440 -14.95 10.77 -21.06
C LEU A 440 -14.53 10.25 -19.69
N GLY A 441 -13.63 9.28 -19.70
CA GLY A 441 -13.14 8.67 -18.45
C GLY A 441 -13.78 7.30 -18.29
N LYS A 442 -13.20 6.51 -17.39
CA LYS A 442 -13.59 5.12 -17.23
C LYS A 442 -14.48 4.91 -16.02
N TYR A 443 -14.38 5.84 -15.06
CA TYR A 443 -15.03 5.68 -13.77
C TYR A 443 -15.96 6.85 -13.46
N ASN A 444 -16.84 7.14 -14.40
CA ASN A 444 -17.80 8.23 -14.26
C ASN A 444 -19.22 7.67 -14.10
N PRO A 445 -20.23 8.53 -13.84
CA PRO A 445 -21.60 8.02 -13.73
C PRO A 445 -22.09 7.19 -14.93
N GLN A 446 -21.71 7.57 -16.15
CA GLN A 446 -22.19 6.85 -17.34
C GLN A 446 -21.66 5.42 -17.47
N SER A 447 -20.41 5.20 -17.05
CA SER A 447 -19.72 3.94 -17.31
C SER A 447 -19.61 3.01 -16.10
N ALA A 448 -19.61 3.58 -14.89
CA ALA A 448 -19.46 2.80 -13.66
C ALA A 448 -20.71 2.86 -12.77
N LYS A 449 -21.33 1.69 -12.57
CA LYS A 449 -22.55 1.54 -11.75
C LYS A 449 -22.40 1.97 -10.29
N LEU A 450 -21.23 1.69 -9.71
CA LEU A 450 -20.92 2.12 -8.34
C LEU A 450 -20.94 3.65 -8.23
N VAL A 451 -20.28 4.31 -9.18
CA VAL A 451 -20.23 5.79 -9.24
C VAL A 451 -21.60 6.39 -9.57
N ARG A 452 -22.35 5.71 -10.44
CA ARG A 452 -23.68 6.12 -10.86
C ARG A 452 -24.68 6.27 -9.70
N GLU A 453 -24.45 5.54 -8.61
CA GLU A 453 -25.34 5.67 -7.44
C GLU A 453 -24.86 6.68 -6.40
N ALA A 454 -23.70 7.28 -6.65
CA ALA A 454 -23.11 8.26 -5.74
C ALA A 454 -23.07 9.67 -6.32
N ILE A 455 -22.99 9.75 -7.65
CA ILE A 455 -22.92 11.02 -8.36
C ILE A 455 -24.02 11.10 -9.43
N LEU A 456 -24.98 11.99 -9.22
CA LEU A 456 -26.24 11.99 -9.96
C LEU A 456 -26.69 13.40 -10.40
N PRO A 457 -27.32 13.51 -11.60
CA PRO A 457 -27.90 14.76 -12.05
C PRO A 457 -29.39 14.84 -11.70
N THR A 458 -29.91 13.74 -11.19
CA THR A 458 -31.34 13.58 -10.97
C THR A 458 -31.66 14.09 -9.57
N LYS A 459 -32.70 14.90 -9.48
CA LYS A 459 -33.11 15.51 -8.22
C LYS A 459 -34.58 15.80 -8.26
N ALA A 460 -35.21 15.66 -7.10
CA ALA A 460 -36.63 15.89 -6.97
C ALA A 460 -36.94 16.13 -5.51
N THR A 461 -37.91 17.00 -5.28
CA THR A 461 -38.52 17.17 -3.97
C THR A 461 -39.93 16.62 -4.09
N LEU A 462 -40.25 15.60 -3.29
CA LEU A 462 -41.50 14.90 -3.47
C LEU A 462 -42.42 15.02 -2.27
N ASP A 463 -43.73 15.08 -2.54
CA ASP A 463 -44.73 15.00 -1.49
C ASP A 463 -45.11 13.53 -1.30
N LEU A 464 -44.47 12.90 -0.32
CA LEU A 464 -44.67 11.49 -0.03
C LEU A 464 -45.46 11.28 1.25
N SER A 465 -46.17 12.32 1.68
CA SER A 465 -46.97 12.29 2.91
C SER A 465 -48.24 11.44 2.75
N ASN A 466 -48.60 11.16 1.51
CA ASN A 466 -49.76 10.35 1.18
C ASN A 466 -49.40 9.36 0.07
N GLN A 467 -49.66 8.08 0.32
CA GLN A 467 -49.27 7.03 -0.62
C GLN A 467 -50.15 6.97 -1.87
N ASN A 468 -51.24 7.74 -1.89
CA ASN A 468 -52.08 7.89 -3.07
C ASN A 468 -51.68 9.05 -3.99
N ASN A 469 -50.63 9.78 -3.62
CA ASN A 469 -50.07 10.84 -4.46
C ASN A 469 -49.48 10.27 -5.75
N GLU A 470 -49.38 11.11 -6.78
CA GLU A 470 -48.64 10.75 -7.97
C GLU A 470 -47.13 10.73 -7.70
N ASP A 471 -46.70 11.58 -6.76
CA ASP A 471 -45.31 11.60 -6.29
C ASP A 471 -44.88 10.26 -5.68
N PHE A 472 -45.76 9.67 -4.87
CA PHE A 472 -45.46 8.41 -4.21
C PHE A 472 -45.39 7.25 -5.21
N SER A 473 -46.25 7.31 -6.21
CA SER A 473 -46.28 6.37 -7.33
C SER A 473 -44.96 6.41 -8.14
N ALA A 474 -44.50 7.63 -8.44
CA ALA A 474 -43.21 7.83 -9.11
C ALA A 474 -42.09 7.23 -8.28
N PHE A 475 -42.14 7.50 -6.97
CA PHE A 475 -41.18 6.98 -5.99
C PHE A 475 -41.18 5.45 -6.01
N GLN A 476 -42.37 4.85 -6.01
CA GLN A 476 -42.52 3.41 -6.12
C GLN A 476 -41.94 2.83 -7.41
N LEU A 477 -42.13 3.53 -8.53
CA LEU A 477 -41.62 3.06 -9.82
C LEU A 477 -40.08 3.03 -9.80
N GLY A 478 -39.49 4.09 -9.25
CA GLY A 478 -38.05 4.18 -9.03
C GLY A 478 -37.52 3.04 -8.18
N LEU A 479 -38.22 2.74 -7.08
CA LEU A 479 -37.84 1.65 -6.20
C LEU A 479 -37.98 0.27 -6.87
N ALA A 480 -39.12 0.02 -7.51
CA ALA A 480 -39.40 -1.26 -8.16
C ALA A 480 -38.38 -1.61 -9.24
N GLN A 481 -38.07 -0.63 -10.08
CA GLN A 481 -37.12 -0.84 -11.17
C GLN A 481 -35.71 -1.14 -10.66
N ALA A 482 -35.30 -0.43 -9.60
CA ALA A 482 -34.00 -0.64 -8.96
C ALA A 482 -33.90 -2.01 -8.28
N LEU A 483 -35.04 -2.54 -7.82
CA LEU A 483 -35.08 -3.85 -7.15
C LEU A 483 -35.34 -5.04 -8.10
N ASP A 484 -35.18 -4.80 -9.41
CA ASP A 484 -35.34 -5.84 -10.44
C ASP A 484 -36.78 -6.28 -10.76
N ILE A 485 -37.76 -5.47 -10.38
CA ILE A 485 -39.13 -5.64 -10.86
C ILE A 485 -39.17 -5.12 -12.30
N LYS A 486 -39.64 -5.94 -13.23
CA LYS A 486 -39.67 -5.55 -14.64
C LYS A 486 -40.86 -4.61 -14.90
N VAL A 487 -40.63 -3.32 -14.62
CA VAL A 487 -41.69 -2.31 -14.54
C VAL A 487 -42.39 -2.00 -15.87
N HIS A 488 -41.69 -2.22 -16.98
CA HIS A 488 -42.28 -1.99 -18.30
C HIS A 488 -43.26 -3.09 -18.71
N THR A 489 -43.24 -4.22 -18.01
CA THR A 489 -44.08 -5.37 -18.37
C THR A 489 -45.43 -5.42 -17.63
N MET A 490 -45.65 -4.46 -16.72
CA MET A 490 -46.86 -4.41 -15.91
C MET A 490 -47.30 -2.95 -15.72
N THR A 491 -48.59 -2.72 -15.45
CA THR A 491 -49.10 -1.36 -15.17
C THR A 491 -48.54 -0.85 -13.85
N ARG A 492 -48.60 0.47 -13.65
CA ARG A 492 -48.12 1.10 -12.41
C ARG A 492 -48.77 0.50 -11.16
N GLU A 493 -50.09 0.26 -11.24
CA GLU A 493 -50.90 -0.30 -10.16
C GLU A 493 -50.46 -1.70 -9.74
N VAL A 494 -50.28 -2.58 -10.72
CA VAL A 494 -49.78 -3.93 -10.46
C VAL A 494 -48.34 -3.87 -9.93
N MET A 495 -47.53 -2.99 -10.51
CA MET A 495 -46.16 -2.72 -10.04
C MET A 495 -46.15 -2.39 -8.54
N SER A 496 -47.02 -1.45 -8.16
CA SER A 496 -47.11 -0.96 -6.79
C SER A 496 -47.36 -2.05 -5.74
N ASP A 497 -48.17 -3.03 -6.10
CA ASP A 497 -48.45 -4.15 -5.21
C ASP A 497 -47.27 -5.12 -5.12
N GLU A 498 -46.58 -5.31 -6.24
CA GLU A 498 -45.38 -6.16 -6.29
C GLU A 498 -44.29 -5.61 -5.37
N LEU A 499 -44.09 -4.29 -5.40
CA LEU A 499 -43.08 -3.63 -4.57
C LEU A 499 -43.43 -3.74 -3.09
N THR A 500 -44.70 -3.47 -2.77
CA THR A 500 -45.18 -3.50 -1.39
C THR A 500 -44.95 -4.87 -0.74
N LYS A 501 -45.28 -5.93 -1.47
CA LYS A 501 -45.04 -7.32 -1.04
C LYS A 501 -43.54 -7.56 -0.75
N LEU A 502 -42.69 -7.08 -1.66
CA LEU A 502 -41.24 -7.20 -1.52
C LEU A 502 -40.69 -6.43 -0.31
N LEU A 503 -41.11 -5.17 -0.18
CA LEU A 503 -40.67 -4.31 0.92
C LEU A 503 -41.09 -4.86 2.29
N GLU A 504 -42.30 -5.40 2.35
CA GLU A 504 -42.86 -5.92 3.59
C GLU A 504 -42.50 -7.39 3.85
N GLY A 505 -41.80 -8.00 2.89
CA GLY A 505 -41.43 -9.42 2.98
C GLY A 505 -39.93 -9.64 3.08
N ASN A 506 -39.32 -10.08 1.99
CA ASN A 506 -37.90 -10.39 1.94
C ASN A 506 -36.94 -9.23 2.22
N LEU A 507 -37.32 -8.01 1.85
CA LEU A 507 -36.43 -6.86 2.00
C LEU A 507 -36.52 -6.20 3.37
N LYS A 508 -37.56 -6.54 4.13
CA LYS A 508 -37.85 -5.97 5.44
C LYS A 508 -36.65 -5.97 6.42
N PRO A 509 -35.96 -7.11 6.58
CA PRO A 509 -34.80 -7.10 7.47
C PRO A 509 -33.63 -6.23 6.97
N ALA A 510 -33.48 -6.10 5.65
CA ALA A 510 -32.50 -5.19 5.09
C ALA A 510 -32.94 -3.75 5.31
N ILE A 511 -34.24 -3.49 5.17
CA ILE A 511 -34.81 -2.16 5.39
C ILE A 511 -34.63 -1.68 6.85
N ASP A 512 -34.89 -2.57 7.81
CA ASP A 512 -34.70 -2.28 9.24
C ASP A 512 -33.26 -1.90 9.57
N MET A 513 -32.31 -2.59 8.93
CA MET A 513 -30.88 -2.30 9.07
C MET A 513 -30.53 -0.91 8.53
N MET A 514 -31.15 -0.53 7.41
CA MET A 514 -30.88 0.74 6.78
C MET A 514 -31.53 1.89 7.56
N VAL A 515 -32.73 1.63 8.09
CA VAL A 515 -33.38 2.54 9.04
C VAL A 515 -32.40 2.89 10.17
N GLU A 516 -31.83 1.86 10.78
CA GLU A 516 -30.86 2.02 11.86
C GLU A 516 -29.61 2.78 11.42
N PHE A 517 -29.16 2.53 10.19
CA PHE A 517 -28.02 3.27 9.64
C PHE A 517 -28.36 4.74 9.41
N ASN A 518 -29.60 5.00 8.97
CA ASN A 518 -30.08 6.36 8.76
C ASN A 518 -30.48 7.07 10.06
N THR A 519 -30.28 6.37 11.18
CA THR A 519 -30.51 6.94 12.51
C THR A 519 -29.20 7.14 13.27
N THR A 520 -28.39 6.08 13.38
CA THR A 520 -27.16 6.13 14.19
C THR A 520 -25.86 6.24 13.37
N GLY A 521 -25.93 5.89 12.09
CA GLY A 521 -24.75 5.89 11.23
C GLY A 521 -23.98 4.60 11.28
N SER A 522 -24.51 3.59 11.98
CA SER A 522 -23.81 2.32 12.15
C SER A 522 -24.41 1.17 11.34
N LEU A 523 -23.54 0.23 10.99
CA LEU A 523 -23.93 -1.03 10.37
C LEU A 523 -23.51 -2.20 11.26
N PRO A 524 -24.33 -3.25 11.34
CA PRO A 524 -23.95 -4.41 12.14
C PRO A 524 -22.83 -5.21 11.48
N GLU A 525 -22.15 -6.04 12.25
CA GLU A 525 -21.10 -6.92 11.73
C GLU A 525 -21.56 -7.81 10.57
N ASN A 526 -22.84 -8.19 10.58
CA ASN A 526 -23.38 -9.12 9.57
C ASN A 526 -24.13 -8.43 8.41
N ALA A 527 -23.86 -7.14 8.23
CA ALA A 527 -24.47 -6.30 7.20
C ALA A 527 -24.49 -6.93 5.80
N VAL A 528 -23.38 -7.54 5.41
CA VAL A 528 -23.24 -8.20 4.10
C VAL A 528 -24.22 -9.38 3.96
N ASP A 529 -24.25 -10.23 4.98
CA ASP A 529 -25.20 -11.34 5.06
C ASP A 529 -26.66 -10.86 4.95
N VAL A 530 -26.99 -9.80 5.68
CA VAL A 530 -28.34 -9.23 5.70
C VAL A 530 -28.77 -8.79 4.30
N LEU A 531 -27.88 -8.07 3.60
CA LEU A 531 -28.18 -7.58 2.26
C LEU A 531 -28.20 -8.72 1.25
N ASN A 532 -27.23 -9.63 1.35
CA ASN A 532 -27.14 -10.78 0.46
C ASN A 532 -28.39 -11.67 0.53
N THR A 533 -28.87 -11.91 1.75
CA THR A 533 -30.06 -12.73 1.98
C THR A 533 -31.34 -12.06 1.46
N ALA A 534 -31.50 -10.76 1.75
CA ALA A 534 -32.70 -10.02 1.38
C ALA A 534 -32.84 -9.82 -0.13
N LEU A 535 -31.73 -9.46 -0.77
CA LEU A 535 -31.72 -9.12 -2.18
C LEU A 535 -31.68 -10.32 -3.12
N GLY A 536 -30.94 -11.36 -2.75
CA GLY A 536 -30.80 -12.55 -3.61
C GLY A 536 -30.23 -12.16 -4.97
N ASP A 537 -30.93 -12.54 -6.04
CA ASP A 537 -30.50 -12.18 -7.39
C ASP A 537 -30.95 -10.79 -7.84
N ARG A 538 -31.52 -10.03 -6.91
CA ARG A 538 -31.88 -8.63 -7.15
C ARG A 538 -30.70 -7.67 -6.84
N LYS A 539 -29.62 -8.23 -6.30
CA LYS A 539 -28.48 -7.45 -5.85
C LYS A 539 -27.81 -6.69 -7.00
N SER A 540 -27.60 -5.40 -6.78
CA SER A 540 -26.92 -4.50 -7.70
C SER A 540 -26.62 -3.24 -6.90
N PHE A 541 -25.87 -2.30 -7.48
CA PHE A 541 -25.62 -1.02 -6.81
C PHE A 541 -26.88 -0.16 -6.74
N VAL A 542 -27.70 -0.19 -7.79
CA VAL A 542 -28.94 0.60 -7.78
C VAL A 542 -29.98 0.02 -6.79
N ALA A 543 -29.90 -1.28 -6.53
CA ALA A 543 -30.74 -1.91 -5.52
C ALA A 543 -30.39 -1.41 -4.11
N LEU A 544 -29.11 -1.15 -3.86
CA LEU A 544 -28.65 -0.60 -2.59
C LEU A 544 -29.13 0.83 -2.43
N MET A 545 -29.19 1.55 -3.55
CA MET A 545 -29.70 2.91 -3.58
C MET A 545 -31.17 2.97 -3.17
N ALA A 546 -31.96 2.03 -3.69
CA ALA A 546 -33.39 1.93 -3.39
C ALA A 546 -33.66 1.60 -1.91
N LEU A 547 -32.88 0.68 -1.34
CA LEU A 547 -33.00 0.36 0.09
C LEU A 547 -32.60 1.55 0.94
N MET A 548 -31.55 2.26 0.50
CA MET A 548 -31.08 3.47 1.16
C MET A 548 -32.17 4.55 1.13
N GLU A 549 -32.72 4.79 -0.06
CA GLU A 549 -33.74 5.83 -0.26
C GLU A 549 -35.09 5.55 0.41
N TYR A 550 -35.55 4.29 0.35
CA TYR A 550 -36.80 3.94 1.02
C TYR A 550 -36.69 4.06 2.55
N SER A 551 -35.56 3.61 3.10
CA SER A 551 -35.29 3.75 4.54
C SER A 551 -35.11 5.20 5.00
N ARG A 552 -34.55 6.04 4.12
CA ARG A 552 -34.43 7.48 4.36
C ARG A 552 -35.82 8.15 4.46
N TYR A 553 -36.72 7.76 3.57
CA TYR A 553 -38.11 8.26 3.56
C TYR A 553 -38.84 7.86 4.84
N LEU A 554 -38.60 6.64 5.30
CA LEU A 554 -39.23 6.12 6.52
C LEU A 554 -38.85 6.92 7.77
N VAL A 555 -37.62 7.40 7.84
CA VAL A 555 -37.15 8.15 9.00
C VAL A 555 -37.25 9.66 8.79
N ALA A 556 -37.73 10.08 7.62
CA ALA A 556 -37.77 11.48 7.23
C ALA A 556 -38.72 12.30 8.09
N GLU A 557 -38.20 13.41 8.63
CA GLU A 557 -39.01 14.35 9.41
C GLU A 557 -40.16 14.91 8.58
N ASP A 558 -39.83 15.48 7.43
CA ASP A 558 -40.85 16.06 6.56
C ASP A 558 -41.05 15.22 5.29
N LYS A 559 -42.02 14.30 5.33
CA LYS A 559 -42.36 13.44 4.19
C LYS A 559 -43.00 14.22 3.05
N SER A 560 -43.50 15.42 3.38
CA SER A 560 -44.14 16.34 2.46
C SER A 560 -43.17 16.96 1.46
N ALA A 561 -41.89 16.95 1.81
CA ALA A 561 -40.84 17.51 0.97
C ALA A 561 -39.58 16.66 1.08
N PHE A 562 -39.69 15.41 0.64
CA PHE A 562 -38.57 14.48 0.66
C PHE A 562 -37.70 14.67 -0.58
N VAL A 563 -36.41 14.94 -0.36
CA VAL A 563 -35.46 15.24 -1.43
C VAL A 563 -34.63 14.00 -1.74
N THR A 564 -34.70 13.56 -2.99
CA THR A 564 -34.10 12.30 -3.43
C THR A 564 -33.57 12.39 -4.85
N PRO A 565 -32.38 11.79 -5.10
CA PRO A 565 -31.87 11.60 -6.45
C PRO A 565 -32.32 10.29 -7.15
N LEU A 566 -33.12 9.46 -6.46
CA LEU A 566 -33.63 8.24 -7.06
C LEU A 566 -34.24 8.54 -8.44
N TYR A 567 -33.96 7.68 -9.41
CA TYR A 567 -34.39 7.91 -10.77
C TYR A 567 -35.21 6.75 -11.31
N VAL A 568 -35.89 7.00 -12.42
CA VAL A 568 -36.47 5.95 -13.24
C VAL A 568 -35.74 6.01 -14.58
N GLU A 569 -35.32 4.85 -15.07
CA GLU A 569 -34.72 4.75 -16.39
C GLU A 569 -35.77 4.44 -17.46
N ALA A 570 -35.96 5.38 -18.38
CA ALA A 570 -36.72 5.15 -19.60
C ALA A 570 -35.79 4.34 -20.50
N ASP A 571 -36.13 3.08 -20.73
CA ASP A 571 -35.18 2.13 -21.30
C ASP A 571 -35.70 1.49 -22.57
N GLY A 572 -34.87 1.48 -23.60
CA GLY A 572 -35.25 0.93 -24.91
C GLY A 572 -35.56 -0.56 -24.86
N VAL A 573 -36.66 -0.95 -25.48
CA VAL A 573 -37.09 -2.34 -25.47
C VAL A 573 -36.51 -3.01 -26.70
N THR A 574 -35.61 -3.97 -26.48
CA THR A 574 -34.90 -4.67 -27.58
C THR A 574 -34.50 -3.66 -28.67
N ASN A 575 -33.76 -2.64 -28.25
CA ASN A 575 -33.64 -1.37 -28.96
C ASN A 575 -33.02 -1.43 -30.37
N GLY A 576 -31.80 -1.95 -30.47
CA GLY A 576 -31.08 -2.05 -31.75
C GLY A 576 -31.83 -2.83 -32.82
N PRO A 577 -32.23 -4.08 -32.51
CA PRO A 577 -33.07 -4.87 -33.43
C PRO A 577 -34.37 -4.18 -33.87
N ILE A 578 -35.09 -3.55 -32.95
CA ILE A 578 -36.31 -2.82 -33.30
C ILE A 578 -35.98 -1.64 -34.21
N ASN A 579 -34.94 -0.89 -33.84
CA ASN A 579 -34.43 0.20 -34.67
C ASN A 579 -34.11 -0.27 -36.10
N ALA A 580 -33.37 -1.37 -36.19
CA ALA A 580 -33.02 -1.96 -37.48
C ALA A 580 -34.27 -2.34 -38.28
N MET A 581 -35.24 -2.97 -37.62
CA MET A 581 -36.49 -3.37 -38.25
C MET A 581 -37.30 -2.17 -38.76
N MET A 582 -37.33 -1.10 -37.97
CA MET A 582 -37.98 0.14 -38.39
C MET A 582 -37.19 0.91 -39.46
N LEU A 583 -35.88 0.98 -39.29
CA LEU A 583 -35.04 1.84 -40.15
C LEU A 583 -34.68 1.27 -41.52
N MET A 584 -34.61 -0.06 -41.61
CA MET A 584 -34.07 -0.72 -42.81
C MET A 584 -34.96 -1.79 -43.49
N THR A 585 -36.20 -1.98 -43.05
CA THR A 585 -37.13 -2.88 -43.78
C THR A 585 -37.63 -2.10 -45.00
N GLY A 586 -37.51 -2.69 -46.20
CA GLY A 586 -37.68 -1.91 -47.43
C GLY A 586 -38.70 -2.34 -48.47
N GLY A 587 -39.66 -3.17 -48.09
CA GLY A 587 -40.73 -3.59 -49.00
C GLY A 587 -42.12 -3.32 -48.45
N LEU A 588 -43.08 -4.14 -48.86
CA LEU A 588 -44.47 -4.00 -48.40
C LEU A 588 -44.61 -4.49 -46.96
N PHE A 589 -45.66 -4.04 -46.29
CA PHE A 589 -45.93 -4.41 -44.90
C PHE A 589 -46.49 -5.82 -44.82
N THR A 590 -46.04 -6.58 -43.82
CA THR A 590 -46.55 -7.91 -43.55
C THR A 590 -47.20 -7.93 -42.15
N PRO A 591 -48.18 -8.81 -41.94
CA PRO A 591 -48.76 -8.93 -40.60
C PRO A 591 -47.76 -9.38 -39.51
N ASP A 592 -46.78 -10.21 -39.87
CA ASP A 592 -45.76 -10.65 -38.90
C ASP A 592 -44.90 -9.49 -38.43
N TRP A 593 -44.53 -8.61 -39.36
CA TRP A 593 -43.77 -7.40 -39.05
C TRP A 593 -44.55 -6.52 -38.05
N ILE A 594 -45.84 -6.31 -38.34
CA ILE A 594 -46.71 -5.51 -37.45
C ILE A 594 -46.76 -6.07 -36.04
N ARG A 595 -46.92 -7.39 -35.93
CA ARG A 595 -46.94 -8.07 -34.64
C ARG A 595 -45.60 -7.96 -33.92
N ASN A 596 -44.51 -8.17 -34.67
CA ASN A 596 -43.18 -8.19 -34.09
C ASN A 596 -42.65 -6.80 -33.70
N ILE A 597 -43.01 -5.77 -34.45
CA ILE A 597 -42.64 -4.40 -34.12
C ILE A 597 -43.42 -3.83 -32.92
N ALA A 598 -44.60 -4.40 -32.65
CA ALA A 598 -45.38 -4.06 -31.47
C ALA A 598 -44.66 -4.48 -30.19
N LYS A 599 -43.90 -5.57 -30.29
CA LYS A 599 -43.09 -6.06 -29.18
C LYS A 599 -42.03 -5.02 -28.77
N GLY A 600 -41.71 -4.09 -29.68
CA GLY A 600 -40.77 -3.01 -29.41
C GLY A 600 -41.42 -1.65 -29.21
N GLY A 601 -42.74 -1.63 -29.09
CA GLY A 601 -43.46 -0.40 -28.72
C GLY A 601 -43.98 0.48 -29.84
N LEU A 602 -43.98 -0.03 -31.07
CA LEU A 602 -44.69 0.66 -32.14
C LEU A 602 -46.09 0.08 -32.25
N PHE A 603 -47.07 0.83 -31.76
CA PHE A 603 -48.46 0.36 -31.77
C PHE A 603 -49.27 1.05 -32.86
N ILE A 604 -49.92 0.23 -33.68
CA ILE A 604 -50.74 0.74 -34.78
C ILE A 604 -52.22 0.56 -34.46
N GLY A 605 -52.95 1.68 -34.45
CA GLY A 605 -54.40 1.64 -34.22
C GLY A 605 -54.77 1.32 -32.78
N SER A 606 -54.03 1.89 -31.84
CA SER A 606 -54.34 1.75 -30.41
C SER A 606 -53.95 3.04 -29.70
N PRO A 607 -54.81 4.08 -29.81
CA PRO A 607 -54.51 5.37 -29.20
C PRO A 607 -54.13 5.23 -27.72
N ASN A 608 -53.00 5.84 -27.37
CA ASN A 608 -52.52 5.93 -25.99
C ASN A 608 -52.07 4.61 -25.38
N LYS A 609 -51.98 3.56 -26.20
CA LYS A 609 -51.48 2.27 -25.75
C LYS A 609 -50.04 2.40 -25.26
N THR A 610 -49.77 1.78 -24.11
CA THR A 610 -48.45 1.74 -23.51
C THR A 610 -47.82 0.34 -23.59
N MET A 611 -46.51 0.27 -23.34
CA MET A 611 -45.80 -0.99 -23.32
C MET A 611 -46.25 -1.85 -22.15
N ASN A 612 -46.60 -1.20 -21.05
CA ASN A 612 -47.14 -1.86 -19.87
C ASN A 612 -48.45 -2.61 -20.19
N GLU A 613 -49.33 -1.94 -20.94
CA GLU A 613 -50.60 -2.50 -21.38
C GLU A 613 -50.41 -3.62 -22.41
N HIS A 614 -49.49 -3.40 -23.36
CA HIS A 614 -49.16 -4.42 -24.36
C HIS A 614 -48.72 -5.74 -23.73
N ARG A 615 -47.78 -5.67 -22.80
CA ARG A 615 -47.21 -6.84 -22.15
C ARG A 615 -48.17 -7.56 -21.20
N SER A 616 -49.13 -6.82 -20.63
CA SER A 616 -50.05 -7.40 -19.65
C SER A 616 -51.34 -7.97 -20.25
N THR A 617 -51.76 -7.46 -21.40
CA THR A 617 -53.06 -7.82 -21.98
C THR A 617 -53.00 -8.41 -23.40
N ALA A 618 -51.94 -8.13 -24.16
CA ALA A 618 -51.90 -8.48 -25.58
C ALA A 618 -50.88 -9.55 -25.98
N ASP A 619 -49.64 -9.39 -25.49
CA ASP A 619 -48.51 -10.20 -25.95
C ASP A 619 -47.40 -10.11 -24.91
N ASN A 620 -47.19 -11.18 -24.15
CA ASN A 620 -46.17 -11.23 -23.10
C ASN A 620 -44.78 -11.63 -23.59
N ASN A 621 -44.66 -11.92 -24.88
CA ASN A 621 -43.40 -12.33 -25.47
C ASN A 621 -42.74 -11.16 -26.21
N ASP A 622 -41.54 -10.77 -25.76
CA ASP A 622 -40.78 -9.74 -26.48
C ASP A 622 -40.06 -10.34 -27.69
N LEU A 623 -39.19 -9.56 -28.32
CA LEU A 623 -38.55 -9.99 -29.57
C LEU A 623 -37.57 -11.16 -29.35
N TYR A 624 -36.86 -11.14 -28.23
CA TYR A 624 -35.90 -12.21 -27.92
C TYR A 624 -36.61 -13.50 -27.50
N GLN A 625 -37.73 -13.37 -26.79
CA GLN A 625 -38.57 -14.52 -26.49
C GLN A 625 -39.20 -15.07 -27.76
N ALA A 626 -39.66 -14.20 -28.66
CA ALA A 626 -40.20 -14.63 -29.94
C ALA A 626 -39.18 -15.47 -30.71
N SER A 627 -37.95 -14.99 -30.78
CA SER A 627 -36.89 -15.70 -31.54
C SER A 627 -36.53 -17.04 -30.89
N THR A 628 -36.64 -17.10 -29.58
CA THR A 628 -36.43 -18.33 -28.81
C THR A 628 -37.54 -19.35 -29.14
N ASN A 629 -38.77 -18.86 -29.25
CA ASN A 629 -39.89 -19.70 -29.67
C ASN A 629 -39.64 -20.29 -31.06
N ALA A 630 -39.05 -19.48 -31.93
CA ALA A 630 -38.73 -19.90 -33.30
C ALA A 630 -37.58 -20.90 -33.33
N LEU A 631 -36.62 -20.72 -32.43
CA LEU A 631 -35.53 -21.66 -32.24
C LEU A 631 -36.05 -23.05 -31.88
N MET A 632 -37.02 -23.09 -30.96
CA MET A 632 -37.69 -24.33 -30.53
C MET A 632 -38.37 -25.07 -31.69
N GLU A 633 -38.96 -24.31 -32.60
CA GLU A 633 -39.57 -24.85 -33.81
C GLU A 633 -38.52 -25.39 -34.78
N SER A 634 -37.45 -24.63 -34.96
CA SER A 634 -36.38 -24.98 -35.90
C SER A 634 -35.58 -26.18 -35.42
N LEU A 635 -35.48 -26.31 -34.09
CA LEU A 635 -34.84 -27.45 -33.44
C LEU A 635 -35.62 -28.76 -33.68
N GLY A 636 -36.95 -28.66 -33.65
CA GLY A 636 -37.81 -29.80 -33.96
C GLY A 636 -37.63 -30.24 -35.39
N LYS A 637 -37.62 -29.27 -36.31
CA LYS A 637 -37.42 -29.53 -37.73
C LYS A 637 -36.06 -30.19 -38.04
N LEU A 638 -35.02 -29.80 -37.31
CA LEU A 638 -33.72 -30.45 -37.41
C LEU A 638 -33.75 -31.87 -36.83
N ARG A 639 -34.45 -32.04 -35.72
CA ARG A 639 -34.63 -33.36 -35.09
C ARG A 639 -35.34 -34.35 -36.01
N SER A 640 -36.32 -33.87 -36.77
CA SER A 640 -37.15 -34.71 -37.64
C SER A 640 -36.41 -35.15 -38.91
N ASN A 641 -35.45 -34.35 -39.34
CA ASN A 641 -34.63 -34.69 -40.50
C ASN A 641 -33.63 -35.80 -40.20
N TYR A 642 -33.54 -36.16 -38.91
CA TYR A 642 -32.57 -37.16 -38.43
C TYR A 642 -33.20 -38.07 -37.38
N ALA A 643 -34.51 -38.30 -37.49
CA ALA A 643 -35.28 -39.12 -36.54
C ALA A 643 -34.74 -40.53 -36.39
N SER A 644 -34.38 -41.16 -37.51
CA SER A 644 -33.89 -42.53 -37.52
C SER A 644 -32.43 -42.63 -37.08
N ASN A 645 -31.70 -41.52 -37.18
CA ASN A 645 -30.29 -41.48 -36.82
C ASN A 645 -30.07 -41.35 -35.30
N MET A 646 -29.92 -42.48 -34.63
CA MET A 646 -29.76 -42.51 -33.17
C MET A 646 -28.50 -41.81 -32.63
N PRO A 647 -27.33 -42.02 -33.28
CA PRO A 647 -26.15 -41.25 -32.89
C PRO A 647 -26.35 -39.72 -32.94
N ILE A 648 -27.05 -39.23 -33.96
CA ILE A 648 -27.34 -37.80 -34.12
C ILE A 648 -28.33 -37.31 -33.06
N GLN A 649 -29.43 -38.04 -32.87
CA GLN A 649 -30.42 -37.70 -31.84
C GLN A 649 -29.78 -37.68 -30.45
N SER A 650 -28.84 -38.60 -30.24
CA SER A 650 -28.10 -38.69 -28.98
C SER A 650 -27.15 -37.51 -28.76
N GLN A 651 -26.52 -37.03 -29.82
CA GLN A 651 -25.64 -35.85 -29.73
C GLN A 651 -26.42 -34.62 -29.33
N ILE A 652 -27.55 -34.42 -30.01
CA ILE A 652 -28.45 -33.31 -29.71
C ILE A 652 -28.94 -33.35 -28.26
N ASP A 653 -29.39 -34.53 -27.81
CA ASP A 653 -29.83 -34.73 -26.42
C ASP A 653 -28.72 -34.38 -25.44
N SER A 654 -27.49 -34.75 -25.78
CA SER A 654 -26.34 -34.48 -24.95
C SER A 654 -26.00 -32.99 -24.85
N LEU A 655 -26.07 -32.28 -25.97
CA LEU A 655 -25.80 -30.84 -25.96
C LEU A 655 -26.84 -30.12 -25.12
N LEU A 656 -28.10 -30.50 -25.30
CA LEU A 656 -29.20 -29.92 -24.51
C LEU A 656 -29.09 -30.22 -23.03
N SER A 657 -28.69 -31.46 -22.71
CA SER A 657 -28.52 -31.91 -21.33
C SER A 657 -27.48 -31.07 -20.59
N LEU A 658 -26.34 -30.85 -21.24
CA LEU A 658 -25.22 -30.13 -20.64
C LEU A 658 -25.55 -28.66 -20.39
N MET A 659 -26.21 -28.04 -21.37
CA MET A 659 -26.73 -26.68 -21.24
C MET A 659 -27.75 -26.58 -20.10
N ASP A 660 -28.70 -27.52 -20.06
CA ASP A 660 -29.71 -27.58 -18.99
C ASP A 660 -29.08 -27.66 -17.59
N LEU A 661 -27.94 -28.34 -17.51
CA LEU A 661 -27.28 -28.66 -16.26
C LEU A 661 -26.64 -27.44 -15.61
N PHE A 662 -26.24 -26.48 -16.44
CA PHE A 662 -25.41 -25.36 -16.00
C PHE A 662 -25.96 -23.97 -16.33
N LEU A 663 -26.77 -23.86 -17.37
CA LEU A 663 -27.32 -22.55 -17.79
C LEU A 663 -28.76 -22.33 -17.30
N PRO A 664 -29.04 -21.13 -16.74
CA PRO A 664 -30.38 -20.83 -16.22
C PRO A 664 -31.46 -20.70 -17.30
N ASP A 665 -31.07 -20.23 -18.48
CA ASP A 665 -32.03 -19.96 -19.56
C ASP A 665 -32.42 -21.20 -20.38
N ILE A 666 -31.87 -22.35 -20.01
CA ILE A 666 -32.22 -23.64 -20.65
C ILE A 666 -32.81 -24.57 -19.60
N ASN A 667 -33.97 -25.15 -19.91
CA ASN A 667 -34.62 -26.11 -19.01
C ASN A 667 -35.24 -27.31 -19.73
N LEU A 668 -35.07 -28.48 -19.13
CA LEU A 668 -35.68 -29.73 -19.59
C LEU A 668 -36.56 -30.29 -18.48
N GLY A 669 -37.80 -30.61 -18.81
CA GLY A 669 -38.74 -31.19 -17.84
C GLY A 669 -38.56 -32.68 -17.62
N GLU A 670 -39.33 -33.23 -16.68
CA GLU A 670 -39.26 -34.66 -16.33
C GLU A 670 -39.49 -35.60 -17.52
N ASN A 671 -40.47 -35.27 -18.36
CA ASN A 671 -40.70 -36.01 -19.61
C ASN A 671 -39.99 -35.41 -20.84
N GLY A 672 -38.98 -34.59 -20.60
CA GLY A 672 -38.11 -34.07 -21.66
C GLY A 672 -38.58 -32.84 -22.42
N ALA A 673 -39.62 -32.17 -21.90
CA ALA A 673 -40.12 -30.93 -22.49
C ALA A 673 -39.08 -29.81 -22.38
N LEU A 674 -38.77 -29.18 -23.51
CA LEU A 674 -37.77 -28.11 -23.57
C LEU A 674 -38.35 -26.71 -23.35
N GLU A 675 -37.75 -25.97 -22.43
CA GLU A 675 -38.17 -24.60 -22.10
C GLU A 675 -36.98 -23.64 -22.21
N LEU A 676 -37.16 -22.59 -22.99
CA LEU A 676 -36.08 -21.60 -23.20
C LEU A 676 -36.54 -20.18 -22.89
N LYS A 677 -35.68 -19.44 -22.20
CA LYS A 677 -35.97 -18.05 -21.81
C LYS A 677 -35.30 -17.04 -22.73
N ARG A 678 -35.82 -15.82 -22.76
CA ARG A 678 -35.37 -14.74 -23.65
C ARG A 678 -33.85 -14.56 -23.70
N GLY A 679 -33.20 -14.83 -22.56
CA GLY A 679 -31.79 -14.51 -22.35
C GLY A 679 -30.76 -15.20 -23.24
N ILE A 680 -31.08 -16.38 -23.74
CA ILE A 680 -30.17 -17.07 -24.65
C ILE A 680 -30.20 -16.51 -26.06
N ALA A 681 -31.27 -15.80 -26.41
CA ALA A 681 -31.39 -15.21 -27.75
C ALA A 681 -30.93 -13.75 -27.83
N LYS A 682 -30.86 -13.06 -26.70
CA LYS A 682 -30.55 -11.62 -26.64
C LYS A 682 -29.33 -11.21 -27.48
N ASN A 683 -28.15 -11.64 -27.06
CA ASN A 683 -26.92 -11.31 -27.78
C ASN A 683 -26.82 -11.94 -29.17
N PRO A 684 -27.11 -13.26 -29.32
CA PRO A 684 -27.07 -13.86 -30.66
C PRO A 684 -27.91 -13.12 -31.72
N LEU A 685 -29.17 -12.80 -31.40
CA LEU A 685 -30.05 -12.03 -32.29
C LEU A 685 -29.41 -10.69 -32.67
N THR A 686 -29.00 -9.94 -31.65
CA THR A 686 -28.44 -8.59 -31.83
C THR A 686 -27.21 -8.58 -32.74
N ILE A 687 -26.23 -9.41 -32.39
CA ILE A 687 -24.95 -9.41 -33.09
C ILE A 687 -25.01 -10.08 -34.46
N THR A 688 -26.02 -10.93 -34.67
CA THR A 688 -26.31 -11.53 -35.98
C THR A 688 -26.72 -10.46 -36.99
N ILE A 689 -27.62 -9.58 -36.57
CA ILE A 689 -28.04 -8.43 -37.38
C ILE A 689 -26.83 -7.57 -37.72
N TYR A 690 -25.94 -7.39 -36.74
CA TYR A 690 -24.72 -6.59 -36.89
C TYR A 690 -23.57 -7.32 -37.60
N GLY A 691 -23.84 -8.51 -38.11
CA GLY A 691 -22.93 -9.17 -39.03
C GLY A 691 -22.03 -10.26 -38.48
N SER A 692 -22.25 -10.65 -37.22
CA SER A 692 -21.47 -11.75 -36.64
C SER A 692 -21.69 -13.07 -37.37
N GLY A 693 -20.66 -13.91 -37.38
CA GLY A 693 -20.79 -15.28 -37.84
C GLY A 693 -21.35 -16.16 -36.74
N ALA A 694 -21.77 -17.36 -37.10
CA ALA A 694 -22.35 -18.30 -36.14
C ALA A 694 -21.30 -18.93 -35.24
N ARG A 695 -20.10 -19.10 -35.77
CA ARG A 695 -19.02 -19.72 -35.02
C ARG A 695 -18.73 -18.92 -33.76
N GLY A 696 -18.63 -17.59 -33.91
CA GLY A 696 -18.42 -16.67 -32.79
C GLY A 696 -19.51 -16.75 -31.76
N ILE A 697 -20.77 -16.85 -32.20
CA ILE A 697 -21.88 -17.09 -31.27
C ILE A 697 -21.74 -18.43 -30.54
N ALA A 698 -21.39 -19.49 -31.28
CA ALA A 698 -21.18 -20.82 -30.68
C ALA A 698 -20.11 -20.81 -29.60
N GLY A 699 -18.98 -20.17 -29.88
CA GLY A 699 -17.88 -20.06 -28.94
C GLY A 699 -18.29 -19.35 -27.65
N LYS A 700 -19.16 -18.36 -27.80
CA LYS A 700 -19.61 -17.57 -26.66
C LYS A 700 -20.57 -18.37 -25.76
N LEU A 701 -21.47 -19.14 -26.38
CA LEU A 701 -22.36 -20.03 -25.62
C LEU A 701 -21.59 -21.12 -24.87
N VAL A 702 -20.54 -21.64 -25.50
CA VAL A 702 -19.66 -22.62 -24.83
C VAL A 702 -18.93 -21.97 -23.64
N SER A 703 -18.41 -20.75 -23.82
CA SER A 703 -17.77 -19.99 -22.73
C SER A 703 -18.65 -19.87 -21.51
N SER A 704 -19.93 -19.52 -21.73
CA SER A 704 -20.89 -19.44 -20.64
C SER A 704 -21.14 -20.80 -19.97
N VAL A 705 -21.19 -21.88 -20.77
CA VAL A 705 -21.27 -23.25 -20.22
C VAL A 705 -20.05 -23.57 -19.34
N THR A 706 -18.85 -23.41 -19.89
CA THR A 706 -17.60 -23.75 -19.19
C THR A 706 -17.34 -22.93 -17.94
N ASP A 707 -17.70 -21.64 -17.97
CA ASP A 707 -17.59 -20.76 -16.79
C ASP A 707 -18.42 -21.30 -15.65
N ALA A 708 -19.64 -21.73 -15.98
CA ALA A 708 -20.53 -22.37 -15.03
C ALA A 708 -19.97 -23.70 -14.51
N ILE A 709 -19.30 -24.46 -15.39
CA ILE A 709 -18.66 -25.73 -14.98
C ILE A 709 -17.51 -25.47 -13.99
N TYR A 710 -16.63 -24.54 -14.33
CA TYR A 710 -15.52 -24.15 -13.44
C TYR A 710 -16.01 -23.63 -12.08
N GLU A 711 -17.13 -22.93 -12.11
CA GLU A 711 -17.79 -22.40 -10.93
C GLU A 711 -18.31 -23.54 -10.06
N ARG A 712 -18.84 -24.57 -10.71
CA ARG A 712 -19.37 -25.75 -10.02
C ARG A 712 -18.25 -26.58 -9.40
N MET A 713 -17.07 -26.56 -10.03
CA MET A 713 -15.88 -27.24 -9.51
C MET A 713 -15.41 -26.67 -8.18
N SER A 714 -15.60 -25.35 -8.01
CA SER A 714 -15.31 -24.68 -6.74
C SER A 714 -16.34 -25.07 -5.68
N ASP A 715 -17.60 -25.20 -6.11
CA ASP A 715 -18.69 -25.65 -5.24
C ASP A 715 -18.43 -27.07 -4.71
N VAL A 716 -17.69 -27.86 -5.50
CA VAL A 716 -17.28 -29.22 -5.12
C VAL A 716 -16.19 -29.19 -4.03
N LEU A 717 -15.16 -28.39 -4.26
CA LEU A 717 -14.07 -28.22 -3.28
C LEU A 717 -14.61 -27.64 -1.97
N LYS A 718 -15.55 -26.70 -2.07
CA LYS A 718 -16.20 -26.09 -0.92
C LYS A 718 -17.12 -27.07 -0.18
N ALA A 719 -17.42 -28.20 -0.82
CA ALA A 719 -18.18 -29.28 -0.18
C ALA A 719 -17.28 -30.34 0.44
N ARG A 720 -16.18 -30.67 -0.24
CA ARG A 720 -15.20 -31.64 0.24
C ARG A 720 -14.44 -31.19 1.50
N ALA A 721 -14.32 -29.88 1.67
CA ALA A 721 -13.66 -29.31 2.84
C ALA A 721 -14.60 -29.35 4.05
N LYS A 722 -15.84 -28.94 3.83
CA LYS A 722 -16.89 -28.95 4.86
C LYS A 722 -17.31 -30.38 5.24
N ASP A 723 -17.19 -31.29 4.28
CA ASP A 723 -17.58 -32.70 4.47
C ASP A 723 -16.66 -33.60 3.63
N PRO A 724 -15.72 -34.30 4.29
CA PRO A 724 -14.78 -35.16 3.57
C PRO A 724 -15.41 -36.45 3.06
N ASN A 725 -16.36 -37.01 3.81
CA ASN A 725 -17.00 -38.27 3.44
C ASN A 725 -18.30 -38.11 2.63
N ILE A 726 -18.29 -37.17 1.68
CA ILE A 726 -19.42 -36.98 0.78
C ILE A 726 -19.07 -37.37 -0.66
N SER A 727 -20.06 -37.93 -1.36
CA SER A 727 -19.87 -38.42 -2.73
C SER A 727 -19.78 -37.27 -3.74
N ALA A 728 -19.02 -37.51 -4.81
CA ALA A 728 -18.86 -36.53 -5.89
C ALA A 728 -20.20 -36.13 -6.51
N ALA A 729 -21.18 -37.04 -6.44
CA ALA A 729 -22.55 -36.75 -6.86
C ALA A 729 -23.23 -35.76 -5.92
N MET A 730 -23.06 -35.97 -4.61
CA MET A 730 -23.58 -35.05 -3.60
C MET A 730 -22.57 -33.97 -3.22
N ALA A 731 -21.64 -33.69 -4.14
CA ALA A 731 -20.72 -32.56 -4.00
C ALA A 731 -20.92 -31.59 -5.16
N MET A 732 -21.30 -32.15 -6.32
CA MET A 732 -21.47 -31.37 -7.55
C MET A 732 -22.92 -31.05 -7.84
N PHE A 733 -23.84 -31.92 -7.40
CA PHE A 733 -25.26 -31.79 -7.76
C PHE A 733 -26.23 -31.92 -6.58
N GLY A 734 -25.77 -31.60 -5.38
CA GLY A 734 -26.62 -31.64 -4.19
C GLY A 734 -27.60 -30.48 -4.10
N LYS A 735 -27.10 -29.28 -4.38
CA LYS A 735 -27.94 -28.07 -4.38
C LYS A 735 -28.91 -28.05 -5.57
N GLN A 736 -28.65 -28.91 -6.56
CA GLN A 736 -29.41 -28.94 -7.80
C GLN A 736 -30.47 -30.05 -7.82
N ALA A 737 -30.24 -31.11 -7.04
CA ALA A 737 -31.13 -32.28 -7.01
C ALA A 737 -31.83 -32.48 -5.67
N ALA A 738 -32.94 -33.23 -5.70
CA ALA A 738 -33.72 -33.50 -4.50
C ALA A 738 -33.04 -34.51 -3.58
N SER A 739 -32.83 -35.74 -4.09
CA SER A 739 -32.21 -36.82 -3.32
C SER A 739 -30.75 -37.05 -3.73
N GLU A 740 -30.17 -38.16 -3.29
CA GLU A 740 -28.80 -38.54 -3.65
C GLU A 740 -28.76 -39.35 -4.95
N ALA A 741 -29.78 -40.19 -5.14
CA ALA A 741 -29.94 -40.93 -6.39
C ALA A 741 -30.20 -39.94 -7.53
N HIS A 742 -30.92 -38.88 -7.21
CA HIS A 742 -31.22 -37.81 -8.16
C HIS A 742 -29.98 -37.01 -8.52
N ALA A 743 -29.05 -36.91 -7.58
CA ALA A 743 -27.77 -36.23 -7.82
C ALA A 743 -26.82 -37.14 -8.58
N GLU A 744 -27.02 -38.44 -8.42
CA GLU A 744 -26.22 -39.46 -9.11
C GLU A 744 -26.57 -39.55 -10.59
N GLU A 745 -27.85 -39.34 -10.92
CA GLU A 745 -28.31 -39.32 -12.31
C GLU A 745 -27.88 -38.03 -13.02
N LEU A 746 -27.73 -36.94 -12.25
CA LEU A 746 -27.23 -35.69 -12.80
C LEU A 746 -25.73 -35.79 -13.13
N LEU A 747 -24.97 -36.42 -12.24
CA LEU A 747 -23.54 -36.64 -12.46
C LEU A 747 -23.28 -37.55 -13.64
N ALA A 748 -24.09 -38.60 -13.77
CA ALA A 748 -23.98 -39.55 -14.88
C ALA A 748 -24.23 -38.83 -16.21
N ARG A 749 -25.23 -37.95 -16.22
CA ARG A 749 -25.51 -37.11 -17.37
C ARG A 749 -24.31 -36.25 -17.77
N PHE A 750 -23.68 -35.60 -16.79
CA PHE A 750 -22.55 -34.70 -17.04
C PHE A 750 -21.37 -35.41 -17.69
N LEU A 751 -21.01 -36.57 -17.14
CA LEU A 751 -19.88 -37.36 -17.65
C LEU A 751 -20.22 -37.93 -19.02
N LYS A 752 -21.46 -38.38 -19.20
CA LYS A 752 -21.94 -38.86 -20.50
C LYS A 752 -21.82 -37.75 -21.55
N ASP A 753 -22.38 -36.57 -21.22
CA ASP A 753 -22.38 -35.41 -22.11
C ASP A 753 -20.97 -34.94 -22.46
N MET A 754 -20.12 -34.77 -21.45
CA MET A 754 -18.75 -34.29 -21.67
C MET A 754 -17.92 -35.25 -22.52
N GLU A 755 -18.08 -36.55 -22.31
CA GLU A 755 -17.41 -37.58 -23.11
C GLU A 755 -17.87 -37.52 -24.60
N THR A 756 -19.17 -37.56 -24.82
CA THR A 756 -19.69 -37.62 -26.19
C THR A 756 -19.50 -36.31 -26.97
N LEU A 757 -19.57 -35.17 -26.28
CA LEU A 757 -19.44 -33.86 -26.90
C LEU A 757 -18.00 -33.45 -27.23
N THR A 758 -17.03 -34.11 -26.59
CA THR A 758 -15.61 -33.87 -26.88
C THR A 758 -15.00 -34.94 -27.79
N SER A 759 -15.61 -36.13 -27.83
CA SER A 759 -15.06 -37.22 -28.62
C SER A 759 -15.66 -37.31 -30.03
N THR A 760 -16.81 -36.65 -30.22
CA THR A 760 -17.56 -36.70 -31.49
C THR A 760 -18.02 -35.30 -31.89
N VAL A 761 -17.89 -34.97 -33.17
CA VAL A 761 -18.35 -33.68 -33.69
C VAL A 761 -19.23 -33.81 -34.94
N PRO A 762 -20.22 -32.91 -35.09
CA PRO A 762 -21.00 -32.86 -36.31
C PRO A 762 -20.28 -32.04 -37.38
N VAL A 763 -20.31 -32.54 -38.61
CA VAL A 763 -19.70 -31.88 -39.75
C VAL A 763 -20.74 -31.83 -40.87
N LYS A 764 -20.81 -30.71 -41.56
CA LYS A 764 -21.76 -30.54 -42.66
C LYS A 764 -21.12 -31.01 -43.96
N ARG A 765 -21.62 -32.12 -44.49
CA ARG A 765 -21.11 -32.72 -45.72
C ARG A 765 -22.20 -32.74 -46.76
N LYS A 766 -22.14 -31.77 -47.68
CA LYS A 766 -23.12 -31.66 -48.77
C LYS A 766 -24.53 -31.43 -48.21
N GLY A 767 -24.64 -30.47 -47.29
CA GLY A 767 -25.93 -30.10 -46.69
C GLY A 767 -26.48 -31.09 -45.68
N VAL A 768 -25.68 -32.12 -45.39
CA VAL A 768 -26.07 -33.17 -44.44
C VAL A 768 -25.14 -33.12 -43.24
N LEU A 769 -25.69 -33.36 -42.04
CA LEU A 769 -24.86 -33.46 -40.83
C LEU A 769 -24.36 -34.89 -40.60
N GLU A 770 -23.04 -35.02 -40.53
CA GLU A 770 -22.40 -36.31 -40.25
C GLU A 770 -21.58 -36.21 -38.97
N LEU A 771 -21.56 -37.28 -38.19
CA LEU A 771 -20.73 -37.35 -37.00
C LEU A 771 -19.34 -37.87 -37.32
N GLN A 772 -18.33 -37.23 -36.73
CA GLN A 772 -16.95 -37.65 -36.86
C GLN A 772 -16.28 -37.73 -35.50
N SER A 773 -15.48 -38.78 -35.31
CA SER A 773 -14.63 -38.92 -34.14
C SER A 773 -13.52 -37.89 -34.21
N THR A 774 -13.21 -37.28 -33.06
CA THR A 774 -12.13 -36.31 -32.98
C THR A 774 -10.80 -36.98 -32.62
N GLY A 775 -10.89 -38.08 -31.86
CA GLY A 775 -9.71 -38.77 -31.34
C GLY A 775 -9.10 -38.06 -30.14
N THR A 776 -9.79 -37.06 -29.62
CA THR A 776 -9.29 -36.27 -28.49
C THR A 776 -10.37 -36.03 -27.42
N GLY A 777 -11.22 -37.04 -27.22
CA GLY A 777 -12.29 -36.99 -26.23
C GLY A 777 -11.79 -36.93 -24.79
N ALA A 778 -12.63 -36.37 -23.92
CA ALA A 778 -12.30 -36.23 -22.50
C ALA A 778 -12.43 -37.56 -21.77
N LYS A 779 -11.36 -37.92 -21.06
CA LYS A 779 -11.40 -39.06 -20.13
C LYS A 779 -10.40 -38.87 -18.98
N GLY A 780 -10.60 -39.63 -17.91
CA GLY A 780 -9.77 -39.54 -16.71
C GLY A 780 -10.55 -39.01 -15.52
N LYS A 781 -10.05 -39.30 -14.31
CA LYS A 781 -10.63 -38.79 -13.08
C LYS A 781 -10.53 -37.26 -13.03
N ILE A 782 -11.62 -36.63 -12.62
CA ILE A 782 -11.65 -35.16 -12.49
C ILE A 782 -11.02 -34.70 -11.18
N ASN A 783 -10.05 -33.79 -11.30
CA ASN A 783 -9.50 -33.05 -10.16
C ASN A 783 -10.05 -31.62 -10.19
N PRO A 784 -11.05 -31.31 -9.34
CA PRO A 784 -11.81 -30.05 -9.36
C PRO A 784 -10.95 -28.78 -9.32
N LYS A 785 -9.72 -28.89 -8.81
CA LYS A 785 -8.81 -27.76 -8.68
C LYS A 785 -8.12 -27.41 -10.01
N THR A 786 -7.60 -28.43 -10.69
CA THR A 786 -6.86 -28.24 -11.93
C THR A 786 -7.74 -28.35 -13.18
N TYR A 787 -8.99 -28.79 -13.00
CA TYR A 787 -9.90 -29.11 -14.12
C TYR A 787 -10.04 -27.98 -15.13
N THR A 788 -9.64 -28.28 -16.37
CA THR A 788 -9.63 -27.33 -17.46
C THR A 788 -10.04 -28.03 -18.76
N ILE A 789 -11.02 -27.48 -19.44
CA ILE A 789 -11.44 -27.96 -20.75
C ILE A 789 -10.52 -27.31 -21.80
N LYS A 790 -9.63 -28.12 -22.37
CA LYS A 790 -8.57 -27.63 -23.26
C LYS A 790 -9.02 -27.33 -24.70
N GLY A 791 -8.15 -26.62 -25.44
CA GLY A 791 -8.46 -26.11 -26.78
C GLY A 791 -9.07 -27.08 -27.78
N GLU A 792 -8.51 -28.28 -27.86
CA GLU A 792 -9.01 -29.34 -28.74
C GLU A 792 -10.41 -29.80 -28.32
N GLN A 793 -10.64 -29.82 -27.01
CA GLN A 793 -11.94 -30.19 -26.44
C GLN A 793 -12.95 -29.05 -26.48
N LEU A 794 -12.46 -27.81 -26.35
CA LEU A 794 -13.29 -26.61 -26.54
C LEU A 794 -13.77 -26.47 -27.99
N LYS A 795 -12.90 -26.81 -28.93
CA LYS A 795 -13.22 -26.83 -30.36
C LYS A 795 -14.40 -27.74 -30.65
N ALA A 796 -14.38 -28.93 -30.02
CA ALA A 796 -15.41 -29.95 -30.21
C ALA A 796 -16.76 -29.52 -29.63
N LEU A 797 -16.75 -28.94 -28.43
CA LEU A 797 -17.97 -28.42 -27.81
C LEU A 797 -18.60 -27.33 -28.68
N GLN A 798 -17.75 -26.50 -29.29
CA GLN A 798 -18.16 -25.41 -30.16
C GLN A 798 -18.84 -25.91 -31.42
N GLU A 799 -18.26 -26.93 -32.05
CA GLU A 799 -18.81 -27.51 -33.28
C GLU A 799 -20.15 -28.17 -33.04
N ASN A 800 -20.29 -28.83 -31.88
CA ASN A 800 -21.60 -29.35 -31.44
C ASN A 800 -22.63 -28.24 -31.21
N MET A 801 -22.21 -27.19 -30.52
CA MET A 801 -23.03 -26.00 -30.27
C MET A 801 -23.44 -25.34 -31.58
N LEU A 802 -22.49 -25.20 -32.50
CA LEU A 802 -22.73 -24.65 -33.83
C LEU A 802 -23.89 -25.31 -34.58
N HIS A 803 -23.77 -26.61 -34.84
CA HIS A 803 -24.73 -27.31 -35.72
C HIS A 803 -26.03 -27.73 -35.05
N PHE A 804 -26.03 -27.83 -33.71
CA PHE A 804 -27.22 -28.32 -33.01
C PHE A 804 -28.00 -27.27 -32.22
N PHE A 805 -27.43 -26.08 -32.06
CA PHE A 805 -28.13 -25.00 -31.34
C PHE A 805 -28.09 -23.67 -32.09
N VAL A 806 -26.89 -23.24 -32.48
CA VAL A 806 -26.68 -21.92 -33.09
C VAL A 806 -27.31 -21.80 -34.46
N GLU A 807 -27.12 -22.79 -35.32
CA GLU A 807 -27.75 -22.79 -36.64
C GLU A 807 -29.29 -22.70 -36.59
N PRO A 808 -29.95 -23.60 -35.82
CA PRO A 808 -31.38 -23.43 -35.52
C PRO A 808 -31.76 -22.04 -34.96
N LEU A 809 -30.95 -21.49 -34.07
CA LEU A 809 -31.18 -20.13 -33.54
C LEU A 809 -31.13 -19.08 -34.66
N ARG A 810 -30.17 -19.21 -35.56
CA ARG A 810 -30.04 -18.31 -36.72
C ARG A 810 -31.25 -18.34 -37.67
N ASN A 811 -31.78 -19.55 -37.92
CA ASN A 811 -33.02 -19.70 -38.68
C ASN A 811 -34.18 -19.03 -37.94
N GLY A 812 -34.24 -19.24 -36.64
CA GLY A 812 -35.21 -18.56 -35.77
C GLY A 812 -35.11 -17.04 -35.79
N ILE A 813 -33.89 -16.53 -35.76
CA ILE A 813 -33.62 -15.08 -35.80
C ILE A 813 -34.17 -14.42 -37.09
N THR A 814 -33.86 -15.00 -38.25
CA THR A 814 -34.30 -14.46 -39.55
C THR A 814 -35.82 -14.40 -39.67
N GLN A 815 -36.49 -15.42 -39.14
CA GLN A 815 -37.95 -15.50 -39.13
C GLN A 815 -38.57 -14.34 -38.32
N THR A 816 -37.91 -13.97 -37.23
CA THR A 816 -38.39 -12.96 -36.30
C THR A 816 -38.22 -11.53 -36.82
N VAL A 817 -37.00 -11.18 -37.27
CA VAL A 817 -36.69 -9.82 -37.72
C VAL A 817 -37.09 -9.58 -39.18
N GLY A 818 -37.25 -10.66 -39.93
CA GLY A 818 -37.71 -10.60 -41.32
C GLY A 818 -36.57 -10.69 -42.31
N GLU A 819 -36.79 -11.47 -43.37
CA GLU A 819 -35.82 -11.61 -44.47
C GLU A 819 -35.51 -10.28 -45.15
N SER A 820 -36.52 -9.41 -45.23
CA SER A 820 -36.33 -8.10 -45.87
C SER A 820 -35.27 -7.25 -45.18
N LEU A 821 -35.19 -7.34 -43.84
CA LEU A 821 -34.18 -6.64 -43.07
C LEU A 821 -32.79 -7.26 -43.28
N VAL A 822 -32.75 -8.59 -43.28
CA VAL A 822 -31.49 -9.31 -43.52
C VAL A 822 -30.93 -8.89 -44.89
N TYR A 823 -31.79 -8.87 -45.90
CA TYR A 823 -31.39 -8.43 -47.23
C TYR A 823 -30.84 -7.00 -47.24
N SER A 824 -31.53 -6.10 -46.53
CA SER A 824 -31.07 -4.72 -46.36
C SER A 824 -29.69 -4.61 -45.70
N THR A 825 -29.46 -5.39 -44.66
CA THR A 825 -28.18 -5.32 -43.93
C THR A 825 -27.02 -5.94 -44.73
N GLU A 826 -27.33 -6.94 -45.54
CA GLU A 826 -26.35 -7.55 -46.44
C GLU A 826 -25.89 -6.55 -47.50
N GLN A 827 -26.85 -5.87 -48.13
CA GLN A 827 -26.55 -4.83 -49.13
C GLN A 827 -25.75 -3.65 -48.55
N LEU A 828 -26.15 -3.20 -47.35
CA LEU A 828 -25.41 -2.18 -46.62
C LEU A 828 -23.95 -2.61 -46.37
N GLN A 829 -23.78 -3.83 -45.84
CA GLN A 829 -22.47 -4.41 -45.62
C GLN A 829 -21.64 -4.38 -46.91
N LYS A 830 -22.21 -4.90 -48.00
CA LYS A 830 -21.50 -5.03 -49.27
C LYS A 830 -21.01 -3.69 -49.82
N ALA A 831 -21.92 -2.72 -49.94
CA ALA A 831 -21.59 -1.38 -50.39
C ALA A 831 -20.50 -0.71 -49.56
N THR A 832 -20.60 -0.83 -48.24
CA THR A 832 -19.65 -0.19 -47.34
C THR A 832 -18.27 -0.87 -47.35
N GLN A 833 -18.27 -2.20 -47.43
CA GLN A 833 -17.04 -2.98 -47.57
C GLN A 833 -16.33 -2.66 -48.90
N ILE A 834 -17.06 -2.72 -50.01
CA ILE A 834 -16.49 -2.43 -51.33
C ILE A 834 -15.89 -1.03 -51.39
N GLN A 835 -16.64 -0.05 -50.88
CA GLN A 835 -16.15 1.32 -50.83
C GLN A 835 -14.91 1.46 -49.96
N SER A 836 -14.91 0.80 -48.80
CA SER A 836 -13.75 0.83 -47.89
C SER A 836 -12.50 0.17 -48.49
N VAL A 837 -12.71 -0.91 -49.23
CA VAL A 837 -11.61 -1.63 -49.93
C VAL A 837 -10.90 -0.69 -50.91
N VAL A 838 -11.68 0.07 -51.68
CA VAL A 838 -11.13 0.98 -52.68
C VAL A 838 -10.43 2.17 -52.03
N LEU A 839 -11.01 2.71 -50.97
CA LEU A 839 -10.39 3.80 -50.23
C LEU A 839 -9.04 3.37 -49.65
N GLU A 840 -9.01 2.20 -49.00
CA GLU A 840 -7.79 1.62 -48.45
C GLU A 840 -6.70 1.48 -49.51
N ASP A 841 -7.04 0.88 -50.63
CA ASP A 841 -6.09 0.56 -51.69
C ASP A 841 -5.56 1.79 -52.41
N MET A 842 -6.45 2.73 -52.75
CA MET A 842 -6.04 3.97 -53.41
C MET A 842 -5.10 4.76 -52.52
N PHE A 843 -5.49 4.94 -51.25
CA PHE A 843 -4.64 5.61 -50.26
C PHE A 843 -3.24 5.00 -50.25
N LYS A 844 -3.17 3.67 -50.13
CA LYS A 844 -1.90 2.96 -50.11
C LYS A 844 -1.07 3.15 -51.39
N GLN A 845 -1.75 3.28 -52.53
CA GLN A 845 -1.09 3.48 -53.82
C GLN A 845 -0.55 4.90 -53.96
N ARG A 846 -1.39 5.88 -53.63
CA ARG A 846 -0.99 7.28 -53.58
C ARG A 846 0.20 7.49 -52.62
N VAL A 847 0.24 6.72 -51.53
CA VAL A 847 1.36 6.75 -50.58
C VAL A 847 2.62 6.14 -51.18
N GLN A 848 2.46 4.99 -51.84
CA GLN A 848 3.56 4.30 -52.52
C GLN A 848 4.11 5.11 -53.70
N GLU A 849 3.24 5.87 -54.35
CA GLU A 849 3.62 6.75 -55.46
C GLU A 849 4.40 7.97 -54.99
N LYS A 850 4.04 8.50 -53.82
CA LYS A 850 4.80 9.59 -53.21
C LYS A 850 6.18 9.16 -52.69
N LEU A 851 6.28 7.93 -52.18
CA LEU A 851 7.53 7.42 -51.64
C LEU A 851 8.58 7.10 -52.73
N ALA A 852 8.11 6.65 -53.89
CA ALA A 852 8.98 6.44 -55.06
C ALA A 852 9.51 7.78 -55.60
N GLU A 853 8.74 8.83 -55.36
CA GLU A 853 9.09 10.19 -55.74
C GLU A 853 10.07 10.82 -54.74
N LYS A 854 9.93 10.46 -53.47
CA LYS A 854 10.81 10.95 -52.40
C LYS A 854 12.17 10.24 -52.42
N ALA A 855 12.19 9.05 -53.05
CA ALA A 855 13.41 8.26 -53.22
C ALA A 855 14.45 8.99 -54.06
N LYS A 856 13.98 9.93 -54.87
CA LYS A 856 14.84 10.75 -55.72
C LYS A 856 15.34 11.98 -54.95
N ASP A 857 14.62 12.35 -53.89
CA ASP A 857 14.97 13.50 -53.05
C ASP A 857 16.25 13.18 -52.25
N PRO A 858 17.31 13.97 -52.46
CA PRO A 858 18.58 13.75 -51.75
C PRO A 858 18.48 14.06 -50.24
N THR A 859 17.59 14.98 -49.88
CA THR A 859 17.32 15.33 -48.48
C THR A 859 16.53 14.25 -47.73
N TRP A 860 15.85 13.38 -48.47
CA TRP A 860 14.97 12.37 -47.89
C TRP A 860 15.70 11.05 -47.66
N LYS A 861 15.39 10.42 -46.53
CA LYS A 861 15.94 9.12 -46.19
C LYS A 861 14.79 8.15 -45.91
N LYS A 862 15.04 6.86 -46.14
CA LYS A 862 14.07 5.81 -45.84
C LYS A 862 13.93 5.61 -44.32
N GLY A 863 12.69 5.75 -43.84
CA GLY A 863 12.45 5.84 -42.42
C GLY A 863 11.72 7.14 -42.13
N ASP A 864 12.13 8.21 -42.81
CA ASP A 864 11.32 9.42 -42.89
C ASP A 864 10.09 8.95 -43.65
N PHE A 865 8.92 9.44 -43.28
CA PHE A 865 7.74 9.05 -44.04
C PHE A 865 7.36 10.20 -44.96
N LEU A 866 6.07 10.51 -45.02
CA LEU A 866 5.57 11.65 -45.74
C LEU A 866 5.28 12.76 -44.75
N THR A 867 5.15 13.99 -45.25
CA THR A 867 4.75 15.12 -44.43
C THR A 867 3.24 15.09 -44.19
N GLN A 868 2.77 15.84 -43.20
CA GLN A 868 1.34 15.92 -42.92
C GLN A 868 0.59 16.49 -44.13
N LYS A 869 1.19 17.50 -44.76
CA LYS A 869 0.62 18.12 -45.96
C LYS A 869 0.46 17.11 -47.10
N GLU A 870 1.47 16.26 -47.27
CA GLU A 870 1.40 15.17 -48.25
C GLU A 870 0.30 14.16 -47.94
N LEU A 871 0.09 13.86 -46.66
CA LEU A 871 -0.99 12.95 -46.25
C LEU A 871 -2.37 13.58 -46.38
N ASN A 872 -2.46 14.87 -46.08
CA ASN A 872 -3.70 15.66 -46.30
C ASN A 872 -4.09 15.75 -47.77
N ASP A 873 -3.08 15.92 -48.63
CA ASP A 873 -3.29 15.94 -50.08
C ASP A 873 -3.86 14.61 -50.57
N ILE A 874 -3.32 13.51 -50.03
CA ILE A 874 -3.74 12.15 -50.38
C ILE A 874 -5.16 11.86 -49.87
N GLN A 875 -5.43 12.24 -48.63
CA GLN A 875 -6.76 12.07 -48.01
C GLN A 875 -7.85 12.86 -48.75
N ALA A 876 -7.52 14.09 -49.16
CA ALA A 876 -8.46 14.96 -49.87
C ALA A 876 -8.67 14.52 -51.34
N SER A 877 -7.73 13.76 -51.87
CA SER A 877 -7.83 13.23 -53.23
C SER A 877 -8.79 12.05 -53.29
N LEU A 878 -9.24 11.57 -52.13
CA LEU A 878 -10.16 10.44 -52.03
C LEU A 878 -11.59 10.92 -51.89
N ASN A 879 -11.77 12.24 -51.78
CA ASN A 879 -13.09 12.79 -51.48
C ASN A 879 -14.16 12.56 -52.56
N ASN A 880 -13.72 12.40 -53.81
CA ASN A 880 -14.67 12.10 -54.90
C ASN A 880 -15.22 10.66 -54.83
N LEU A 881 -14.62 9.84 -53.98
CA LEU A 881 -15.14 8.51 -53.69
C LEU A 881 -16.12 8.54 -52.51
N ALA A 882 -16.39 9.74 -52.01
CA ALA A 882 -17.37 10.01 -50.95
C ALA A 882 -17.18 9.17 -49.67
N PRO A 883 -15.99 9.27 -49.03
CA PRO A 883 -15.68 8.44 -47.84
C PRO A 883 -16.61 8.67 -46.65
N MET A 884 -17.37 9.78 -46.67
CA MET A 884 -18.26 10.14 -45.56
C MET A 884 -19.72 9.91 -45.90
N ILE A 885 -20.46 9.35 -44.94
CA ILE A 885 -21.91 9.25 -45.02
C ILE A 885 -22.50 10.40 -44.23
N GLU A 886 -23.40 11.15 -44.88
CA GLU A 886 -24.06 12.30 -44.25
C GLU A 886 -25.56 12.04 -44.12
N THR A 887 -26.11 12.36 -42.96
CA THR A 887 -27.54 12.16 -42.71
C THR A 887 -28.25 13.51 -42.69
N GLY A 888 -27.46 14.58 -42.68
CA GLY A 888 -27.98 15.92 -42.46
C GLY A 888 -27.87 16.40 -41.03
N SER A 889 -27.57 15.48 -40.11
CA SER A 889 -27.42 15.80 -38.69
C SER A 889 -26.30 15.01 -38.03
N GLN A 890 -25.82 13.99 -38.76
CA GLN A 890 -24.72 13.12 -38.32
C GLN A 890 -23.81 12.80 -39.51
N THR A 891 -22.55 12.53 -39.19
CA THR A 891 -21.56 12.09 -40.18
C THR A 891 -20.88 10.82 -39.70
N PHE A 892 -20.81 9.82 -40.57
CA PHE A 892 -20.15 8.57 -40.29
C PHE A 892 -19.04 8.32 -41.30
N TYR A 893 -17.92 7.82 -40.81
CA TYR A 893 -16.78 7.49 -41.65
C TYR A 893 -16.35 6.08 -41.32
N ILE A 894 -16.98 5.13 -42.01
CA ILE A 894 -16.87 3.70 -41.68
C ILE A 894 -15.46 3.15 -41.88
N ALA A 895 -14.81 3.57 -42.96
CA ALA A 895 -13.46 3.08 -43.32
C ALA A 895 -12.36 3.58 -42.38
N GLY A 896 -12.61 4.69 -41.70
CA GLY A 896 -11.60 5.39 -40.91
C GLY A 896 -10.94 4.57 -39.83
N SER A 897 -9.61 4.60 -39.80
CA SER A 897 -8.83 3.88 -38.81
C SER A 897 -7.40 4.43 -38.67
N GLU A 898 -6.70 3.91 -37.67
CA GLU A 898 -5.27 4.13 -37.53
C GLU A 898 -4.62 2.75 -37.55
N ASN A 899 -3.63 2.56 -38.42
CA ASN A 899 -2.99 1.25 -38.55
C ASN A 899 -1.51 1.32 -38.93
N ALA A 900 -0.79 0.23 -38.69
CA ALA A 900 0.64 0.13 -38.99
C ALA A 900 0.92 -0.37 -40.42
N GLU A 901 -0.13 -0.70 -41.16
CA GLU A 901 0.03 -1.33 -42.48
C GLU A 901 0.32 -0.35 -43.64
N VAL A 902 0.16 0.95 -43.38
CA VAL A 902 0.42 1.96 -44.40
C VAL A 902 1.93 2.27 -44.50
N ALA A 903 2.55 2.58 -43.37
CA ALA A 903 3.99 2.90 -43.34
C ALA A 903 4.86 1.65 -43.29
N ASN A 904 4.33 0.57 -42.70
CA ASN A 904 5.05 -0.70 -42.57
C ASN A 904 6.52 -0.53 -42.15
N GLN A 905 6.72 0.07 -40.98
CA GLN A 905 8.07 0.41 -40.49
C GLN A 905 8.05 0.84 -39.02
N VAL A 906 9.15 0.60 -38.34
CA VAL A 906 9.35 1.10 -36.97
C VAL A 906 9.40 2.63 -36.97
N LEU A 907 8.75 3.25 -35.99
CA LEU A 907 8.79 4.69 -35.82
C LEU A 907 9.98 5.12 -34.94
N ALA A 908 10.11 4.45 -33.80
CA ALA A 908 11.18 4.72 -32.84
C ALA A 908 11.41 3.50 -31.97
N THR A 909 12.62 3.40 -31.41
CA THR A 909 12.94 2.37 -30.41
C THR A 909 13.46 3.10 -29.16
N ASN A 910 13.61 2.41 -28.05
CA ASN A 910 14.39 2.99 -26.95
C ASN A 910 15.89 2.88 -27.25
N LEU A 911 16.72 3.38 -26.35
CA LEU A 911 18.17 3.42 -26.60
C LEU A 911 18.88 2.07 -26.36
N ASP A 912 18.12 1.06 -25.94
CA ASP A 912 18.62 -0.33 -25.86
C ASP A 912 18.23 -1.16 -27.10
N ASP A 913 17.76 -0.47 -28.14
CA ASP A 913 17.27 -1.11 -29.38
C ASP A 913 16.01 -1.97 -29.18
N ARG A 914 15.26 -1.67 -28.12
CA ARG A 914 14.01 -2.35 -27.82
C ARG A 914 12.84 -1.36 -27.78
N MET A 915 11.65 -1.85 -27.42
CA MET A 915 10.43 -1.03 -27.41
C MET A 915 10.22 -0.40 -28.78
N ARG A 916 10.26 -1.24 -29.81
CA ARG A 916 10.16 -0.78 -31.19
C ARG A 916 8.70 -0.54 -31.50
N VAL A 917 8.35 0.75 -31.57
CA VAL A 917 7.00 1.21 -31.81
C VAL A 917 6.77 1.27 -33.31
N PRO A 918 5.72 0.58 -33.81
CA PRO A 918 5.42 0.64 -35.24
C PRO A 918 4.82 1.98 -35.61
N MET A 919 5.14 2.48 -36.79
CA MET A 919 4.58 3.74 -37.26
C MET A 919 3.10 3.58 -37.65
N SER A 920 2.23 4.23 -36.89
CA SER A 920 0.80 4.21 -37.16
C SER A 920 0.36 5.45 -37.88
N ILE A 921 -0.52 5.26 -38.85
CA ILE A 921 -0.98 6.33 -39.74
C ILE A 921 -2.50 6.32 -39.76
N TYR A 922 -3.09 7.51 -39.74
CA TYR A 922 -4.53 7.70 -39.95
C TYR A 922 -4.85 7.52 -41.42
N ALA A 923 -5.59 6.45 -41.74
CA ALA A 923 -5.90 6.08 -43.12
C ALA A 923 -7.18 5.23 -43.18
N PRO A 924 -7.80 5.10 -44.38
CA PRO A 924 -8.94 4.20 -44.45
C PRO A 924 -8.48 2.74 -44.45
N ALA A 925 -9.29 1.87 -43.86
CA ALA A 925 -9.04 0.44 -43.91
C ALA A 925 -10.35 -0.25 -44.19
N GLN A 926 -10.29 -1.55 -44.47
CA GLN A 926 -11.48 -2.35 -44.72
C GLN A 926 -12.45 -2.25 -43.55
N ALA A 927 -13.74 -2.16 -43.88
CA ALA A 927 -14.80 -2.09 -42.88
C ALA A 927 -15.21 -3.48 -42.37
N GLY A 928 -15.17 -4.48 -43.24
CA GLY A 928 -15.74 -5.79 -42.92
C GLY A 928 -17.25 -5.64 -42.79
N VAL A 929 -17.77 -5.89 -41.59
CA VAL A 929 -19.22 -5.75 -41.34
C VAL A 929 -19.58 -4.50 -40.52
N ALA A 930 -18.59 -3.65 -40.24
CA ALA A 930 -18.76 -2.45 -39.40
C ALA A 930 -19.89 -1.51 -39.85
N GLY A 931 -20.20 -1.50 -41.14
CA GLY A 931 -21.25 -0.63 -41.70
C GLY A 931 -22.63 -0.85 -41.09
N ILE A 932 -22.99 -2.09 -40.80
CA ILE A 932 -24.31 -2.40 -40.19
C ILE A 932 -24.44 -1.81 -38.77
N PRO A 933 -23.58 -2.21 -37.83
CA PRO A 933 -23.73 -1.58 -36.50
C PRO A 933 -23.46 -0.06 -36.51
N PHE A 934 -22.51 0.41 -37.32
CA PHE A 934 -22.26 1.87 -37.42
C PHE A 934 -23.56 2.61 -37.73
N MET A 935 -24.25 2.17 -38.77
CA MET A 935 -25.45 2.83 -39.23
C MET A 935 -26.67 2.62 -38.33
N THR A 936 -26.75 1.45 -37.71
CA THR A 936 -27.92 1.08 -36.89
C THR A 936 -27.86 1.74 -35.53
N ILE A 937 -26.69 1.64 -34.89
CA ILE A 937 -26.45 2.32 -33.64
C ILE A 937 -26.50 3.83 -33.87
N GLY A 938 -25.79 4.31 -34.88
CA GLY A 938 -25.77 5.73 -35.21
C GLY A 938 -27.14 6.34 -35.41
N THR A 939 -27.88 5.83 -36.38
CA THR A 939 -29.19 6.41 -36.72
C THR A 939 -30.31 5.92 -35.79
N GLY A 940 -30.03 4.88 -35.01
CA GLY A 940 -30.99 4.41 -34.00
C GLY A 940 -30.81 5.15 -32.69
N ASP A 941 -30.24 4.48 -31.69
CA ASP A 941 -30.10 5.09 -30.36
C ASP A 941 -29.31 6.41 -30.35
N GLY A 942 -28.31 6.54 -31.23
CA GLY A 942 -27.48 7.75 -31.32
C GLY A 942 -28.26 9.00 -31.72
N MET A 943 -29.06 8.87 -32.76
CA MET A 943 -29.90 9.97 -33.23
C MET A 943 -31.02 10.27 -32.23
N MET A 944 -31.58 9.24 -31.61
CA MET A 944 -32.59 9.41 -30.56
C MET A 944 -32.08 10.32 -29.43
N MET A 945 -30.90 10.01 -28.92
CA MET A 945 -30.32 10.73 -27.79
C MET A 945 -29.91 12.15 -28.11
N GLN A 946 -29.39 12.33 -29.33
CA GLN A 946 -29.02 13.62 -29.86
C GLN A 946 -30.25 14.53 -30.02
N THR A 947 -31.35 13.93 -30.48
CA THR A 947 -32.64 14.61 -30.61
C THR A 947 -33.15 15.01 -29.22
N LEU A 948 -33.15 14.05 -28.30
CA LEU A 948 -33.55 14.26 -26.92
C LEU A 948 -32.77 15.40 -26.24
N SER A 949 -31.49 15.56 -26.59
CA SER A 949 -30.63 16.64 -26.07
C SER A 949 -30.93 18.03 -26.65
N THR A 950 -31.50 18.07 -27.86
CA THR A 950 -31.60 19.31 -28.63
C THR A 950 -33.03 19.75 -28.93
N MET A 951 -33.96 18.81 -28.89
CA MET A 951 -35.36 19.07 -29.22
C MET A 951 -35.98 20.17 -28.36
N LYS A 952 -37.04 20.77 -28.88
CA LYS A 952 -37.89 21.71 -28.15
C LYS A 952 -38.36 21.09 -26.84
N GLY A 953 -38.00 21.70 -25.72
CA GLY A 953 -38.35 21.21 -24.39
C GLY A 953 -37.58 19.97 -23.99
N ALA A 954 -36.30 19.93 -24.35
CA ALA A 954 -35.41 18.83 -24.01
C ALA A 954 -35.41 18.58 -22.51
N PRO A 955 -35.63 17.31 -22.08
CA PRO A 955 -35.49 16.99 -20.66
C PRO A 955 -34.17 17.47 -20.05
N LYS A 956 -34.26 18.07 -18.88
CA LYS A 956 -33.09 18.54 -18.15
C LYS A 956 -32.72 17.57 -17.05
N ASN A 957 -31.49 17.68 -16.55
CA ASN A 957 -31.05 16.95 -15.36
C ASN A 957 -31.17 15.43 -15.51
N THR A 958 -30.82 14.92 -16.68
CA THR A 958 -30.85 13.49 -16.94
C THR A 958 -29.41 12.95 -17.07
N LEU A 959 -29.30 11.62 -17.00
CA LEU A 959 -28.08 10.93 -17.41
C LEU A 959 -28.48 9.99 -18.55
N LYS A 960 -27.85 10.17 -19.72
CA LYS A 960 -28.13 9.34 -20.87
C LYS A 960 -27.07 8.24 -21.00
N ILE A 961 -27.54 7.00 -21.11
CA ILE A 961 -26.65 5.85 -21.27
C ILE A 961 -27.04 5.10 -22.54
N PHE A 962 -27.05 5.83 -23.66
CA PHE A 962 -27.11 5.27 -25.01
C PHE A 962 -28.51 4.91 -25.49
N ASP A 963 -29.12 3.87 -24.92
CA ASP A 963 -30.50 3.51 -25.29
C ASP A 963 -31.49 3.63 -24.12
N GLY A 964 -31.01 4.19 -23.01
CA GLY A 964 -31.85 4.48 -21.84
C GLY A 964 -31.42 5.78 -21.17
N MET A 965 -32.36 6.43 -20.50
CA MET A 965 -32.16 7.75 -19.90
C MET A 965 -32.64 7.76 -18.43
N ASN A 966 -31.73 8.04 -17.50
CA ASN A 966 -32.09 8.15 -16.08
C ASN A 966 -32.78 9.48 -15.80
N ILE A 967 -33.97 9.42 -15.22
CA ILE A 967 -34.81 10.60 -15.05
C ILE A 967 -35.20 10.83 -13.59
N GLY A 968 -35.08 12.08 -13.12
CA GLY A 968 -35.56 12.51 -11.80
C GLY A 968 -37.06 12.28 -11.63
N LEU A 969 -37.48 11.96 -10.40
CA LEU A 969 -38.82 11.43 -10.16
C LEU A 969 -39.97 12.42 -10.42
N ASN A 970 -39.61 13.70 -10.45
CA ASN A 970 -40.52 14.78 -10.76
C ASN A 970 -40.89 14.93 -12.24
N ASP A 971 -40.05 14.39 -13.14
CA ASP A 971 -40.23 14.64 -14.57
C ASP A 971 -40.41 13.37 -15.40
N ILE A 972 -40.81 12.28 -14.77
CA ILE A 972 -40.80 10.98 -15.44
C ILE A 972 -41.78 10.90 -16.62
N THR A 973 -42.92 11.59 -16.48
CA THR A 973 -43.98 11.58 -17.48
C THR A 973 -43.59 12.34 -18.75
N ASP A 974 -43.24 13.61 -18.59
CA ASP A 974 -42.89 14.44 -19.74
C ASP A 974 -41.60 13.99 -20.43
N ALA A 975 -40.60 13.61 -19.64
CA ALA A 975 -39.31 13.18 -20.18
C ALA A 975 -39.43 11.89 -20.98
N SER A 976 -40.26 10.95 -20.50
CA SER A 976 -40.52 9.70 -21.22
C SER A 976 -41.24 9.94 -22.53
N ARG A 977 -42.23 10.84 -22.51
CA ARG A 977 -42.97 11.20 -23.71
C ARG A 977 -42.08 11.88 -24.74
N LYS A 978 -41.13 12.70 -24.27
CA LYS A 978 -40.14 13.33 -25.12
C LYS A 978 -39.20 12.26 -25.72
N ALA A 979 -38.83 11.28 -24.88
CA ALA A 979 -37.94 10.21 -25.31
C ALA A 979 -38.59 9.37 -26.41
N ASN A 980 -39.86 9.06 -26.23
CA ASN A 980 -40.64 8.39 -27.27
C ASN A 980 -40.84 9.24 -28.52
N GLU A 981 -40.95 10.56 -28.35
CA GLU A 981 -40.99 11.48 -29.49
C GLU A 981 -39.65 11.45 -30.26
N ALA A 982 -38.55 11.47 -29.51
CA ALA A 982 -37.21 11.36 -30.10
C ALA A 982 -37.02 10.06 -30.90
N VAL A 983 -37.61 8.98 -30.41
CA VAL A 983 -37.61 7.69 -31.10
C VAL A 983 -38.31 7.81 -32.45
N TYR A 984 -39.51 8.40 -32.44
CA TYR A 984 -40.27 8.66 -33.66
C TYR A 984 -39.49 9.50 -34.67
N THR A 985 -38.78 10.51 -34.15
CA THR A 985 -37.95 11.39 -34.97
C THR A 985 -36.84 10.61 -35.67
N SER A 986 -36.15 9.77 -34.92
CA SER A 986 -35.10 8.93 -35.49
C SER A 986 -35.66 7.90 -36.48
N TRP A 987 -36.93 7.53 -36.32
CA TRP A 987 -37.59 6.62 -37.26
C TRP A 987 -38.01 7.28 -38.59
N GLN A 988 -37.71 8.56 -38.73
CA GLN A 988 -37.95 9.30 -39.96
C GLN A 988 -36.69 9.30 -40.80
N GLY A 989 -35.62 8.68 -40.26
CA GLY A 989 -34.35 8.58 -40.96
C GLY A 989 -34.32 7.44 -41.96
N ASN A 990 -33.29 7.44 -42.79
CA ASN A 990 -33.15 6.45 -43.84
C ASN A 990 -31.66 6.19 -44.07
N PRO A 991 -31.04 5.39 -43.19
CA PRO A 991 -29.60 5.08 -43.30
C PRO A 991 -29.20 4.46 -44.64
N ILE A 992 -30.03 3.59 -45.21
CA ILE A 992 -29.74 3.02 -46.53
C ILE A 992 -29.70 4.12 -47.61
N LYS A 993 -30.62 5.08 -47.53
CA LYS A 993 -30.57 6.24 -48.43
C LYS A 993 -29.25 7.00 -48.26
N ASN A 994 -28.84 7.21 -47.01
CA ASN A 994 -27.55 7.85 -46.69
C ASN A 994 -26.37 7.08 -47.27
N VAL A 995 -26.38 5.76 -47.10
CA VAL A 995 -25.35 4.88 -47.68
C VAL A 995 -25.41 4.93 -49.22
N TYR A 996 -26.62 4.85 -49.77
CA TYR A 996 -26.81 4.93 -51.21
C TYR A 996 -26.17 6.19 -51.82
N GLU A 997 -26.46 7.35 -51.24
CA GLU A 997 -25.98 8.64 -51.76
C GLU A 997 -24.44 8.71 -51.82
N SER A 998 -23.79 8.12 -50.82
CA SER A 998 -22.34 8.02 -50.77
C SER A 998 -21.83 7.01 -51.81
N TYR A 999 -22.48 5.85 -51.88
CA TYR A 999 -22.08 4.79 -52.80
C TYR A 999 -22.32 5.16 -54.28
N ALA A 1000 -23.38 5.92 -54.55
CA ALA A 1000 -23.65 6.38 -55.92
C ALA A 1000 -22.56 7.33 -56.45
N LYS A 1001 -22.12 8.25 -55.60
CA LYS A 1001 -21.01 9.15 -55.94
C LYS A 1001 -19.71 8.37 -56.11
N PHE A 1002 -19.47 7.43 -55.20
CA PHE A 1002 -18.35 6.49 -55.32
C PHE A 1002 -18.35 5.81 -56.69
N MET A 1003 -19.52 5.33 -57.12
CA MET A 1003 -19.65 4.54 -58.33
C MET A 1003 -19.37 5.27 -59.64
N LYS A 1004 -19.54 6.59 -59.65
CA LYS A 1004 -19.23 7.37 -60.85
C LYS A 1004 -17.76 7.80 -60.92
N ASN A 1005 -17.03 7.65 -59.82
CA ASN A 1005 -15.64 8.09 -59.76
C ASN A 1005 -14.62 6.96 -59.59
N VAL A 1006 -15.08 5.79 -59.18
CA VAL A 1006 -14.20 4.66 -58.99
C VAL A 1006 -13.68 4.16 -60.34
N ASP A 1007 -12.43 3.71 -60.35
CA ASP A 1007 -11.86 3.00 -61.48
C ASP A 1007 -11.32 1.68 -60.96
N PHE A 1008 -12.08 0.61 -61.20
CA PHE A 1008 -11.72 -0.72 -60.72
C PHE A 1008 -10.44 -1.27 -61.35
N SER A 1009 -10.05 -0.73 -62.52
CA SER A 1009 -8.84 -1.17 -63.22
C SER A 1009 -7.58 -0.75 -62.47
N LYS A 1010 -7.66 0.39 -61.78
CA LYS A 1010 -6.53 0.95 -61.05
C LYS A 1010 -6.19 0.18 -59.76
N LEU A 1011 -7.09 -0.71 -59.35
CA LEU A 1011 -6.94 -1.45 -58.10
C LEU A 1011 -5.97 -2.62 -58.20
N SER A 1012 -5.30 -2.91 -57.09
CA SER A 1012 -4.36 -4.03 -56.99
C SER A 1012 -5.11 -5.37 -56.99
N PRO A 1013 -4.40 -6.46 -57.31
CA PRO A 1013 -5.01 -7.80 -57.26
C PRO A 1013 -5.60 -8.14 -55.90
N GLU A 1014 -4.95 -7.66 -54.84
CA GLU A 1014 -5.44 -7.81 -53.46
C GLU A 1014 -6.81 -7.17 -53.31
N ALA A 1015 -6.89 -5.87 -53.61
CA ALA A 1015 -8.14 -5.10 -53.52
C ALA A 1015 -9.26 -5.68 -54.38
N LEU A 1016 -8.90 -6.10 -55.59
CA LEU A 1016 -9.85 -6.64 -56.56
C LEU A 1016 -10.46 -7.95 -56.05
N GLU A 1017 -9.65 -8.75 -55.38
CA GLU A 1017 -10.06 -10.02 -54.78
C GLU A 1017 -11.05 -9.81 -53.63
N ALA A 1018 -10.76 -8.81 -52.79
CA ALA A 1018 -11.60 -8.46 -51.65
C ALA A 1018 -12.99 -7.98 -52.06
N ILE A 1019 -13.04 -7.18 -53.12
CA ILE A 1019 -14.30 -6.71 -53.70
C ILE A 1019 -15.08 -7.89 -54.29
N GLY A 1020 -14.36 -8.80 -54.96
CA GLY A 1020 -14.94 -10.02 -55.52
C GLY A 1020 -15.72 -10.83 -54.49
N LYS A 1021 -15.16 -10.97 -53.30
CA LYS A 1021 -15.83 -11.69 -52.19
C LYS A 1021 -17.19 -11.08 -51.83
N SER A 1022 -17.26 -9.75 -51.80
CA SER A 1022 -18.48 -9.04 -51.44
C SER A 1022 -19.47 -8.93 -52.61
N ALA A 1023 -18.97 -8.61 -53.80
CA ALA A 1023 -19.83 -8.33 -54.95
C ALA A 1023 -20.24 -9.57 -55.75
N LEU A 1024 -19.49 -10.66 -55.62
CA LEU A 1024 -19.72 -11.86 -56.43
C LEU A 1024 -19.96 -13.14 -55.62
N GLU A 1025 -20.69 -14.07 -56.24
CA GLU A 1025 -20.90 -15.42 -55.72
C GLU A 1025 -19.58 -16.20 -55.71
N TYR A 1026 -19.46 -17.16 -54.79
CA TYR A 1026 -18.24 -17.97 -54.62
C TYR A 1026 -17.71 -18.56 -55.92
N ASP A 1027 -18.63 -18.94 -56.80
CA ASP A 1027 -18.30 -19.62 -58.07
C ASP A 1027 -17.89 -18.66 -59.19
N GLN A 1028 -17.62 -17.40 -58.84
CA GLN A 1028 -17.28 -16.38 -59.83
C GLN A 1028 -16.04 -15.55 -59.46
N ARG A 1029 -15.50 -15.77 -58.26
CA ARG A 1029 -14.26 -15.11 -57.81
C ARG A 1029 -13.04 -15.67 -58.53
N GLU A 1030 -13.20 -16.83 -59.16
CA GLU A 1030 -12.13 -17.52 -59.87
C GLU A 1030 -11.46 -16.68 -60.97
N ASN A 1031 -12.20 -16.43 -62.04
CA ASN A 1031 -11.66 -15.78 -63.24
C ASN A 1031 -12.20 -14.36 -63.47
N ALA A 1032 -12.73 -13.76 -62.42
CA ALA A 1032 -13.40 -12.46 -62.51
C ALA A 1032 -12.54 -11.39 -63.19
N THR A 1033 -13.08 -10.78 -64.24
CA THR A 1033 -12.43 -9.64 -64.88
C THR A 1033 -12.72 -8.37 -64.07
N VAL A 1034 -12.00 -7.31 -64.38
CA VAL A 1034 -12.27 -5.99 -63.80
C VAL A 1034 -13.72 -5.58 -64.12
N ASP A 1035 -14.13 -5.80 -65.36
CA ASP A 1035 -15.45 -5.41 -65.86
C ASP A 1035 -16.59 -6.24 -65.26
N ASP A 1036 -16.25 -7.43 -64.76
CA ASP A 1036 -17.22 -8.29 -64.09
C ASP A 1036 -17.55 -7.76 -62.70
N ILE A 1037 -16.52 -7.39 -61.95
CA ILE A 1037 -16.70 -6.89 -60.59
C ILE A 1037 -17.21 -5.45 -60.57
N ALA A 1038 -16.99 -4.72 -61.66
CA ALA A 1038 -17.52 -3.37 -61.83
C ALA A 1038 -19.03 -3.37 -62.11
N ASN A 1039 -19.47 -4.34 -62.92
CA ASN A 1039 -20.89 -4.52 -63.22
C ASN A 1039 -21.65 -5.01 -61.99
N ALA A 1040 -20.97 -5.84 -61.19
CA ALA A 1040 -21.53 -6.39 -59.96
C ALA A 1040 -21.65 -5.32 -58.87
N ALA A 1041 -20.69 -4.40 -58.83
CA ALA A 1041 -20.71 -3.30 -57.89
C ALA A 1041 -21.83 -2.31 -58.18
N SER A 1042 -22.11 -2.08 -59.46
CA SER A 1042 -23.19 -1.18 -59.87
C SER A 1042 -24.58 -1.77 -59.64
N LEU A 1043 -24.66 -3.09 -59.55
CA LEU A 1043 -25.93 -3.78 -59.26
C LEU A 1043 -26.33 -3.56 -57.80
N ILE A 1044 -25.34 -3.45 -56.92
CA ILE A 1044 -25.56 -3.15 -55.51
C ILE A 1044 -26.09 -1.72 -55.34
N GLU A 1045 -25.59 -0.81 -56.17
CA GLU A 1045 -26.10 0.56 -56.22
C GLU A 1045 -27.60 0.61 -56.53
N ARG A 1046 -28.04 -0.21 -57.49
CA ARG A 1046 -29.44 -0.32 -57.88
C ARG A 1046 -30.29 -0.87 -56.73
N ASN A 1047 -29.76 -1.90 -56.07
CA ASN A 1047 -30.42 -2.55 -54.94
C ASN A 1047 -30.63 -1.60 -53.76
N LEU A 1048 -29.58 -0.85 -53.42
CA LEU A 1048 -29.63 0.21 -52.42
C LEU A 1048 -30.68 1.27 -52.73
N ARG A 1049 -30.72 1.69 -54.00
CA ARG A 1049 -31.66 2.72 -54.45
C ARG A 1049 -33.10 2.26 -54.23
N ASN A 1050 -33.38 1.02 -54.61
CA ASN A 1050 -34.71 0.44 -54.44
C ASN A 1050 -35.10 0.25 -52.97
N ILE A 1051 -34.15 -0.19 -52.14
CA ILE A 1051 -34.40 -0.33 -50.69
C ILE A 1051 -34.73 1.03 -50.09
N ALA A 1052 -33.87 2.02 -50.37
CA ALA A 1052 -34.02 3.39 -49.87
C ALA A 1052 -35.34 4.03 -50.26
N LEU A 1053 -35.80 3.73 -51.47
CA LEU A 1053 -37.10 4.17 -51.94
C LEU A 1053 -38.21 3.54 -51.10
N GLY A 1054 -38.11 2.23 -50.85
CA GLY A 1054 -39.10 1.52 -50.03
C GLY A 1054 -39.22 2.04 -48.61
N VAL A 1055 -38.08 2.23 -47.96
CA VAL A 1055 -38.01 2.75 -46.59
C VAL A 1055 -38.69 4.12 -46.54
N ASP A 1056 -38.40 4.94 -47.53
CA ASP A 1056 -38.98 6.28 -47.66
C ASP A 1056 -40.52 6.26 -47.69
N ILE A 1057 -41.08 5.37 -48.51
CA ILE A 1057 -42.53 5.23 -48.66
C ILE A 1057 -43.16 4.73 -47.36
N ARG A 1058 -42.57 3.68 -46.80
CA ARG A 1058 -43.04 3.07 -45.56
C ARG A 1058 -43.16 4.09 -44.42
N HIS A 1059 -42.12 4.92 -44.26
CA HIS A 1059 -42.11 5.93 -43.22
C HIS A 1059 -43.19 7.00 -43.43
N LYS A 1060 -43.41 7.37 -44.69
CA LYS A 1060 -44.45 8.35 -45.03
C LYS A 1060 -45.83 7.81 -44.75
N VAL A 1061 -46.05 6.56 -45.16
CA VAL A 1061 -47.32 5.85 -45.01
C VAL A 1061 -47.68 5.69 -43.53
N LEU A 1062 -46.68 5.34 -42.73
CA LEU A 1062 -46.83 5.12 -41.30
C LEU A 1062 -47.15 6.42 -40.56
N ASP A 1063 -46.57 7.53 -41.01
CA ASP A 1063 -46.87 8.88 -40.46
C ASP A 1063 -48.33 9.31 -40.65
N LYS A 1064 -49.02 8.71 -41.62
CA LYS A 1064 -50.42 9.03 -41.92
C LYS A 1064 -51.39 8.22 -41.05
N VAL A 1065 -50.87 7.20 -40.39
CA VAL A 1065 -51.69 6.30 -39.61
C VAL A 1065 -51.59 6.66 -38.13
N ASN A 1066 -52.59 6.27 -37.33
CA ASN A 1066 -52.55 6.57 -35.89
C ASN A 1066 -51.61 5.64 -35.12
N LEU A 1067 -50.60 6.25 -34.52
CA LEU A 1067 -49.49 5.53 -33.93
C LEU A 1067 -49.29 5.91 -32.46
N SER A 1068 -49.05 4.92 -31.62
CA SER A 1068 -48.63 5.15 -30.25
C SER A 1068 -47.23 4.56 -30.07
N ILE A 1069 -46.29 5.40 -29.67
CA ILE A 1069 -44.89 4.96 -29.55
C ILE A 1069 -44.45 4.91 -28.08
N ASP A 1070 -44.10 3.71 -27.64
CA ASP A 1070 -43.57 3.50 -26.30
C ASP A 1070 -42.37 2.51 -26.32
N GLN A 1071 -41.37 2.84 -27.12
CA GLN A 1071 -40.11 2.10 -27.19
C GLN A 1071 -39.24 2.34 -25.95
N MET A 1072 -39.23 3.58 -25.47
CA MET A 1072 -38.51 3.96 -24.25
C MET A 1072 -39.43 3.76 -23.06
N ALA A 1073 -39.51 2.52 -22.58
CA ALA A 1073 -40.57 2.11 -21.68
C ALA A 1073 -40.20 2.11 -20.19
N ALA A 1074 -41.25 2.10 -19.38
CA ALA A 1074 -41.22 1.96 -17.91
C ALA A 1074 -42.40 2.73 -17.33
N VAL A 1075 -42.51 3.99 -17.75
CA VAL A 1075 -43.41 4.98 -17.15
C VAL A 1075 -44.85 4.92 -17.66
N GLY A 1076 -45.01 4.58 -18.93
CA GLY A 1076 -46.32 4.56 -19.58
C GLY A 1076 -46.74 5.92 -20.11
N ALA A 1077 -45.79 6.63 -20.74
CA ALA A 1077 -46.08 7.91 -21.36
C ALA A 1077 -45.75 7.84 -22.86
N PRO A 1078 -46.66 7.25 -23.66
CA PRO A 1078 -46.36 7.06 -25.08
C PRO A 1078 -46.52 8.33 -25.90
N TYR A 1079 -45.68 8.49 -26.91
CA TYR A 1079 -45.85 9.56 -27.87
C TYR A 1079 -46.91 9.21 -28.90
N GLN A 1080 -47.85 10.13 -29.09
CA GLN A 1080 -48.90 9.99 -30.11
C GLN A 1080 -48.52 10.82 -31.33
N ASN A 1081 -48.42 10.18 -32.49
CA ASN A 1081 -48.10 10.89 -33.73
C ASN A 1081 -49.30 11.70 -34.28
N ASN A 1082 -50.49 11.38 -33.79
CA ASN A 1082 -51.75 11.98 -34.27
C ASN A 1082 -51.94 11.85 -35.79
N GLY A 1083 -51.78 10.63 -36.28
CA GLY A 1083 -52.04 10.30 -37.68
C GLY A 1083 -53.54 10.26 -37.88
N LYS A 1084 -53.99 10.78 -39.03
CA LYS A 1084 -55.41 11.01 -39.24
C LYS A 1084 -56.17 9.81 -39.76
N ILE A 1085 -55.46 8.85 -40.37
CA ILE A 1085 -56.06 7.59 -40.80
C ILE A 1085 -56.13 6.64 -39.61
N ASP A 1086 -57.35 6.25 -39.25
CA ASP A 1086 -57.61 5.44 -38.06
C ASP A 1086 -57.59 3.94 -38.39
N LEU A 1087 -56.60 3.22 -37.87
CA LEU A 1087 -56.52 1.77 -38.06
C LEU A 1087 -56.90 0.97 -36.80
N SER A 1088 -57.74 1.57 -35.95
CA SER A 1088 -58.23 0.87 -34.76
C SER A 1088 -59.21 -0.24 -35.14
N ASN A 1089 -59.37 -1.19 -34.22
CA ASN A 1089 -60.27 -2.33 -34.40
C ASN A 1089 -60.00 -3.17 -35.66
N MET A 1090 -58.72 -3.26 -36.03
CA MET A 1090 -58.29 -4.10 -37.16
C MET A 1090 -57.24 -5.10 -36.72
N THR A 1091 -57.30 -6.28 -37.34
CA THR A 1091 -56.26 -7.28 -37.19
C THR A 1091 -54.99 -6.79 -37.91
N PRO A 1092 -53.81 -7.34 -37.55
CA PRO A 1092 -52.60 -6.97 -38.29
C PRO A 1092 -52.72 -7.24 -39.79
N GLU A 1093 -53.45 -8.31 -40.15
CA GLU A 1093 -53.69 -8.66 -41.55
C GLU A 1093 -54.43 -7.53 -42.27
N GLN A 1094 -55.47 -6.99 -41.62
CA GLN A 1094 -56.19 -5.84 -42.14
C GLN A 1094 -55.33 -4.58 -42.23
N GLN A 1095 -54.55 -4.34 -41.17
CA GLN A 1095 -53.66 -3.18 -41.12
C GLN A 1095 -52.60 -3.23 -42.22
N ALA A 1096 -52.00 -4.41 -42.42
CA ALA A 1096 -51.00 -4.60 -43.47
C ALA A 1096 -51.60 -4.33 -44.86
N ASP A 1097 -52.83 -4.79 -45.08
CA ASP A 1097 -53.53 -4.58 -46.35
C ASP A 1097 -53.79 -3.09 -46.62
N GLU A 1098 -54.21 -2.36 -45.58
CA GLU A 1098 -54.47 -0.92 -45.72
C GLU A 1098 -53.20 -0.08 -45.90
N LEU A 1099 -52.15 -0.42 -45.16
CA LEU A 1099 -50.86 0.25 -45.30
C LEU A 1099 -50.29 0.03 -46.71
N ASN A 1100 -50.47 -1.18 -47.23
CA ASN A 1100 -50.03 -1.54 -48.58
C ASN A 1100 -50.82 -0.85 -49.68
N LYS A 1101 -52.07 -0.52 -49.38
CA LYS A 1101 -52.89 0.30 -50.28
C LYS A 1101 -52.33 1.74 -50.32
N LEU A 1102 -51.92 2.25 -49.16
CA LEU A 1102 -51.30 3.57 -49.08
C LEU A 1102 -49.90 3.59 -49.71
N PHE A 1103 -49.19 2.46 -49.60
CA PHE A 1103 -47.88 2.28 -50.23
C PHE A 1103 -48.00 2.38 -51.74
N ARG A 1104 -48.87 1.56 -52.34
CA ARG A 1104 -49.13 1.57 -53.78
C ARG A 1104 -49.61 2.93 -54.26
N GLU A 1105 -50.48 3.56 -53.47
CA GLU A 1105 -50.98 4.91 -53.76
C GLU A 1105 -49.83 5.91 -53.87
N GLU A 1106 -48.83 5.79 -52.99
CA GLU A 1106 -47.68 6.68 -52.98
C GLU A 1106 -46.65 6.31 -54.05
N LEU A 1107 -46.53 5.00 -54.30
CA LEU A 1107 -45.64 4.46 -55.32
C LEU A 1107 -46.11 4.91 -56.72
N GLU A 1108 -47.42 4.99 -56.91
CA GLU A 1108 -48.00 5.51 -58.15
C GLU A 1108 -47.88 7.03 -58.27
N ALA A 1109 -47.71 7.71 -57.14
CA ALA A 1109 -47.47 9.16 -57.13
C ALA A 1109 -46.07 9.50 -57.64
N ARG A 1110 -45.11 8.62 -57.39
CA ARG A 1110 -43.73 8.80 -57.88
C ARG A 1110 -43.65 8.58 -59.39
N LYS A 1111 -44.52 7.72 -59.90
CA LYS A 1111 -44.64 7.47 -61.34
C LYS A 1111 -45.04 8.74 -62.10
N GLN A 1112 -45.81 9.60 -61.42
CA GLN A 1112 -46.29 10.85 -62.00
C GLN A 1112 -45.76 12.06 -61.24
N THR C 17 54.53 -5.08 3.47
CA THR C 17 53.96 -3.72 3.21
C THR C 17 53.90 -3.37 1.71
N GLU C 18 54.98 -3.64 0.99
CA GLU C 18 55.05 -3.44 -0.47
C GLU C 18 54.21 -4.49 -1.20
N GLU C 19 54.17 -5.70 -0.63
CA GLU C 19 53.38 -6.82 -1.16
C GLU C 19 51.88 -6.52 -1.09
N LEU C 20 51.48 -5.85 0.00
CA LEU C 20 50.09 -5.40 0.21
C LEU C 20 49.71 -4.25 -0.72
N LYS C 21 50.66 -3.36 -0.99
CA LYS C 21 50.44 -2.24 -1.91
C LYS C 21 50.22 -2.71 -3.35
N GLU C 22 51.11 -3.58 -3.83
CA GLU C 22 51.03 -4.12 -5.19
C GLU C 22 49.78 -4.99 -5.38
N GLY C 23 49.33 -5.61 -4.28
CA GLY C 23 48.12 -6.43 -4.27
C GLY C 23 46.84 -5.66 -4.57
N ILE C 24 46.61 -4.57 -3.85
CA ILE C 24 45.40 -3.75 -4.06
C ILE C 24 45.44 -2.96 -5.38
N ASP C 25 46.65 -2.64 -5.85
CA ASP C 25 46.79 -2.03 -7.17
C ASP C 25 46.44 -3.02 -8.28
N ALA C 26 46.78 -4.30 -8.09
CA ALA C 26 46.42 -5.35 -9.04
C ALA C 26 44.90 -5.48 -9.21
N VAL C 27 44.17 -5.31 -8.11
CA VAL C 27 42.70 -5.41 -8.15
C VAL C 27 42.07 -4.11 -8.65
N TYR C 28 42.65 -2.97 -8.30
CA TYR C 28 42.16 -1.64 -8.72
C TYR C 28 43.24 -0.80 -9.40
N PRO C 29 43.71 -1.24 -10.59
CA PRO C 29 44.89 -0.57 -11.18
C PRO C 29 44.61 0.81 -11.80
N SER C 30 43.36 1.06 -12.18
CA SER C 30 43.01 2.26 -12.97
C SER C 30 42.41 3.44 -12.20
N LEU C 31 42.34 3.34 -10.87
CA LEU C 31 41.89 4.46 -10.05
C LEU C 31 42.83 5.66 -10.21
N VAL C 32 42.26 6.86 -10.26
CA VAL C 32 43.01 8.11 -10.45
C VAL C 32 44.00 8.37 -9.31
N GLY C 33 45.20 8.82 -9.66
CA GLY C 33 46.21 9.19 -8.66
C GLY C 33 47.17 8.08 -8.33
N THR C 34 48.18 8.37 -7.52
CA THR C 34 49.13 7.33 -7.11
C THR C 34 48.99 6.96 -5.64
N ALA C 35 49.15 5.66 -5.36
CA ALA C 35 49.09 5.13 -4.00
C ALA C 35 50.38 5.41 -3.23
N ASP C 36 50.67 6.68 -3.03
CA ASP C 36 51.87 7.12 -2.32
C ASP C 36 51.56 8.42 -1.60
N SER C 37 51.74 8.42 -0.28
CA SER C 37 51.48 9.60 0.55
C SER C 37 52.29 10.83 0.15
N LYS C 38 53.55 10.61 -0.25
CA LYS C 38 54.50 11.69 -0.50
C LYS C 38 54.58 12.15 -1.96
N ALA C 39 53.73 11.56 -2.81
CA ALA C 39 53.69 11.92 -4.24
C ALA C 39 53.24 13.36 -4.48
N GLU C 40 53.78 13.97 -5.53
CA GLU C 40 53.26 15.24 -6.05
C GLU C 40 52.05 14.89 -6.88
N GLY C 41 51.10 15.80 -6.97
CA GLY C 41 49.91 15.54 -7.77
C GLY C 41 48.85 14.77 -7.00
N ILE C 42 47.96 14.12 -7.75
CA ILE C 42 46.81 13.44 -7.15
C ILE C 42 47.24 12.13 -6.51
N LYS C 43 46.88 11.97 -5.24
CA LYS C 43 47.12 10.74 -4.51
C LYS C 43 45.82 9.96 -4.34
N ASN C 44 45.86 8.65 -4.57
CA ASN C 44 44.67 7.84 -4.38
C ASN C 44 44.56 7.29 -2.96
N TYR C 45 43.63 7.86 -2.19
CA TYR C 45 43.48 7.54 -0.78
C TYR C 45 42.64 6.29 -0.51
N PHE C 46 42.04 5.72 -1.55
CA PHE C 46 41.39 4.42 -1.41
C PHE C 46 42.44 3.32 -1.22
N LYS C 47 43.41 3.30 -2.13
CA LYS C 47 44.48 2.32 -2.13
C LYS C 47 45.44 2.52 -0.97
N LEU C 48 45.60 3.78 -0.56
CA LEU C 48 46.38 4.12 0.64
C LEU C 48 45.71 3.69 1.95
N SER C 49 44.38 3.55 1.93
CA SER C 49 43.61 3.30 3.16
C SER C 49 43.13 1.85 3.32
N PHE C 50 43.10 1.10 2.23
CA PHE C 50 42.59 -0.25 2.25
C PHE C 50 43.59 -1.27 1.72
N THR C 51 43.51 -2.50 2.24
CA THR C 51 44.31 -3.61 1.77
C THR C 51 43.41 -4.82 1.54
N LEU C 52 43.86 -5.75 0.72
CA LEU C 52 43.20 -7.04 0.59
C LEU C 52 43.38 -7.84 1.88
N PRO C 53 42.32 -8.52 2.33
CA PRO C 53 42.46 -9.36 3.53
C PRO C 53 43.11 -10.71 3.20
N GLU C 54 43.77 -11.31 4.19
CA GLU C 54 44.40 -12.62 4.03
C GLU C 54 43.40 -13.65 3.51
N GLU C 55 42.26 -13.77 4.20
CA GLU C 55 41.17 -14.64 3.77
C GLU C 55 40.05 -13.79 3.18
N GLN C 56 39.52 -14.23 2.04
CA GLN C 56 38.39 -13.60 1.35
C GLN C 56 37.21 -13.34 2.30
N LYS C 57 36.73 -12.09 2.28
CA LYS C 57 35.55 -11.69 3.06
C LYS C 57 34.35 -11.49 2.17
N SER C 58 34.59 -11.04 0.93
CA SER C 58 33.52 -10.75 -0.01
C SER C 58 33.79 -11.41 -1.36
N ARG C 59 32.76 -12.06 -1.90
CA ARG C 59 32.87 -12.79 -3.17
C ARG C 59 32.77 -11.86 -4.38
N THR C 60 32.55 -10.56 -4.15
CA THR C 60 32.47 -9.58 -5.23
C THR C 60 33.83 -8.94 -5.55
N VAL C 61 34.82 -9.15 -4.68
CA VAL C 61 36.17 -8.61 -4.90
C VAL C 61 36.83 -9.33 -6.08
N GLY C 62 37.30 -8.55 -7.05
CA GLY C 62 37.82 -9.09 -8.29
C GLY C 62 36.81 -9.11 -9.43
N SER C 63 35.54 -8.98 -9.10
CA SER C 63 34.48 -9.00 -10.11
C SER C 63 34.38 -7.68 -10.87
N GLU C 64 34.36 -7.75 -12.20
CA GLU C 64 34.19 -6.54 -13.01
C GLU C 64 32.75 -6.05 -13.14
N ALA C 65 31.79 -6.92 -12.85
CA ALA C 65 30.38 -6.54 -12.88
C ALA C 65 29.57 -7.17 -11.75
N PRO C 66 29.81 -6.72 -10.49
CA PRO C 66 29.13 -7.28 -9.31
C PRO C 66 27.60 -7.39 -9.39
N LEU C 67 26.91 -6.37 -9.90
CA LEU C 67 25.45 -6.42 -10.02
C LEU C 67 24.99 -7.57 -10.92
N LYS C 68 25.68 -7.78 -12.03
CA LYS C 68 25.37 -8.87 -12.96
C LYS C 68 25.75 -10.23 -12.40
N ASP C 69 26.92 -10.31 -11.77
CA ASP C 69 27.40 -11.56 -11.18
C ASP C 69 26.49 -12.09 -10.06
N VAL C 70 26.03 -11.19 -9.19
CA VAL C 70 25.13 -11.57 -8.10
C VAL C 70 23.71 -11.83 -8.62
N ALA C 71 23.28 -11.05 -9.60
CA ALA C 71 22.00 -11.29 -10.27
C ALA C 71 21.96 -12.71 -10.88
N GLN C 72 23.07 -13.10 -11.52
CA GLN C 72 23.22 -14.43 -12.12
C GLN C 72 23.23 -15.53 -11.06
N ALA C 73 23.89 -15.27 -9.95
CA ALA C 73 23.93 -16.18 -8.81
C ALA C 73 22.54 -16.35 -8.16
N LEU C 74 21.76 -15.28 -8.18
CA LEU C 74 20.39 -15.30 -7.62
C LEU C 74 19.32 -15.83 -8.59
N SER C 75 19.72 -16.21 -9.80
CA SER C 75 18.75 -16.61 -10.83
C SER C 75 18.24 -18.06 -10.68
N SER C 76 18.96 -18.86 -9.90
CA SER C 76 18.58 -20.25 -9.66
C SER C 76 19.23 -20.75 -8.38
N ARG C 77 18.63 -21.75 -7.77
CA ARG C 77 19.20 -22.42 -6.60
C ARG C 77 20.56 -23.01 -6.94
N ALA C 78 20.66 -23.64 -8.11
CA ALA C 78 21.91 -24.26 -8.59
C ALA C 78 23.04 -23.24 -8.70
N ARG C 79 22.77 -22.10 -9.34
CA ARG C 79 23.76 -21.02 -9.45
C ARG C 79 24.17 -20.44 -8.07
N TYR C 80 23.18 -20.27 -7.19
CA TYR C 80 23.40 -19.76 -5.84
C TYR C 80 24.32 -20.67 -5.03
N GLU C 81 24.03 -21.97 -5.08
CA GLU C 81 24.84 -22.98 -4.41
C GLU C 81 26.26 -22.99 -4.98
N LEU C 82 26.37 -22.74 -6.29
CA LEU C 82 27.65 -22.68 -6.99
C LEU C 82 28.47 -21.45 -6.63
N PHE C 83 27.79 -20.30 -6.50
CA PHE C 83 28.42 -19.03 -6.15
C PHE C 83 28.90 -19.00 -4.68
N THR C 84 28.09 -19.54 -3.79
CA THR C 84 28.39 -19.54 -2.35
C THR C 84 29.20 -20.77 -1.91
N GLU C 85 29.37 -21.71 -2.83
CA GLU C 85 30.14 -22.94 -2.59
C GLU C 85 29.57 -23.73 -1.40
N LYS C 86 28.25 -23.86 -1.36
CA LYS C 86 27.54 -24.61 -0.33
C LYS C 86 26.62 -25.67 -0.97
N GLU C 87 26.59 -26.86 -0.36
CA GLU C 87 25.83 -27.99 -0.92
C GLU C 87 24.38 -27.64 -1.22
N THR C 88 23.64 -27.25 -0.17
CA THR C 88 22.24 -26.87 -0.30
C THR C 88 22.06 -25.41 0.13
N ALA C 89 21.27 -24.67 -0.63
CA ALA C 89 20.86 -23.32 -0.27
C ALA C 89 19.65 -23.38 0.66
N ASN C 90 19.44 -22.32 1.43
CA ASN C 90 18.24 -22.18 2.26
C ASN C 90 17.00 -22.54 1.44
N PRO C 91 16.20 -23.53 1.89
CA PRO C 91 14.98 -23.91 1.16
C PRO C 91 13.94 -22.79 0.99
N ALA C 92 14.05 -21.70 1.75
CA ALA C 92 13.20 -20.52 1.54
C ALA C 92 13.52 -19.81 0.21
N PHE C 93 14.76 -19.97 -0.27
CA PHE C 93 15.17 -19.47 -1.57
C PHE C 93 14.57 -20.35 -2.67
N ASN C 94 13.29 -20.09 -2.97
CA ASN C 94 12.53 -20.88 -3.95
C ASN C 94 12.11 -20.05 -5.17
N GLY C 95 11.26 -20.63 -6.01
CA GLY C 95 10.83 -19.99 -7.27
C GLY C 95 10.18 -18.62 -7.15
N GLU C 96 9.35 -18.44 -6.13
CA GLU C 96 8.68 -17.16 -5.88
C GLU C 96 9.68 -16.07 -5.45
N VAL C 97 10.61 -16.45 -4.57
CA VAL C 97 11.61 -15.54 -4.02
C VAL C 97 12.61 -15.13 -5.09
N ILE C 98 13.02 -16.08 -5.93
CA ILE C 98 13.92 -15.85 -7.05
C ILE C 98 13.36 -14.78 -8.02
N LYS C 99 12.06 -14.84 -8.27
CA LYS C 99 11.38 -13.84 -9.08
C LYS C 99 11.49 -12.43 -8.48
N ARG C 100 11.34 -12.34 -7.16
CA ARG C 100 11.42 -11.06 -6.44
C ARG C 100 12.81 -10.46 -6.46
N TYR C 101 13.83 -11.32 -6.37
CA TYR C 101 15.22 -10.86 -6.42
C TYR C 101 15.64 -10.42 -7.82
N LYS C 102 15.04 -11.03 -8.85
CA LYS C 102 15.28 -10.62 -10.23
C LYS C 102 14.79 -9.18 -10.47
N GLU C 103 13.62 -8.85 -9.90
CA GLU C 103 13.06 -7.50 -9.96
C GLU C 103 13.92 -6.49 -9.18
N LEU C 104 14.37 -6.89 -7.99
CA LEU C 104 15.22 -6.05 -7.17
C LEU C 104 16.59 -5.78 -7.80
N MET C 105 17.13 -6.77 -8.50
CA MET C 105 18.40 -6.61 -9.21
C MET C 105 18.31 -5.58 -10.35
N GLU C 106 17.20 -5.59 -11.09
CA GLU C 106 16.92 -4.58 -12.12
C GLU C 106 16.76 -3.19 -11.50
N HIS C 107 16.09 -3.13 -10.36
CA HIS C 107 15.99 -1.90 -9.57
C HIS C 107 17.37 -1.37 -9.15
N GLY C 108 18.27 -2.29 -8.80
CA GLY C 108 19.67 -1.96 -8.49
C GLY C 108 20.42 -1.31 -9.65
N GLU C 109 20.04 -1.69 -10.87
CA GLU C 109 20.60 -1.12 -12.09
C GLU C 109 20.14 0.35 -12.29
N GLY C 110 18.90 0.63 -11.92
CA GLY C 110 18.39 1.99 -11.86
C GLY C 110 19.10 2.87 -10.84
N ILE C 111 19.39 2.32 -9.66
CA ILE C 111 20.13 3.05 -8.63
C ILE C 111 21.53 3.41 -9.11
N ALA C 112 22.23 2.45 -9.70
CA ALA C 112 23.57 2.67 -10.24
C ALA C 112 23.54 3.76 -11.32
N ASP C 113 22.48 3.74 -12.13
CA ASP C 113 22.29 4.77 -13.16
C ASP C 113 22.10 6.17 -12.58
N ILE C 114 21.31 6.27 -11.52
CA ILE C 114 21.17 7.54 -10.80
C ILE C 114 22.51 8.04 -10.27
N LEU C 115 23.30 7.12 -9.70
CA LEU C 115 24.60 7.43 -9.11
C LEU C 115 25.63 7.90 -10.15
N ARG C 116 25.57 7.33 -11.36
CA ARG C 116 26.47 7.69 -12.44
C ARG C 116 26.18 9.13 -12.91
N SER C 117 24.89 9.46 -12.94
CA SER C 117 24.45 10.79 -13.36
C SER C 117 24.73 11.86 -12.30
N ARG C 118 24.54 11.54 -11.02
CA ARG C 118 24.91 12.45 -9.93
C ARG C 118 26.41 12.83 -9.97
N LEU C 119 27.26 11.86 -10.31
CA LEU C 119 28.69 12.11 -10.50
C LEU C 119 29.02 13.07 -11.64
N ALA C 120 28.38 12.87 -12.80
CA ALA C 120 28.62 13.70 -13.98
C ALA C 120 28.24 15.16 -13.71
N LYS C 121 27.16 15.35 -12.97
CA LYS C 121 26.70 16.66 -12.55
C LYS C 121 27.70 17.34 -11.59
N PHE C 122 28.17 16.58 -10.60
CA PHE C 122 29.19 17.05 -9.65
C PHE C 122 30.50 17.49 -10.36
N LEU C 123 30.93 16.71 -11.34
CA LEU C 123 32.14 17.04 -12.11
C LEU C 123 31.95 18.25 -13.03
N ASN C 124 30.73 18.43 -13.54
CA ASN C 124 30.43 19.56 -14.40
C ASN C 124 30.26 20.88 -13.63
N THR C 125 29.58 20.81 -12.49
CA THR C 125 29.29 21.98 -11.66
C THR C 125 30.60 22.56 -11.10
N LYS C 126 30.78 23.86 -11.33
CA LYS C 126 31.97 24.60 -10.90
C LYS C 126 33.31 24.08 -11.46
N ASP C 127 33.24 23.46 -12.63
CA ASP C 127 34.40 22.88 -13.33
C ASP C 127 35.26 21.98 -12.44
N VAL C 128 34.62 21.35 -11.46
CA VAL C 128 35.31 20.50 -10.49
C VAL C 128 36.13 19.39 -11.16
N GLY C 129 35.55 18.78 -12.20
CA GLY C 129 36.24 17.75 -12.99
C GLY C 129 37.48 18.25 -13.72
N LYS C 130 37.36 19.41 -14.38
CA LYS C 130 38.49 20.00 -15.10
C LYS C 130 39.58 20.45 -14.14
N ARG C 131 39.17 21.00 -13.00
CA ARG C 131 40.10 21.44 -11.96
C ARG C 131 40.83 20.28 -11.30
N PHE C 132 40.12 19.17 -11.09
CA PHE C 132 40.68 17.93 -10.58
C PHE C 132 41.72 17.35 -11.56
N ALA C 133 41.37 17.34 -12.85
CA ALA C 133 42.29 16.97 -13.92
C ALA C 133 43.54 17.87 -13.99
N GLN C 134 43.41 19.14 -13.56
CA GLN C 134 44.52 20.10 -13.46
C GLN C 134 45.35 19.96 -12.18
N GLY C 135 44.94 19.05 -11.30
CA GLY C 135 45.71 18.78 -10.08
C GLY C 135 45.19 19.37 -8.78
N THR C 136 44.02 20.01 -8.80
CA THR C 136 43.41 20.40 -7.54
C THR C 136 43.01 19.11 -6.81
N GLU C 137 43.25 19.07 -5.50
CA GLU C 137 43.02 17.85 -4.71
C GLU C 137 41.58 17.79 -4.21
N ALA C 138 40.65 17.80 -5.17
CA ALA C 138 39.21 17.73 -4.91
C ALA C 138 38.84 16.44 -4.17
N ASN C 139 39.64 15.39 -4.37
CA ASN C 139 39.48 14.10 -3.70
C ASN C 139 39.81 14.12 -2.20
N ARG C 140 40.24 15.27 -1.70
CA ARG C 140 40.51 15.46 -0.27
C ARG C 140 39.46 16.38 0.41
N TRP C 141 38.54 16.93 -0.39
CA TRP C 141 37.44 17.74 0.14
C TRP C 141 36.45 16.84 0.88
N VAL C 142 35.69 17.43 1.79
CA VAL C 142 34.60 16.70 2.46
C VAL C 142 33.57 16.11 1.48
N GLY C 143 33.31 16.80 0.38
CA GLY C 143 32.34 16.32 -0.60
C GLY C 143 32.95 15.67 -1.84
N GLY C 144 34.26 15.46 -1.83
CA GLY C 144 34.95 14.94 -3.02
C GLY C 144 35.68 13.61 -2.84
N LYS C 145 35.48 12.95 -1.70
CA LYS C 145 36.19 11.71 -1.38
C LYS C 145 35.84 10.51 -2.30
N LEU C 146 34.69 10.56 -2.95
CA LEU C 146 34.33 9.55 -3.95
C LEU C 146 35.21 9.62 -5.20
N LEU C 147 35.91 10.73 -5.39
CA LEU C 147 36.87 10.84 -6.49
C LEU C 147 38.07 9.92 -6.32
N ASN C 148 38.22 9.30 -5.14
CA ASN C 148 39.23 8.27 -4.93
C ASN C 148 38.88 6.91 -5.54
N ILE C 149 37.62 6.75 -5.93
CA ILE C 149 37.14 5.52 -6.59
C ILE C 149 36.65 5.78 -8.03
N VAL C 150 37.14 6.86 -8.64
CA VAL C 150 36.85 7.13 -10.04
C VAL C 150 38.06 6.86 -10.92
N GLU C 151 37.80 6.69 -12.21
CA GLU C 151 38.82 6.45 -13.22
C GLU C 151 38.66 7.46 -14.34
N GLN C 152 39.77 7.79 -15.00
CA GLN C 152 39.71 8.71 -16.13
C GLN C 152 38.97 8.09 -17.32
N ASP C 153 38.09 8.87 -17.92
CA ASP C 153 37.33 8.46 -19.10
C ASP C 153 37.31 9.64 -20.08
N GLY C 154 38.20 9.60 -21.07
CA GLY C 154 38.36 10.71 -22.01
C GLY C 154 38.69 11.99 -21.27
N ASP C 155 37.88 13.03 -21.48
CA ASP C 155 38.06 14.32 -20.84
C ASP C 155 37.36 14.42 -19.47
N THR C 156 36.80 13.30 -19.00
CA THR C 156 36.11 13.30 -17.71
C THR C 156 36.51 12.09 -16.84
N PHE C 157 35.66 11.76 -15.89
CA PHE C 157 35.88 10.65 -14.98
C PHE C 157 34.60 9.85 -14.85
N LYS C 158 34.76 8.58 -14.47
CA LYS C 158 33.64 7.66 -14.30
C LYS C 158 33.95 6.81 -13.09
N TYR C 159 32.90 6.35 -12.40
CA TYR C 159 33.06 5.41 -11.29
C TYR C 159 33.79 4.14 -11.74
N ASN C 160 34.69 3.62 -10.91
CA ASN C 160 35.10 2.23 -10.98
C ASN C 160 33.84 1.42 -10.79
N GLU C 161 33.51 0.62 -11.80
CA GLU C 161 32.25 -0.12 -11.83
C GLU C 161 32.13 -1.19 -10.76
N GLN C 162 33.24 -1.83 -10.43
CA GLN C 162 33.27 -2.86 -9.38
C GLN C 162 32.92 -2.28 -8.01
N LEU C 163 33.50 -1.13 -7.66
CA LEU C 163 33.21 -0.50 -6.37
C LEU C 163 31.79 0.07 -6.27
N LEU C 164 31.32 0.68 -7.36
CA LEU C 164 29.97 1.26 -7.45
C LEU C 164 28.90 0.20 -7.29
N GLN C 165 29.01 -0.85 -8.10
CA GLN C 165 28.01 -1.91 -8.14
C GLN C 165 27.97 -2.72 -6.85
N THR C 166 29.11 -2.91 -6.20
CA THR C 166 29.17 -3.56 -4.89
C THR C 166 28.47 -2.73 -3.80
N ALA C 167 28.72 -1.41 -3.83
CA ALA C 167 28.04 -0.45 -2.96
C ALA C 167 26.52 -0.49 -3.13
N VAL C 168 26.06 -0.63 -4.38
CA VAL C 168 24.63 -0.73 -4.70
C VAL C 168 24.02 -1.99 -4.10
N LEU C 169 24.71 -3.13 -4.20
CA LEU C 169 24.26 -4.38 -3.55
C LEU C 169 24.10 -4.21 -2.04
N ALA C 170 25.01 -3.45 -1.42
CA ALA C 170 24.93 -3.13 0.00
C ALA C 170 23.72 -2.24 0.29
N GLY C 171 23.49 -1.25 -0.57
CA GLY C 171 22.31 -0.40 -0.47
C GLY C 171 20.99 -1.17 -0.58
N LEU C 172 20.96 -2.19 -1.44
CA LEU C 172 19.76 -3.01 -1.65
C LEU C 172 19.46 -3.86 -0.42
N GLN C 173 20.48 -4.48 0.13
CA GLN C 173 20.37 -5.24 1.37
C GLN C 173 19.91 -4.36 2.53
N TRP C 174 20.53 -3.18 2.63
CA TRP C 174 20.15 -2.17 3.62
C TRP C 174 18.67 -1.82 3.49
N ARG C 175 18.23 -1.58 2.25
CA ARG C 175 16.83 -1.25 1.97
C ARG C 175 15.86 -2.32 2.49
N LEU C 176 16.24 -3.59 2.32
CA LEU C 176 15.43 -4.75 2.72
C LEU C 176 15.36 -4.97 4.24
N THR C 177 16.46 -4.72 4.96
CA THR C 177 16.55 -5.17 6.36
C THR C 177 16.92 -4.12 7.43
N ALA C 178 17.31 -2.92 7.02
CA ALA C 178 17.77 -1.88 7.97
C ALA C 178 16.73 -1.50 9.06
N THR C 179 15.48 -1.29 8.65
CA THR C 179 14.41 -0.92 9.58
C THR C 179 14.28 -1.88 10.76
N SER C 180 14.45 -3.18 10.50
CA SER C 180 14.31 -4.20 11.55
C SER C 180 15.56 -4.34 12.41
N ASN C 181 16.54 -3.48 12.18
CA ASN C 181 17.77 -3.48 12.97
C ASN C 181 18.05 -2.13 13.66
N THR C 182 17.18 -1.16 13.43
CA THR C 182 17.33 0.15 14.07
C THR C 182 17.03 0.08 15.56
N ALA C 183 17.55 1.06 16.29
CA ALA C 183 17.25 1.21 17.72
C ALA C 183 15.85 1.79 17.90
N ILE C 184 15.26 1.53 19.07
CA ILE C 184 14.00 2.14 19.46
C ILE C 184 14.27 3.52 20.06
N LYS C 185 13.56 4.53 19.56
CA LYS C 185 13.72 5.90 20.07
C LYS C 185 12.67 6.21 21.13
N ASP C 186 13.15 6.55 22.33
CA ASP C 186 12.28 6.99 23.41
C ASP C 186 12.30 8.51 23.52
N ALA C 187 11.62 9.04 24.54
CA ALA C 187 11.55 10.50 24.76
C ALA C 187 12.92 11.13 24.97
N LYS C 188 13.79 10.45 25.71
CA LYS C 188 15.16 10.91 25.96
C LYS C 188 15.97 11.08 24.67
N ASP C 189 15.80 10.13 23.75
CA ASP C 189 16.49 10.15 22.46
C ASP C 189 16.06 11.37 21.63
N VAL C 190 14.74 11.58 21.56
CA VAL C 190 14.17 12.67 20.77
C VAL C 190 14.63 14.03 21.32
N ALA C 191 14.59 14.18 22.64
CA ALA C 191 15.08 15.40 23.31
C ALA C 191 16.50 15.75 22.90
N ALA C 192 17.38 14.75 22.96
CA ALA C 192 18.78 14.86 22.54
C ALA C 192 18.92 15.27 21.06
N ILE C 193 18.15 14.63 20.19
CA ILE C 193 18.16 14.94 18.75
C ILE C 193 17.65 16.36 18.47
N THR C 194 16.54 16.72 19.11
CA THR C 194 15.84 17.99 18.83
C THR C 194 16.39 19.19 19.59
N GLY C 195 16.92 18.96 20.78
CA GLY C 195 17.38 20.05 21.65
C GLY C 195 16.21 20.72 22.36
N ILE C 196 15.11 19.98 22.51
CA ILE C 196 13.91 20.42 23.21
C ILE C 196 13.82 19.62 24.51
N ASP C 197 13.56 20.32 25.62
CA ASP C 197 13.42 19.65 26.91
C ASP C 197 12.45 18.48 26.82
N GLN C 198 12.90 17.34 27.34
CA GLN C 198 12.16 16.08 27.26
C GLN C 198 10.69 16.21 27.68
N ALA C 199 10.45 17.01 28.72
CA ALA C 199 9.10 17.19 29.28
C ALA C 199 8.22 18.11 28.44
N LEU C 200 8.85 18.85 27.52
CA LEU C 200 8.16 19.83 26.68
C LEU C 200 7.94 19.35 25.24
N LEU C 201 8.23 18.08 24.98
CA LEU C 201 8.02 17.49 23.66
C LEU C 201 6.53 17.30 23.41
N PRO C 202 6.01 17.80 22.27
CA PRO C 202 4.62 17.54 21.92
C PRO C 202 4.40 16.07 21.58
N GLU C 203 3.17 15.59 21.78
CA GLU C 203 2.85 14.19 21.54
C GLU C 203 2.77 13.91 20.05
N GLY C 204 3.48 12.87 19.62
CA GLY C 204 3.55 12.52 18.21
C GLY C 204 4.88 12.87 17.59
N LEU C 205 5.61 13.79 18.21
CA LEU C 205 6.96 14.12 17.79
C LEU C 205 7.91 12.97 18.10
N VAL C 206 7.67 12.32 19.23
CA VAL C 206 8.48 11.17 19.66
C VAL C 206 8.24 9.98 18.73
N GLU C 207 7.00 9.76 18.35
CA GLU C 207 6.67 8.67 17.42
C GLU C 207 7.13 8.98 15.99
N GLN C 208 6.91 10.22 15.54
CA GLN C 208 7.46 10.71 14.27
C GLN C 208 8.96 10.47 14.18
N PHE C 209 9.68 10.78 15.26
CA PHE C 209 11.13 10.59 15.28
C PHE C 209 11.53 9.14 15.46
N ASP C 210 10.63 8.33 16.05
CA ASP C 210 10.88 6.90 16.19
C ASP C 210 10.72 6.14 14.86
N THR C 211 9.77 6.59 14.03
CA THR C 211 9.48 5.92 12.76
C THR C 211 10.49 6.24 11.64
N GLY C 212 11.36 7.20 11.88
CA GLY C 212 12.37 7.60 10.89
C GLY C 212 13.78 7.45 11.44
N MET C 213 14.75 7.53 10.54
CA MET C 213 16.15 7.53 10.94
C MET C 213 16.68 8.93 10.79
N THR C 214 17.54 9.35 11.72
CA THR C 214 18.32 10.56 11.52
C THR C 214 19.34 10.30 10.41
N LEU C 215 19.94 11.38 9.92
CA LEU C 215 20.97 11.30 8.89
C LEU C 215 22.11 10.38 9.30
N THR C 216 22.67 10.62 10.49
CA THR C 216 23.77 9.81 11.02
C THR C 216 23.38 8.33 11.20
N GLU C 217 22.14 8.11 11.62
CA GLU C 217 21.62 6.76 11.81
C GLU C 217 21.54 6.02 10.47
N ALA C 218 20.98 6.67 9.46
CA ALA C 218 20.85 6.11 8.11
C ALA C 218 22.20 5.94 7.40
N VAL C 219 23.06 6.96 7.49
CA VAL C 219 24.35 6.94 6.81
C VAL C 219 25.32 5.94 7.43
N SER C 220 25.38 5.90 8.75
CA SER C 220 26.24 4.93 9.47
C SER C 220 25.90 3.48 9.19
N SER C 221 24.59 3.15 9.18
CA SER C 221 24.10 1.81 8.81
C SER C 221 24.57 1.42 7.42
N LEU C 222 24.31 2.31 6.46
CA LEU C 222 24.67 2.07 5.06
C LEU C 222 26.17 1.91 4.87
N ALA C 223 26.94 2.78 5.53
CA ALA C 223 28.39 2.83 5.37
C ALA C 223 29.04 1.55 5.89
N GLN C 224 28.53 1.04 7.01
CA GLN C 224 28.97 -0.25 7.54
C GLN C 224 28.73 -1.39 6.52
N LYS C 225 27.55 -1.38 5.88
CA LYS C 225 27.19 -2.35 4.83
C LYS C 225 28.13 -2.29 3.62
N ILE C 226 28.38 -1.06 3.15
CA ILE C 226 29.23 -0.83 1.97
C ILE C 226 30.66 -1.31 2.23
N GLU C 227 31.22 -0.91 3.36
CA GLU C 227 32.59 -1.28 3.72
C GLU C 227 32.74 -2.79 3.88
N SER C 228 31.73 -3.41 4.51
CA SER C 228 31.65 -4.85 4.66
C SER C 228 31.66 -5.57 3.30
N TYR C 229 30.81 -5.13 2.38
CA TYR C 229 30.69 -5.76 1.06
C TYR C 229 31.90 -5.50 0.17
N TRP C 230 32.55 -4.35 0.35
CA TRP C 230 33.80 -4.07 -0.34
C TRP C 230 34.88 -5.08 0.08
N GLY C 231 34.77 -5.58 1.31
CA GLY C 231 35.51 -6.76 1.75
C GLY C 231 37.00 -6.57 1.85
N LEU C 232 37.42 -5.36 2.20
CA LEU C 232 38.83 -5.02 2.32
C LEU C 232 39.11 -4.74 3.78
N SER C 233 40.37 -4.57 4.13
CA SER C 233 40.75 -4.25 5.50
C SER C 233 41.27 -2.83 5.56
N ARG C 234 40.97 -2.15 6.66
CA ARG C 234 41.49 -0.80 6.89
C ARG C 234 42.97 -0.84 7.22
N ASN C 235 43.74 -0.01 6.53
CA ASN C 235 45.14 0.21 6.84
C ASN C 235 45.23 1.00 8.15
N PRO C 236 45.88 0.43 9.19
CA PRO C 236 45.98 1.11 10.49
C PRO C 236 46.87 2.37 10.46
N ASN C 237 47.61 2.56 9.37
CA ASN C 237 48.42 3.77 9.19
C ASN C 237 47.86 4.78 8.20
N ALA C 238 46.58 4.64 7.85
CA ALA C 238 45.89 5.61 7.01
C ALA C 238 44.95 6.48 7.85
N PRO C 239 44.79 7.77 7.47
CA PRO C 239 43.93 8.67 8.23
C PRO C 239 42.45 8.28 8.19
N LEU C 240 41.76 8.48 9.30
CA LEU C 240 40.35 8.11 9.43
C LEU C 240 39.44 8.88 8.51
N GLY C 241 39.88 10.07 8.08
CA GLY C 241 39.17 10.86 7.09
C GLY C 241 38.91 10.12 5.80
N TYR C 242 39.73 9.11 5.51
CA TYR C 242 39.56 8.29 4.30
C TYR C 242 39.07 6.87 4.57
N THR C 243 39.55 6.23 5.65
CA THR C 243 39.11 4.87 5.98
C THR C 243 37.63 4.84 6.37
N LYS C 244 37.19 5.86 7.10
CA LYS C 244 35.76 6.06 7.37
C LYS C 244 35.13 6.95 6.30
N GLY C 245 35.90 7.90 5.79
CA GLY C 245 35.37 8.94 4.92
C GLY C 245 34.85 8.46 3.60
N ILE C 246 35.58 7.54 2.97
CA ILE C 246 35.22 7.04 1.65
C ILE C 246 33.94 6.17 1.67
N PRO C 247 33.87 5.13 2.53
CA PRO C 247 32.59 4.41 2.65
C PRO C 247 31.38 5.30 3.05
N THR C 248 31.65 6.36 3.81
CA THR C 248 30.63 7.29 4.28
C THR C 248 30.15 8.22 3.16
N ALA C 249 31.08 8.69 2.32
CA ALA C 249 30.75 9.44 1.12
C ALA C 249 29.85 8.64 0.17
N MET C 250 30.16 7.36 0.00
CA MET C 250 29.40 6.43 -0.83
C MET C 250 28.00 6.21 -0.25
N ALA C 251 27.92 6.01 1.06
CA ALA C 251 26.64 5.86 1.76
C ALA C 251 25.75 7.09 1.55
N ALA C 252 26.34 8.28 1.71
CA ALA C 252 25.59 9.53 1.56
C ALA C 252 25.00 9.65 0.14
N GLU C 253 25.79 9.31 -0.88
CA GLU C 253 25.32 9.27 -2.26
C GLU C 253 24.20 8.24 -2.51
N ILE C 254 24.35 7.05 -1.94
CA ILE C 254 23.30 6.01 -2.07
C ILE C 254 22.01 6.41 -1.37
N LEU C 255 22.13 7.00 -0.18
CA LEU C 255 20.98 7.55 0.53
C LEU C 255 20.26 8.60 -0.32
N ALA C 256 21.04 9.50 -0.94
CA ALA C 256 20.50 10.52 -1.84
C ALA C 256 19.82 9.92 -3.09
N ALA C 257 20.42 8.86 -3.63
CA ALA C 257 19.84 8.12 -4.76
C ALA C 257 18.50 7.47 -4.37
N PHE C 258 18.44 6.94 -3.15
CA PHE C 258 17.21 6.31 -2.63
C PHE C 258 16.10 7.36 -2.40
N VAL C 259 16.47 8.59 -2.06
CA VAL C 259 15.50 9.68 -2.00
C VAL C 259 14.94 9.99 -3.41
N GLU C 260 15.80 10.01 -4.41
CA GLU C 260 15.39 10.26 -5.79
C GLU C 260 14.54 9.12 -6.36
N SER C 261 14.76 7.91 -5.86
CA SER C 261 14.09 6.73 -6.39
C SER C 261 12.81 6.39 -5.64
N THR C 262 12.54 7.13 -4.55
CA THR C 262 11.33 6.95 -3.76
C THR C 262 11.41 5.76 -2.77
N ASP C 263 12.55 5.06 -2.75
CA ASP C 263 12.78 3.98 -1.76
C ASP C 263 12.92 4.52 -0.34
N VAL C 264 13.37 5.77 -0.25
CA VAL C 264 13.51 6.47 1.01
C VAL C 264 12.79 7.79 0.87
N VAL C 265 12.04 8.18 1.91
CA VAL C 265 11.41 9.48 1.98
C VAL C 265 12.18 10.35 2.97
N GLU C 266 12.58 11.53 2.50
CA GLU C 266 13.30 12.51 3.32
C GLU C 266 12.34 13.60 3.78
N ASN C 267 12.29 13.84 5.08
CA ASN C 267 11.53 14.95 5.65
C ASN C 267 12.39 15.79 6.60
N ILE C 268 12.54 17.07 6.27
CA ILE C 268 13.28 18.00 7.11
C ILE C 268 12.32 18.65 8.11
N VAL C 269 12.43 18.27 9.37
CA VAL C 269 11.54 18.79 10.39
C VAL C 269 12.05 20.09 11.00
N ASP C 270 11.25 21.14 10.87
CA ASP C 270 11.55 22.46 11.38
C ASP C 270 11.16 22.59 12.86
N MET C 271 12.17 22.70 13.72
CA MET C 271 11.95 22.75 15.17
C MET C 271 11.34 24.06 15.68
N SER C 272 11.35 25.09 14.84
CA SER C 272 10.79 26.39 15.23
C SER C 272 9.27 26.34 15.34
N GLU C 273 8.66 25.34 14.69
CA GLU C 273 7.20 25.13 14.74
C GLU C 273 6.72 24.75 16.14
N ILE C 274 7.63 24.19 16.94
CA ILE C 274 7.34 23.84 18.33
C ILE C 274 7.84 24.95 19.25
N ASP C 275 9.16 25.16 19.26
CA ASP C 275 9.78 26.28 19.97
C ASP C 275 10.48 27.22 18.99
N PRO C 276 9.93 28.45 18.82
CA PRO C 276 10.48 29.41 17.85
C PRO C 276 11.93 29.82 18.15
N ASP C 277 12.39 29.54 19.37
CA ASP C 277 13.77 29.80 19.77
C ASP C 277 14.72 28.68 19.34
N ASN C 278 14.16 27.53 18.95
CA ASN C 278 14.96 26.41 18.46
C ASN C 278 15.20 26.54 16.95
N LYS C 279 16.47 26.74 16.59
CA LYS C 279 16.87 26.98 15.21
C LYS C 279 17.15 25.72 14.38
N LYS C 280 16.97 24.54 14.98
CA LYS C 280 17.32 23.29 14.31
C LYS C 280 16.32 22.87 13.24
N THR C 281 16.86 22.35 12.14
CA THR C 281 16.08 21.70 11.10
C THR C 281 16.69 20.31 10.93
N ILE C 282 15.87 19.29 11.16
CA ILE C 282 16.37 17.92 11.31
C ILE C 282 15.79 16.95 10.27
N GLY C 283 16.68 16.26 9.57
CA GLY C 283 16.27 15.29 8.57
C GLY C 283 15.79 14.00 9.18
N LEU C 284 14.70 13.47 8.64
CA LEU C 284 14.22 12.13 8.98
C LEU C 284 14.05 11.30 7.72
N TYR C 285 14.53 10.06 7.78
CA TYR C 285 14.55 9.18 6.61
C TYR C 285 13.79 7.90 6.90
N THR C 286 12.71 7.69 6.14
CA THR C 286 11.87 6.52 6.28
C THR C 286 11.98 5.64 5.05
N ILE C 287 12.40 4.39 5.26
CA ILE C 287 12.41 3.40 4.19
C ILE C 287 10.96 3.00 3.87
N THR C 288 10.60 3.10 2.60
CA THR C 288 9.32 2.62 2.12
C THR C 288 9.16 1.13 2.46
N GLU C 289 8.11 0.81 3.21
CA GLU C 289 7.81 -0.56 3.61
C GLU C 289 7.48 -1.45 2.41
N LEU C 290 7.97 -2.68 2.43
CA LEU C 290 7.52 -3.72 1.52
C LEU C 290 6.12 -4.17 1.96
N ASP C 291 5.34 -4.69 1.00
CA ASP C 291 4.08 -5.34 1.33
C ASP C 291 4.34 -6.53 2.23
N SER C 292 3.43 -6.77 3.18
CA SER C 292 3.55 -7.90 4.09
C SER C 292 3.47 -9.24 3.34
N PHE C 293 2.82 -9.22 2.19
CA PHE C 293 2.68 -10.39 1.32
C PHE C 293 3.79 -10.52 0.24
N ASP C 294 4.80 -9.65 0.29
CA ASP C 294 5.94 -9.78 -0.61
C ASP C 294 6.68 -11.08 -0.30
N PRO C 295 6.83 -11.96 -1.31
CA PRO C 295 7.57 -13.22 -1.08
C PRO C 295 8.99 -13.01 -0.56
N ILE C 296 9.60 -11.86 -0.87
CA ILE C 296 10.97 -11.55 -0.47
C ILE C 296 11.11 -11.44 1.06
N ASN C 297 10.01 -11.10 1.74
CA ASN C 297 9.94 -11.13 3.21
C ASN C 297 10.37 -12.47 3.81
N SER C 298 10.04 -13.55 3.10
CA SER C 298 10.36 -14.89 3.58
C SER C 298 11.84 -15.23 3.50
N PHE C 299 12.61 -14.48 2.71
CA PHE C 299 14.07 -14.65 2.69
C PHE C 299 14.78 -13.34 2.30
N PRO C 300 14.85 -12.38 3.25
CA PRO C 300 15.28 -11.02 2.93
C PRO C 300 16.80 -10.79 2.93
N THR C 301 17.57 -11.87 3.05
CA THR C 301 19.02 -11.78 3.23
C THR C 301 19.84 -12.60 2.21
N ALA C 302 19.31 -12.76 1.00
CA ALA C 302 19.97 -13.56 -0.05
C ALA C 302 21.18 -12.87 -0.66
N ILE C 303 21.09 -11.56 -0.87
CA ILE C 303 22.26 -10.72 -1.22
C ILE C 303 23.38 -10.85 -0.19
N GLU C 304 23.07 -10.62 1.09
CA GLU C 304 24.03 -10.76 2.19
C GLU C 304 24.75 -12.11 2.20
N GLU C 305 23.97 -13.19 2.18
CA GLU C 305 24.50 -14.55 2.31
C GLU C 305 25.25 -15.00 1.05
N ALA C 306 25.01 -14.32 -0.07
CA ALA C 306 25.74 -14.56 -1.31
C ALA C 306 27.02 -13.73 -1.44
N VAL C 307 27.00 -12.50 -0.91
CA VAL C 307 28.17 -11.62 -0.99
C VAL C 307 29.18 -11.94 0.11
N LEU C 308 28.71 -12.02 1.35
CA LEU C 308 29.60 -12.22 2.48
C LEU C 308 29.89 -13.70 2.76
N VAL C 309 31.17 -14.01 2.93
CA VAL C 309 31.62 -15.33 3.37
C VAL C 309 31.11 -15.59 4.80
N ASN C 310 31.12 -14.54 5.62
CA ASN C 310 30.57 -14.63 6.98
C ASN C 310 29.46 -13.59 7.20
N PRO C 311 28.22 -13.93 6.79
CA PRO C 311 27.12 -12.99 6.88
C PRO C 311 26.72 -12.75 8.34
N THR C 312 26.29 -11.54 8.65
CA THR C 312 25.76 -11.22 9.98
C THR C 312 24.24 -11.28 9.96
N GLU C 313 23.64 -10.84 8.86
CA GLU C 313 22.19 -10.84 8.70
C GLU C 313 21.70 -12.17 8.14
N LYS C 314 21.10 -12.97 9.01
CA LYS C 314 20.59 -14.30 8.68
C LYS C 314 19.89 -14.94 9.88
N MET C 315 19.10 -15.97 9.60
CA MET C 315 18.48 -16.77 10.64
C MET C 315 19.34 -18.00 10.92
N PHE C 316 19.44 -18.38 12.20
CA PHE C 316 20.27 -19.51 12.61
C PHE C 316 19.40 -20.74 12.89
N PHE C 317 19.55 -21.77 12.07
CA PHE C 317 18.75 -22.99 12.19
C PHE C 317 19.60 -24.20 12.54
N GLY C 318 19.06 -25.07 13.40
CA GLY C 318 19.65 -26.39 13.65
C GLY C 318 21.07 -26.33 14.18
N ASP C 319 22.00 -26.89 13.41
CA ASP C 319 23.41 -26.92 13.84
C ASP C 319 24.15 -25.60 13.58
N ASP C 320 23.53 -24.70 12.83
CA ASP C 320 24.10 -23.39 12.56
C ASP C 320 23.93 -22.49 13.77
N ILE C 321 24.96 -22.43 14.61
CA ILE C 321 24.90 -21.63 15.83
C ILE C 321 25.68 -20.32 15.63
N PRO C 322 25.11 -19.19 16.09
CA PRO C 322 25.83 -17.92 16.00
C PRO C 322 27.18 -17.94 16.73
N PRO C 323 28.18 -17.20 16.21
CA PRO C 323 29.45 -17.13 16.91
C PRO C 323 29.37 -16.19 18.12
N VAL C 324 30.33 -16.30 19.02
CA VAL C 324 30.34 -15.53 20.26
C VAL C 324 31.09 -14.21 20.07
N ALA C 325 30.38 -13.11 20.32
CA ALA C 325 30.93 -11.77 20.19
C ALA C 325 32.13 -11.57 21.10
N ASN C 326 33.17 -10.93 20.56
CA ASN C 326 34.40 -10.72 21.31
C ASN C 326 34.43 -9.43 22.14
N THR C 327 33.81 -8.38 21.63
CA THR C 327 33.78 -7.13 22.36
C THR C 327 32.36 -6.71 22.78
N GLN C 328 32.30 -5.90 23.82
CA GLN C 328 31.08 -5.31 24.35
C GLN C 328 30.41 -4.48 23.26
N LEU C 329 29.08 -4.53 23.23
CA LEU C 329 28.29 -3.83 22.23
C LEU C 329 28.64 -2.33 22.14
N ARG C 330 29.13 -1.93 20.96
CA ARG C 330 29.57 -0.56 20.67
C ARG C 330 30.62 0.00 21.63
N ASN C 331 31.40 -0.89 22.25
CA ASN C 331 32.54 -0.51 23.11
C ASN C 331 33.79 -1.31 22.71
N PRO C 332 34.41 -0.96 21.57
CA PRO C 332 35.53 -1.75 21.03
C PRO C 332 36.75 -1.87 21.94
N ALA C 333 36.89 -0.98 22.93
CA ALA C 333 38.00 -1.07 23.89
C ALA C 333 37.74 -2.12 24.98
N VAL C 334 36.52 -2.61 25.06
CA VAL C 334 36.14 -3.55 26.10
C VAL C 334 35.89 -4.93 25.52
N ARG C 335 36.73 -5.88 25.91
CA ARG C 335 36.54 -7.28 25.57
C ARG C 335 35.58 -7.94 26.57
N ASN C 336 34.62 -8.71 26.05
CA ASN C 336 33.80 -9.54 26.90
C ASN C 336 34.73 -10.47 27.66
N THR C 337 34.53 -10.55 28.98
CA THR C 337 35.33 -11.44 29.82
C THR C 337 35.08 -12.90 29.39
N PRO C 338 36.00 -13.82 29.73
CA PRO C 338 35.77 -15.26 29.53
C PRO C 338 34.44 -15.79 30.10
N GLU C 339 34.02 -15.31 31.28
CA GLU C 339 32.75 -15.75 31.87
C GLU C 339 31.56 -15.19 31.10
N GLN C 340 31.67 -13.93 30.68
CA GLN C 340 30.65 -13.31 29.82
C GLN C 340 30.49 -14.02 28.48
N LYS C 341 31.60 -14.44 27.87
CA LYS C 341 31.56 -15.18 26.61
C LYS C 341 30.90 -16.56 26.76
N ALA C 342 31.17 -17.23 27.87
CA ALA C 342 30.53 -18.51 28.19
C ALA C 342 29.01 -18.37 28.35
N ALA C 343 28.58 -17.27 28.98
CA ALA C 343 27.16 -16.97 29.15
C ALA C 343 26.50 -16.73 27.79
N LEU C 344 27.12 -15.91 26.95
CA LEU C 344 26.62 -15.67 25.59
C LEU C 344 26.50 -16.99 24.82
N LYS C 345 27.53 -17.83 24.92
CA LYS C 345 27.54 -19.16 24.29
C LYS C 345 26.38 -20.04 24.77
N ALA C 346 26.13 -20.02 26.08
CA ALA C 346 25.02 -20.75 26.68
C ALA C 346 23.65 -20.28 26.16
N GLU C 347 23.46 -18.96 26.07
CA GLU C 347 22.18 -18.42 25.57
C GLU C 347 21.99 -18.64 24.07
N GLN C 348 23.08 -18.60 23.32
CA GLN C 348 23.01 -18.81 21.86
C GLN C 348 22.80 -20.28 21.48
N ALA C 349 23.04 -21.20 22.42
CA ALA C 349 22.89 -22.64 22.20
C ALA C 349 21.44 -23.11 22.39
N THR C 350 20.66 -22.30 23.10
CA THR C 350 19.26 -22.59 23.36
C THR C 350 18.45 -22.66 22.07
N GLU C 351 17.63 -23.71 21.96
CA GLU C 351 16.77 -23.90 20.80
C GLU C 351 15.38 -23.29 21.05
N PHE C 352 14.93 -22.53 20.07
CA PHE C 352 13.60 -21.95 20.11
C PHE C 352 12.75 -22.67 19.07
N TYR C 353 11.48 -22.86 19.39
CA TYR C 353 10.56 -23.53 18.48
C TYR C 353 9.28 -22.74 18.31
N VAL C 354 8.78 -22.73 17.08
CA VAL C 354 7.47 -22.15 16.77
C VAL C 354 6.35 -22.92 17.47
N HIS C 355 5.45 -22.19 18.13
CA HIS C 355 4.23 -22.77 18.69
C HIS C 355 3.08 -22.59 17.72
N THR C 356 2.81 -23.64 16.96
CA THR C 356 1.81 -23.64 15.88
C THR C 356 0.42 -23.13 16.30
N PRO C 357 -0.15 -23.61 17.43
CA PRO C 357 -1.48 -23.13 17.82
C PRO C 357 -1.60 -21.60 17.99
N MET C 358 -0.60 -20.97 18.60
CA MET C 358 -0.59 -19.50 18.76
C MET C 358 -0.46 -18.79 17.41
N VAL C 359 0.43 -19.30 16.57
CA VAL C 359 0.59 -18.80 15.20
C VAL C 359 -0.75 -18.90 14.45
N GLN C 360 -1.43 -20.04 14.60
CA GLN C 360 -2.72 -20.26 13.95
C GLN C 360 -3.77 -19.29 14.44
N PHE C 361 -3.80 -19.07 15.75
CA PHE C 361 -4.70 -18.12 16.37
C PHE C 361 -4.49 -16.68 15.86
N TYR C 362 -3.22 -16.24 15.83
CA TYR C 362 -2.88 -14.92 15.27
C TYR C 362 -3.35 -14.78 13.82
N GLU C 363 -3.07 -15.80 13.00
CA GLU C 363 -3.47 -15.88 11.59
C GLU C 363 -4.98 -15.76 11.42
N THR C 364 -5.72 -16.52 12.21
CA THR C 364 -7.19 -16.60 12.11
C THR C 364 -7.84 -15.30 12.55
N LEU C 365 -7.39 -14.74 13.68
CA LEU C 365 -7.77 -13.38 14.06
C LEU C 365 -7.40 -12.41 12.97
N GLY C 366 -6.15 -12.48 12.51
CA GLY C 366 -5.64 -11.59 11.49
C GLY C 366 -5.16 -10.27 12.06
N LYS C 367 -4.47 -9.49 11.23
CA LYS C 367 -3.83 -8.24 11.65
C LYS C 367 -4.80 -7.19 12.19
N ASP C 368 -5.91 -6.98 11.49
CA ASP C 368 -6.91 -5.97 11.86
C ASP C 368 -7.53 -6.20 13.24
N ARG C 369 -7.83 -7.46 13.57
CA ARG C 369 -8.43 -7.79 14.86
C ARG C 369 -7.42 -7.86 16.00
N ILE C 370 -6.17 -8.13 15.65
CA ILE C 370 -5.05 -8.07 16.59
C ILE C 370 -4.84 -6.62 17.00
N LEU C 371 -4.89 -5.73 16.02
CA LEU C 371 -4.79 -4.28 16.26
C LEU C 371 -5.97 -3.76 17.09
N GLU C 372 -7.17 -4.23 16.77
CA GLU C 372 -8.38 -3.84 17.49
C GLU C 372 -8.32 -4.32 18.95
N LEU C 373 -7.84 -5.55 19.15
CA LEU C 373 -7.78 -6.12 20.48
C LEU C 373 -6.59 -5.59 21.29
N MET C 374 -5.40 -5.59 20.67
CA MET C 374 -4.17 -5.29 21.39
C MET C 374 -3.57 -3.92 21.10
N GLY C 375 -4.02 -3.30 20.02
CA GLY C 375 -3.58 -1.95 19.68
C GLY C 375 -4.71 -0.97 19.88
N ALA C 376 -4.83 -0.02 18.97
CA ALA C 376 -5.85 1.02 19.04
C ALA C 376 -7.02 0.73 18.10
N GLY C 377 -6.80 -0.18 17.15
CA GLY C 377 -7.79 -0.51 16.13
C GLY C 377 -7.87 0.57 15.07
N THR C 378 -8.99 0.61 14.36
CA THR C 378 -9.21 1.60 13.30
C THR C 378 -9.46 2.98 13.89
N LEU C 379 -8.77 3.98 13.36
CA LEU C 379 -8.83 5.34 13.90
C LEU C 379 -9.66 6.29 13.05
N ASN C 380 -10.70 6.85 13.67
CA ASN C 380 -11.51 7.89 13.04
C ASN C 380 -11.02 9.25 13.52
N LYS C 381 -10.28 9.95 12.66
CA LYS C 381 -9.65 11.23 13.00
C LYS C 381 -10.62 12.27 13.57
N GLU C 382 -11.82 12.35 13.00
CA GLU C 382 -12.79 13.38 13.37
C GLU C 382 -13.38 13.21 14.78
N LEU C 383 -13.14 12.05 15.39
CA LEU C 383 -13.59 11.80 16.76
C LEU C 383 -12.40 11.61 17.72
N LEU C 384 -11.23 12.08 17.29
CA LEU C 384 -10.01 12.00 18.09
C LEU C 384 -9.32 13.35 18.27
N ASN C 385 -8.81 13.60 19.47
CA ASN C 385 -7.96 14.76 19.73
C ASN C 385 -6.64 14.60 18.97
N ASP C 386 -6.18 15.70 18.38
CA ASP C 386 -4.96 15.72 17.56
C ASP C 386 -3.75 15.05 18.20
N ASN C 387 -3.56 15.30 19.50
CA ASN C 387 -2.45 14.73 20.26
C ASN C 387 -2.68 13.26 20.60
N HIS C 388 -3.92 12.95 20.98
CA HIS C 388 -4.31 11.57 21.30
C HIS C 388 -4.15 10.66 20.08
N ALA C 389 -4.61 11.13 18.91
CA ALA C 389 -4.53 10.39 17.65
C ALA C 389 -3.11 9.96 17.31
N LYS C 390 -2.15 10.85 17.55
CA LYS C 390 -0.74 10.59 17.27
C LYS C 390 -0.16 9.48 18.15
N SER C 391 -0.60 9.43 19.41
CA SER C 391 -0.25 8.34 20.33
C SER C 391 -0.81 6.98 19.86
N LEU C 392 -2.09 6.96 19.50
CA LEU C 392 -2.75 5.75 19.01
C LEU C 392 -2.08 5.18 17.74
N GLU C 393 -1.61 6.08 16.88
CA GLU C 393 -0.83 5.69 15.69
C GLU C 393 0.42 4.90 16.08
N GLY C 394 1.13 5.39 17.08
CA GLY C 394 2.35 4.73 17.58
C GLY C 394 2.07 3.38 18.21
N LYS C 395 0.96 3.30 18.93
CA LYS C 395 0.51 2.04 19.55
C LYS C 395 0.23 0.99 18.47
N ASN C 396 -0.51 1.40 17.43
CA ASN C 396 -0.82 0.55 16.29
C ASN C 396 0.41 0.05 15.55
N ARG C 397 1.29 0.97 15.15
CA ARG C 397 2.44 0.61 14.31
C ARG C 397 3.39 -0.37 14.99
N SER C 398 3.52 -0.26 16.31
CA SER C 398 4.36 -1.19 17.07
C SER C 398 3.77 -2.62 17.09
N VAL C 399 2.45 -2.70 17.20
CA VAL C 399 1.75 -3.99 17.16
C VAL C 399 1.77 -4.53 15.73
N GLU C 400 1.56 -3.65 14.76
CA GLU C 400 1.57 -4.01 13.34
C GLU C 400 2.93 -4.57 12.92
N ASP C 401 4.00 -3.86 13.32
CA ASP C 401 5.36 -4.23 12.93
C ASP C 401 5.84 -5.55 13.52
N SER C 402 5.56 -5.79 14.79
CA SER C 402 5.91 -7.07 15.41
C SER C 402 5.06 -8.24 14.87
N TYR C 403 3.83 -7.94 14.45
CA TYR C 403 3.00 -8.91 13.73
C TYR C 403 3.61 -9.27 12.37
N ASN C 404 3.90 -8.25 11.56
CA ASN C 404 4.54 -8.44 10.26
C ASN C 404 5.88 -9.14 10.35
N GLN C 405 6.66 -8.75 11.35
CA GLN C 405 7.96 -9.34 11.58
C GLN C 405 7.87 -10.82 11.96
N LEU C 406 6.92 -11.17 12.83
CA LEU C 406 6.71 -12.56 13.23
C LEU C 406 6.41 -13.44 12.02
N PHE C 407 5.48 -13.00 11.17
CA PHE C 407 5.04 -13.84 10.07
C PHE C 407 6.02 -13.96 8.90
N SER C 408 6.90 -13.00 8.72
CA SER C 408 7.98 -13.17 7.75
C SER C 408 9.02 -14.16 8.29
N VAL C 409 9.13 -14.23 9.61
CA VAL C 409 9.98 -15.22 10.28
C VAL C 409 9.38 -16.64 10.16
N ILE C 410 8.08 -16.75 10.43
CA ILE C 410 7.33 -18.00 10.32
C ILE C 410 7.44 -18.59 8.90
N GLU C 411 7.29 -17.73 7.90
CA GLU C 411 7.48 -18.06 6.50
C GLU C 411 8.83 -18.73 6.21
N GLN C 412 9.92 -18.17 6.74
CA GLN C 412 11.24 -18.76 6.52
C GLN C 412 11.42 -20.09 7.25
N VAL C 413 10.98 -20.15 8.51
CA VAL C 413 11.01 -21.36 9.32
C VAL C 413 10.21 -22.49 8.64
N ARG C 414 9.03 -22.16 8.12
CA ARG C 414 8.15 -23.11 7.48
C ARG C 414 8.80 -23.81 6.27
N ALA C 415 9.72 -23.11 5.61
CA ALA C 415 10.42 -23.66 4.46
C ALA C 415 11.49 -24.69 4.83
N GLN C 416 11.93 -24.69 6.09
CA GLN C 416 13.08 -25.49 6.50
C GLN C 416 12.80 -26.99 6.55
N SER C 417 11.58 -27.36 6.93
CA SER C 417 11.17 -28.76 6.99
C SER C 417 9.66 -28.86 6.84
N GLU C 418 9.14 -30.09 6.83
CA GLU C 418 7.68 -30.28 6.71
C GLU C 418 6.96 -30.02 8.04
N ASP C 419 7.63 -30.26 9.16
CA ASP C 419 7.05 -29.96 10.48
C ASP C 419 7.73 -28.74 11.12
N ILE C 420 7.03 -27.61 11.06
CA ILE C 420 7.54 -26.33 11.57
C ILE C 420 7.94 -26.37 13.06
N SER C 421 7.24 -27.15 13.88
CA SER C 421 7.52 -27.20 15.32
C SER C 421 8.77 -28.00 15.71
N THR C 422 9.43 -28.60 14.72
CA THR C 422 10.68 -29.34 14.95
C THR C 422 11.93 -28.55 14.55
N VAL C 423 11.71 -27.43 13.86
CA VAL C 423 12.82 -26.60 13.36
C VAL C 423 13.43 -25.76 14.48
N PRO C 424 14.67 -26.09 14.90
CA PRO C 424 15.25 -25.35 16.01
C PRO C 424 15.84 -24.02 15.52
N ILE C 425 15.56 -22.95 16.25
CA ILE C 425 16.02 -21.60 15.90
C ILE C 425 16.94 -21.11 17.02
N HIS C 426 18.09 -20.57 16.61
CA HIS C 426 18.99 -19.94 17.55
C HIS C 426 18.99 -18.42 17.37
N TYR C 427 19.32 -17.71 18.44
CA TYR C 427 19.40 -16.26 18.41
C TYR C 427 20.77 -15.78 18.86
N ALA C 428 21.27 -14.77 18.16
CA ALA C 428 22.52 -14.14 18.54
C ALA C 428 22.30 -13.15 19.68
N TYR C 429 23.26 -13.06 20.59
CA TYR C 429 23.23 -12.13 21.70
C TYR C 429 24.56 -11.37 21.80
N ASN C 430 24.54 -10.17 22.38
CA ASN C 430 25.78 -9.54 22.85
C ASN C 430 25.60 -8.93 24.24
N MET C 431 26.71 -8.60 24.87
CA MET C 431 26.74 -7.96 26.16
C MET C 431 26.76 -6.45 25.95
N THR C 432 25.83 -5.76 26.61
CA THR C 432 25.76 -4.30 26.52
C THR C 432 26.71 -3.68 27.55
N ARG C 433 26.81 -2.36 27.50
CA ARG C 433 27.61 -1.54 28.42
C ARG C 433 27.31 -1.84 29.88
N VAL C 434 26.05 -2.14 30.17
CA VAL C 434 25.59 -2.38 31.54
C VAL C 434 25.55 -3.88 31.91
N GLY C 435 26.20 -4.71 31.10
CA GLY C 435 26.33 -6.13 31.40
C GLY C 435 25.07 -6.95 31.20
N ARG C 436 24.16 -6.48 30.36
CA ARG C 436 22.99 -7.26 30.03
C ARG C 436 23.22 -8.09 28.76
N MET C 437 22.63 -9.29 28.74
CA MET C 437 22.66 -10.14 27.56
C MET C 437 21.45 -9.83 26.70
N GLN C 438 21.69 -9.10 25.61
CA GLN C 438 20.63 -8.60 24.77
C GLN C 438 20.60 -9.39 23.47
N MET C 439 19.42 -9.91 23.14
CA MET C 439 19.18 -10.62 21.90
C MET C 439 19.14 -9.60 20.75
N LEU C 440 19.97 -9.83 19.73
CA LEU C 440 20.04 -8.94 18.56
C LEU C 440 18.70 -8.77 17.85
N GLY C 441 18.46 -7.58 17.30
CA GLY C 441 17.27 -7.32 16.48
C GLY C 441 16.12 -6.70 17.23
N LYS C 442 15.29 -5.97 16.49
CA LYS C 442 14.20 -5.18 17.02
C LYS C 442 13.06 -6.01 17.64
N TYR C 443 12.60 -7.04 16.93
CA TYR C 443 11.45 -7.85 17.36
C TYR C 443 11.79 -9.35 17.41
N ASN C 444 12.25 -9.79 18.58
CA ASN C 444 12.57 -11.18 18.84
C ASN C 444 11.79 -11.57 20.12
N PRO C 445 11.89 -12.83 20.58
CA PRO C 445 11.15 -13.23 21.79
C PRO C 445 11.49 -12.42 23.06
N GLN C 446 12.74 -11.97 23.18
CA GLN C 446 13.14 -11.20 24.37
C GLN C 446 12.51 -9.81 24.38
N SER C 447 12.46 -9.16 23.21
CA SER C 447 12.03 -7.77 23.09
C SER C 447 10.56 -7.56 22.74
N ALA C 448 9.91 -8.59 22.20
CA ALA C 448 8.55 -8.43 21.67
C ALA C 448 7.60 -9.47 22.24
N LYS C 449 6.56 -9.00 22.91
CA LYS C 449 5.60 -9.86 23.59
C LYS C 449 4.75 -10.68 22.62
N LEU C 450 4.36 -10.08 21.49
CA LEU C 450 3.64 -10.82 20.44
C LEU C 450 4.50 -12.03 20.00
N VAL C 451 5.78 -11.78 19.73
CA VAL C 451 6.71 -12.82 19.30
C VAL C 451 6.99 -13.86 20.39
N ARG C 452 7.10 -13.40 21.63
CA ARG C 452 7.39 -14.24 22.80
C ARG C 452 6.39 -15.39 23.00
N GLU C 453 5.15 -15.21 22.55
CA GLU C 453 4.12 -16.22 22.74
C GLU C 453 3.99 -17.20 21.58
N ALA C 454 4.84 -17.04 20.57
CA ALA C 454 4.75 -17.84 19.35
C ALA C 454 6.04 -18.62 19.08
N ILE C 455 7.16 -18.08 19.56
CA ILE C 455 8.47 -18.69 19.40
C ILE C 455 9.09 -18.78 20.79
N LEU C 456 9.26 -20.00 21.29
CA LEU C 456 9.74 -20.17 22.66
C LEU C 456 10.63 -21.39 22.91
N PRO C 457 11.52 -21.30 23.93
CA PRO C 457 12.43 -22.39 24.24
C PRO C 457 11.86 -23.34 25.29
N THR C 458 10.81 -22.89 25.97
CA THR C 458 10.21 -23.62 27.06
C THR C 458 9.37 -24.78 26.54
N LYS C 459 9.46 -25.91 27.21
CA LYS C 459 8.76 -27.13 26.82
C LYS C 459 8.49 -27.94 28.07
N ALA C 460 7.34 -28.61 28.09
CA ALA C 460 7.03 -29.51 29.20
C ALA C 460 6.05 -30.61 28.79
N THR C 461 6.25 -31.78 29.36
CA THR C 461 5.30 -32.89 29.27
C THR C 461 4.72 -33.12 30.66
N LEU C 462 3.41 -32.92 30.79
CA LEU C 462 2.76 -32.94 32.08
C LEU C 462 1.63 -33.95 32.12
N ASP C 463 1.47 -34.60 33.26
CA ASP C 463 0.34 -35.48 33.49
C ASP C 463 -0.77 -34.65 34.12
N LEU C 464 -1.74 -34.26 33.30
CA LEU C 464 -2.85 -33.42 33.74
C LEU C 464 -4.17 -34.16 33.95
N SER C 465 -4.12 -35.49 33.93
CA SER C 465 -5.32 -36.32 34.13
C SER C 465 -5.85 -36.26 35.57
N ASN C 466 -4.97 -36.01 36.53
CA ASN C 466 -5.37 -35.78 37.93
C ASN C 466 -5.04 -34.36 38.36
N GLN C 467 -6.03 -33.65 38.88
CA GLN C 467 -5.83 -32.24 39.26
C GLN C 467 -5.29 -32.06 40.68
N ASN C 468 -5.03 -33.16 41.37
CA ASN C 468 -4.48 -33.10 42.72
C ASN C 468 -2.96 -33.18 42.77
N ASN C 469 -2.35 -33.58 41.65
CA ASN C 469 -0.91 -33.81 41.60
C ASN C 469 -0.12 -32.57 41.20
N GLU C 470 1.19 -32.62 41.44
CA GLU C 470 2.06 -31.45 41.27
C GLU C 470 2.13 -30.91 39.84
N ASP C 471 2.04 -31.79 38.85
CA ASP C 471 2.04 -31.37 37.43
C ASP C 471 0.91 -30.39 37.12
N PHE C 472 -0.28 -30.66 37.63
CA PHE C 472 -1.44 -29.79 37.39
C PHE C 472 -1.33 -28.46 38.17
N SER C 473 -0.69 -28.53 39.34
CA SER C 473 -0.43 -27.32 40.13
C SER C 473 0.52 -26.40 39.39
N ALA C 474 1.52 -26.99 38.71
CA ALA C 474 2.48 -26.26 37.89
C ALA C 474 1.81 -25.57 36.70
N PHE C 475 0.91 -26.30 36.04
CA PHE C 475 0.07 -25.81 34.96
C PHE C 475 -0.79 -24.61 35.41
N GLN C 476 -1.44 -24.76 36.56
CA GLN C 476 -2.22 -23.69 37.18
C GLN C 476 -1.39 -22.42 37.44
N LEU C 477 -0.21 -22.59 38.04
CA LEU C 477 0.70 -21.47 38.29
C LEU C 477 0.98 -20.65 37.01
N GLY C 478 1.28 -21.35 35.92
CA GLY C 478 1.50 -20.72 34.62
C GLY C 478 0.30 -19.96 34.09
N LEU C 479 -0.88 -20.57 34.19
CA LEU C 479 -2.13 -19.92 33.75
C LEU C 479 -2.44 -18.70 34.60
N ALA C 480 -2.35 -18.85 35.91
CA ALA C 480 -2.68 -17.78 36.86
C ALA C 480 -1.76 -16.56 36.67
N GLN C 481 -0.46 -16.80 36.53
CA GLN C 481 0.49 -15.72 36.24
C GLN C 481 0.19 -15.05 34.90
N ALA C 482 -0.13 -15.85 33.87
CA ALA C 482 -0.46 -15.32 32.55
C ALA C 482 -1.72 -14.45 32.56
N LEU C 483 -2.66 -14.77 33.43
CA LEU C 483 -3.93 -14.04 33.54
C LEU C 483 -3.90 -12.92 34.59
N ASP C 484 -2.71 -12.49 34.98
CA ASP C 484 -2.52 -11.37 35.93
C ASP C 484 -2.95 -11.61 37.38
N ILE C 485 -2.97 -12.87 37.81
CA ILE C 485 -3.02 -13.19 39.22
C ILE C 485 -1.59 -13.05 39.77
N LYS C 486 -1.45 -12.30 40.86
CA LYS C 486 -0.13 -12.02 41.44
C LYS C 486 0.32 -13.22 42.25
N VAL C 487 0.79 -14.24 41.55
CA VAL C 487 1.15 -15.54 42.11
C VAL C 487 2.26 -15.52 43.18
N HIS C 488 3.12 -14.51 43.15
CA HIS C 488 4.18 -14.39 44.15
C HIS C 488 3.67 -13.87 45.51
N THR C 489 2.46 -13.33 45.52
CA THR C 489 1.86 -12.75 46.73
C THR C 489 1.00 -13.75 47.51
N MET C 490 0.85 -14.97 46.98
CA MET C 490 -0.05 -15.94 47.57
C MET C 490 0.45 -17.37 47.44
N THR C 491 0.04 -18.22 48.37
CA THR C 491 0.39 -19.65 48.32
C THR C 491 -0.31 -20.33 47.14
N ARG C 492 0.22 -21.48 46.72
CA ARG C 492 -0.35 -22.26 45.61
C ARG C 492 -1.81 -22.57 45.86
N GLU C 493 -2.10 -23.01 47.08
CA GLU C 493 -3.46 -23.37 47.50
C GLU C 493 -4.44 -22.22 47.30
N VAL C 494 -4.03 -21.02 47.71
CA VAL C 494 -4.84 -19.81 47.56
C VAL C 494 -4.88 -19.36 46.09
N MET C 495 -3.76 -19.48 45.40
CA MET C 495 -3.68 -19.25 43.96
C MET C 495 -4.65 -20.18 43.20
N SER C 496 -4.61 -21.46 43.53
CA SER C 496 -5.46 -22.50 42.93
C SER C 496 -6.95 -22.11 43.00
N ASP C 497 -7.40 -21.71 44.19
CA ASP C 497 -8.81 -21.31 44.38
C ASP C 497 -9.18 -20.06 43.59
N GLU C 498 -8.27 -19.10 43.53
CA GLU C 498 -8.47 -17.87 42.77
C GLU C 498 -8.58 -18.13 41.27
N LEU C 499 -7.70 -18.96 40.73
CA LEU C 499 -7.71 -19.31 39.29
C LEU C 499 -8.98 -20.04 38.88
N THR C 500 -9.38 -21.00 39.69
CA THR C 500 -10.63 -21.76 39.45
C THR C 500 -11.84 -20.83 39.37
N LYS C 501 -11.90 -19.86 40.28
CA LYS C 501 -12.97 -18.88 40.31
C LYS C 501 -13.02 -18.06 39.02
N LEU C 502 -11.84 -17.68 38.52
CA LEU C 502 -11.72 -16.88 37.31
C LEU C 502 -12.04 -17.65 36.02
N LEU C 503 -11.58 -18.90 35.95
CA LEU C 503 -11.80 -19.76 34.77
C LEU C 503 -13.26 -20.16 34.62
N GLU C 504 -13.94 -20.36 35.75
CA GLU C 504 -15.36 -20.69 35.76
C GLU C 504 -16.23 -19.42 35.72
N GLY C 505 -15.63 -18.28 36.07
CA GLY C 505 -16.31 -16.98 36.11
C GLY C 505 -16.22 -16.20 34.82
N ASN C 506 -15.58 -15.04 34.89
CA ASN C 506 -15.45 -14.10 33.76
C ASN C 506 -14.78 -14.65 32.49
N LEU C 507 -13.92 -15.66 32.67
CA LEU C 507 -13.16 -16.21 31.53
C LEU C 507 -13.90 -17.30 30.78
N LYS C 508 -14.89 -17.92 31.42
CA LYS C 508 -15.68 -19.02 30.82
C LYS C 508 -16.07 -18.79 29.34
N PRO C 509 -16.69 -17.65 29.01
CA PRO C 509 -17.07 -17.39 27.61
C PRO C 509 -15.89 -17.38 26.64
N ALA C 510 -14.73 -16.88 27.10
CA ALA C 510 -13.52 -16.88 26.29
C ALA C 510 -12.97 -18.29 26.14
N ILE C 511 -12.96 -19.05 27.24
CA ILE C 511 -12.54 -20.45 27.20
C ILE C 511 -13.41 -21.22 26.20
N ASP C 512 -14.73 -21.03 26.30
CA ASP C 512 -15.70 -21.68 25.42
C ASP C 512 -15.43 -21.44 23.94
N MET C 513 -15.10 -20.20 23.59
CA MET C 513 -14.73 -19.84 22.24
C MET C 513 -13.40 -20.48 21.80
N MET C 514 -12.48 -20.63 22.74
CA MET C 514 -11.15 -21.20 22.45
C MET C 514 -11.18 -22.71 22.33
N VAL C 515 -12.04 -23.35 23.13
CA VAL C 515 -12.31 -24.79 23.04
C VAL C 515 -12.86 -25.10 21.64
N GLU C 516 -13.74 -24.24 21.13
CA GLU C 516 -14.29 -24.37 19.80
C GLU C 516 -13.23 -24.16 18.71
N PHE C 517 -12.37 -23.17 18.92
CA PHE C 517 -11.28 -22.91 17.99
C PHE C 517 -10.35 -24.13 17.86
N ASN C 518 -10.01 -24.75 18.99
CA ASN C 518 -9.19 -25.96 19.00
C ASN C 518 -9.94 -27.23 18.55
N THR C 519 -11.20 -27.07 18.18
CA THR C 519 -12.02 -28.14 17.63
C THR C 519 -12.15 -27.97 16.11
N THR C 520 -12.71 -26.83 15.68
CA THR C 520 -13.04 -26.58 14.27
C THR C 520 -12.06 -25.68 13.52
N GLY C 521 -11.20 -24.98 14.27
CA GLY C 521 -10.26 -24.03 13.68
C GLY C 521 -10.87 -22.66 13.38
N SER C 522 -12.09 -22.42 13.84
CA SER C 522 -12.81 -21.19 13.52
C SER C 522 -13.07 -20.29 14.73
N LEU C 523 -13.19 -18.99 14.45
CA LEU C 523 -13.53 -17.99 15.45
C LEU C 523 -14.77 -17.22 15.01
N PRO C 524 -15.62 -16.82 15.96
CA PRO C 524 -16.79 -16.02 15.61
C PRO C 524 -16.38 -14.59 15.23
N GLU C 525 -17.29 -13.87 14.57
CA GLU C 525 -17.08 -12.47 14.19
C GLU C 525 -16.78 -11.57 15.40
N ASN C 526 -17.49 -11.83 16.50
CA ASN C 526 -17.37 -11.02 17.71
C ASN C 526 -16.25 -11.46 18.65
N ALA C 527 -15.28 -12.21 18.11
CA ALA C 527 -14.16 -12.76 18.88
C ALA C 527 -13.44 -11.72 19.73
N VAL C 528 -13.23 -10.52 19.18
CA VAL C 528 -12.58 -9.42 19.91
C VAL C 528 -13.39 -9.02 21.15
N ASP C 529 -14.70 -8.82 20.96
CA ASP C 529 -15.61 -8.45 22.06
C ASP C 529 -15.68 -9.53 23.14
N VAL C 530 -15.70 -10.80 22.73
CA VAL C 530 -15.64 -11.93 23.67
C VAL C 530 -14.37 -11.87 24.53
N LEU C 531 -13.23 -11.61 23.88
CA LEU C 531 -11.94 -11.55 24.57
C LEU C 531 -11.79 -10.31 25.47
N ASN C 532 -12.15 -9.14 24.94
CA ASN C 532 -12.18 -7.89 25.71
C ASN C 532 -12.97 -7.99 27.00
N THR C 533 -14.20 -8.46 26.87
CA THR C 533 -15.15 -8.59 27.96
C THR C 533 -14.68 -9.61 29.00
N ALA C 534 -14.07 -10.70 28.55
CA ALA C 534 -13.60 -11.76 29.43
C ALA C 534 -12.35 -11.37 30.22
N LEU C 535 -11.43 -10.68 29.55
CA LEU C 535 -10.12 -10.38 30.13
C LEU C 535 -10.10 -9.08 30.93
N GLY C 536 -10.66 -8.02 30.37
CA GLY C 536 -10.65 -6.70 31.04
C GLY C 536 -9.24 -6.11 31.04
N ASP C 537 -8.73 -5.82 32.23
CA ASP C 537 -7.37 -5.30 32.43
C ASP C 537 -6.29 -6.39 32.44
N ARG C 538 -6.72 -7.65 32.45
CA ARG C 538 -5.82 -8.80 32.42
C ARG C 538 -5.29 -9.07 31.02
N LYS C 539 -5.81 -8.32 30.04
CA LYS C 539 -5.51 -8.56 28.63
C LYS C 539 -4.05 -8.27 28.25
N SER C 540 -3.43 -9.26 27.60
CA SER C 540 -2.04 -9.21 27.15
C SER C 540 -1.82 -10.38 26.19
N PHE C 541 -0.64 -10.44 25.57
CA PHE C 541 -0.33 -11.59 24.71
C PHE C 541 -0.16 -12.90 25.50
N VAL C 542 0.46 -12.83 26.67
CA VAL C 542 0.63 -14.01 27.51
C VAL C 542 -0.72 -14.54 28.06
N ALA C 543 -1.69 -13.64 28.19
CA ALA C 543 -3.06 -14.01 28.58
C ALA C 543 -3.77 -14.81 27.48
N LEU C 544 -3.56 -14.43 26.23
CA LEU C 544 -4.04 -15.20 25.07
C LEU C 544 -3.42 -16.61 25.03
N MET C 545 -2.14 -16.70 25.37
CA MET C 545 -1.46 -18.00 25.50
C MET C 545 -2.13 -18.90 26.56
N ALA C 546 -2.48 -18.33 27.70
CA ALA C 546 -3.15 -19.05 28.77
C ALA C 546 -4.51 -19.60 28.33
N LEU C 547 -5.30 -18.77 27.65
CA LEU C 547 -6.59 -19.21 27.10
C LEU C 547 -6.38 -20.31 26.07
N MET C 548 -5.41 -20.12 25.18
CA MET C 548 -5.06 -21.10 24.16
C MET C 548 -4.71 -22.44 24.81
N GLU C 549 -3.78 -22.42 25.74
CA GLU C 549 -3.26 -23.64 26.37
C GLU C 549 -4.26 -24.35 27.27
N TYR C 550 -5.08 -23.58 27.99
CA TYR C 550 -6.11 -24.19 28.83
C TYR C 550 -7.16 -24.89 27.96
N SER C 551 -7.61 -24.21 26.91
CA SER C 551 -8.57 -24.78 25.96
C SER C 551 -8.02 -25.98 25.20
N ARG C 552 -6.73 -25.94 24.86
CA ARG C 552 -6.04 -27.09 24.28
C ARG C 552 -6.06 -28.29 25.24
N TYR C 553 -5.76 -28.04 26.52
CA TYR C 553 -5.80 -29.08 27.56
C TYR C 553 -7.20 -29.71 27.66
N LEU C 554 -8.23 -28.88 27.60
CA LEU C 554 -9.62 -29.35 27.71
C LEU C 554 -10.02 -30.29 26.57
N VAL C 555 -9.58 -29.96 25.35
CA VAL C 555 -9.89 -30.77 24.17
C VAL C 555 -8.89 -31.92 23.92
N ALA C 556 -7.82 -32.00 24.73
CA ALA C 556 -6.75 -32.98 24.52
C ALA C 556 -7.21 -34.44 24.68
N GLU C 557 -6.77 -35.29 23.75
CA GLU C 557 -7.08 -36.73 23.80
C GLU C 557 -6.17 -37.46 24.79
N ASP C 558 -4.95 -36.95 24.96
CA ASP C 558 -4.02 -37.53 25.92
C ASP C 558 -3.63 -36.50 26.98
N LYS C 559 -4.49 -36.36 27.99
CA LYS C 559 -4.23 -35.48 29.13
C LYS C 559 -3.12 -35.98 30.06
N SER C 560 -2.79 -37.28 29.94
CA SER C 560 -1.79 -37.91 30.81
C SER C 560 -0.36 -37.60 30.39
N ALA C 561 -0.22 -37.06 29.18
CA ALA C 561 1.06 -36.61 28.66
C ALA C 561 0.86 -35.38 27.78
N PHE C 562 0.34 -34.31 28.40
CA PHE C 562 0.09 -33.05 27.70
C PHE C 562 1.39 -32.26 27.48
N VAL C 563 1.59 -31.82 26.24
CA VAL C 563 2.80 -31.12 25.84
C VAL C 563 2.52 -29.64 25.63
N THR C 564 3.25 -28.79 26.36
CA THR C 564 3.00 -27.35 26.34
C THR C 564 4.28 -26.52 26.51
N PRO C 565 4.36 -25.38 25.80
CA PRO C 565 5.40 -24.40 26.03
C PRO C 565 5.04 -23.31 27.05
N LEU C 566 3.83 -23.38 27.61
CA LEU C 566 3.39 -22.45 28.68
C LEU C 566 4.46 -22.41 29.78
N TYR C 567 4.76 -21.20 30.24
CA TYR C 567 5.87 -21.01 31.17
C TYR C 567 5.44 -20.30 32.45
N VAL C 568 6.32 -20.35 33.44
CA VAL C 568 6.23 -19.49 34.60
C VAL C 568 7.48 -18.60 34.57
N GLU C 569 7.28 -17.30 34.77
CA GLU C 569 8.39 -16.39 34.95
C GLU C 569 8.82 -16.28 36.41
N ALA C 570 10.05 -16.70 36.68
CA ALA C 570 10.73 -16.41 37.95
C ALA C 570 11.15 -14.95 37.84
N ASP C 571 10.49 -14.09 38.60
CA ASP C 571 10.62 -12.66 38.40
C ASP C 571 11.14 -11.92 39.62
N GLY C 572 12.07 -11.00 39.37
CA GLY C 572 12.65 -10.17 40.42
C GLY C 572 11.62 -9.24 41.03
N VAL C 573 11.61 -9.19 42.36
CA VAL C 573 10.73 -8.30 43.07
C VAL C 573 11.48 -7.00 43.39
N THR C 574 11.00 -5.90 42.81
CA THR C 574 11.63 -4.58 42.92
C THR C 574 13.15 -4.75 42.81
N ASN C 575 13.55 -5.46 41.76
CA ASN C 575 14.90 -5.97 41.54
C ASN C 575 16.05 -4.96 41.68
N GLY C 576 16.02 -3.92 40.87
CA GLY C 576 17.06 -2.88 40.90
C GLY C 576 17.31 -2.23 42.26
N PRO C 577 16.26 -1.61 42.86
CA PRO C 577 16.40 -1.03 44.21
C PRO C 577 16.86 -2.01 45.29
N ILE C 578 16.34 -3.23 45.27
CA ILE C 578 16.78 -4.24 46.25
C ILE C 578 18.25 -4.61 46.06
N ASN C 579 18.68 -4.79 44.81
CA ASN C 579 20.08 -5.05 44.51
C ASN C 579 20.97 -3.91 44.98
N ALA C 580 20.55 -2.69 44.70
CA ALA C 580 21.24 -1.48 45.17
C ALA C 580 21.39 -1.51 46.69
N MET C 581 20.29 -1.83 47.37
CA MET C 581 20.27 -1.90 48.84
C MET C 581 21.18 -2.98 49.42
N MET C 582 21.22 -4.16 48.78
CA MET C 582 22.17 -5.21 49.17
C MET C 582 23.63 -4.92 48.83
N LEU C 583 23.88 -4.42 47.63
CA LEU C 583 25.24 -4.25 47.13
C LEU C 583 25.98 -3.00 47.62
N MET C 584 25.24 -1.97 48.04
CA MET C 584 25.84 -0.66 48.30
C MET C 584 25.53 0.00 49.66
N THR C 585 24.69 -0.61 50.49
CA THR C 585 24.49 -0.11 51.84
C THR C 585 25.73 -0.42 52.69
N GLY C 586 26.33 0.63 53.26
CA GLY C 586 27.68 0.52 53.85
C GLY C 586 27.87 0.39 55.36
N GLY C 587 26.92 0.83 56.17
CA GLY C 587 27.18 0.95 57.62
C GLY C 587 26.93 -0.31 58.44
N LEU C 588 26.61 -0.12 59.72
CA LEU C 588 26.13 -1.19 60.59
C LEU C 588 24.70 -1.57 60.20
N PHE C 589 24.27 -2.76 60.61
CA PHE C 589 22.91 -3.21 60.34
C PHE C 589 21.89 -2.45 61.20
N THR C 590 20.77 -2.08 60.57
CA THR C 590 19.67 -1.43 61.28
C THR C 590 18.40 -2.27 61.09
N PRO C 591 17.47 -2.21 62.05
CA PRO C 591 16.16 -2.89 61.93
C PRO C 591 15.32 -2.47 60.71
N ASP C 592 15.35 -1.19 60.34
CA ASP C 592 14.55 -0.72 59.20
C ASP C 592 15.00 -1.36 57.89
N TRP C 593 16.30 -1.65 57.80
CA TRP C 593 16.90 -2.28 56.64
C TRP C 593 16.53 -3.75 56.56
N ILE C 594 16.45 -4.40 57.71
CA ILE C 594 16.11 -5.82 57.77
C ILE C 594 14.68 -6.04 57.27
N ARG C 595 13.75 -5.19 57.72
CA ARG C 595 12.37 -5.18 57.24
C ARG C 595 12.25 -4.86 55.75
N ASN C 596 12.98 -3.83 55.31
CA ASN C 596 12.88 -3.37 53.93
C ASN C 596 13.52 -4.32 52.92
N ILE C 597 14.61 -4.97 53.30
CA ILE C 597 15.26 -5.94 52.42
C ILE C 597 14.49 -7.27 52.37
N ALA C 598 13.71 -7.56 53.42
CA ALA C 598 12.79 -8.69 53.42
C ALA C 598 11.72 -8.53 52.32
N LYS C 599 11.38 -7.27 52.00
CA LYS C 599 10.46 -6.97 50.90
C LYS C 599 10.98 -7.44 49.54
N GLY C 600 12.30 -7.57 49.42
CA GLY C 600 12.91 -8.12 48.21
C GLY C 600 13.35 -9.58 48.30
N GLY C 601 12.86 -10.30 49.30
CA GLY C 601 13.14 -11.74 49.41
C GLY C 601 14.44 -12.14 50.09
N LEU C 602 15.05 -11.22 50.82
CA LEU C 602 16.15 -11.60 51.70
C LEU C 602 15.58 -11.83 53.11
N PHE C 603 15.41 -13.10 53.47
CA PHE C 603 14.86 -13.46 54.77
C PHE C 603 15.92 -13.94 55.74
N ILE C 604 15.90 -13.38 56.94
CA ILE C 604 16.87 -13.72 57.98
C ILE C 604 16.17 -14.44 59.13
N GLY C 605 16.62 -15.66 59.42
CA GLY C 605 16.10 -16.43 60.56
C GLY C 605 14.72 -17.01 60.31
N SER C 606 14.53 -17.55 59.11
CA SER C 606 13.26 -18.17 58.72
C SER C 606 13.55 -19.20 57.65
N PRO C 607 14.04 -20.39 58.05
CA PRO C 607 14.43 -21.39 57.07
C PRO C 607 13.29 -21.74 56.11
N ASN C 608 13.63 -21.84 54.82
CA ASN C 608 12.70 -22.26 53.77
C ASN C 608 11.54 -21.30 53.57
N LYS C 609 11.69 -20.06 54.04
CA LYS C 609 10.66 -19.03 53.85
C LYS C 609 10.62 -18.56 52.39
N THR C 610 9.39 -18.48 51.86
CA THR C 610 9.16 -18.03 50.50
C THR C 610 8.62 -16.60 50.48
N MET C 611 8.65 -15.97 49.31
CA MET C 611 8.02 -14.67 49.11
C MET C 611 6.51 -14.78 49.25
N ASN C 612 5.97 -15.92 48.80
CA ASN C 612 4.55 -16.22 48.90
C ASN C 612 4.09 -16.14 50.35
N GLU C 613 4.85 -16.75 51.25
CA GLU C 613 4.60 -16.71 52.68
C GLU C 613 4.81 -15.33 53.29
N HIS C 614 5.88 -14.65 52.86
CA HIS C 614 6.16 -13.29 53.34
C HIS C 614 5.01 -12.33 53.04
N ARG C 615 4.57 -12.31 51.78
CA ARG C 615 3.48 -11.44 51.36
C ARG C 615 2.14 -11.75 52.04
N SER C 616 1.85 -13.04 52.25
CA SER C 616 0.57 -13.43 52.84
C SER C 616 0.52 -13.36 54.38
N THR C 617 1.67 -13.45 55.06
CA THR C 617 1.70 -13.53 56.54
C THR C 617 2.57 -12.50 57.27
N ALA C 618 3.49 -11.84 56.57
CA ALA C 618 4.45 -10.97 57.26
C ALA C 618 4.36 -9.50 56.90
N ASP C 619 4.24 -9.20 55.60
CA ASP C 619 4.32 -7.84 55.07
C ASP C 619 3.81 -7.81 53.64
N ASN C 620 2.61 -7.25 53.45
CA ASN C 620 1.98 -7.19 52.13
C ASN C 620 2.33 -5.92 51.33
N ASN C 621 3.26 -5.12 51.85
CA ASN C 621 3.76 -3.96 51.13
C ASN C 621 5.14 -4.24 50.53
N ASP C 622 5.25 -4.12 49.20
CA ASP C 622 6.56 -4.16 48.58
C ASP C 622 7.23 -2.78 48.72
N LEU C 623 8.43 -2.65 48.18
CA LEU C 623 9.23 -1.45 48.38
C LEU C 623 8.58 -0.20 47.76
N TYR C 624 7.92 -0.36 46.62
CA TYR C 624 7.26 0.74 45.93
C TYR C 624 6.03 1.23 46.70
N GLN C 625 5.27 0.28 47.26
CA GLN C 625 4.16 0.60 48.15
C GLN C 625 4.61 1.24 49.47
N ALA C 626 5.77 0.85 49.98
CA ALA C 626 6.31 1.42 51.21
C ALA C 626 6.71 2.90 51.03
N SER C 627 7.30 3.22 49.88
CA SER C 627 7.69 4.60 49.55
C SER C 627 6.47 5.49 49.32
N THR C 628 5.39 4.89 48.84
CA THR C 628 4.09 5.53 48.70
C THR C 628 3.52 5.93 50.08
N ASN C 629 3.65 5.03 51.06
CA ASN C 629 3.27 5.33 52.44
C ASN C 629 4.14 6.43 53.05
N ALA C 630 5.42 6.43 52.68
CA ALA C 630 6.37 7.45 53.13
C ALA C 630 6.13 8.80 52.45
N LEU C 631 5.67 8.76 51.19
CA LEU C 631 5.30 9.94 50.44
C LEU C 631 4.18 10.73 51.13
N MET C 632 3.14 10.03 51.56
CA MET C 632 1.98 10.65 52.21
C MET C 632 2.29 11.22 53.58
N GLU C 633 3.28 10.64 54.25
CA GLU C 633 3.77 11.17 55.51
C GLU C 633 4.59 12.46 55.28
N SER C 634 5.39 12.50 54.21
CA SER C 634 6.14 13.71 53.84
C SER C 634 5.22 14.80 53.30
N LEU C 635 4.16 14.40 52.60
CA LEU C 635 3.18 15.35 52.09
C LEU C 635 2.40 15.95 53.26
N GLY C 636 2.12 15.12 54.27
CA GLY C 636 1.51 15.57 55.52
C GLY C 636 2.33 16.66 56.18
N LYS C 637 3.64 16.43 56.28
CA LYS C 637 4.56 17.40 56.87
C LYS C 637 4.61 18.73 56.10
N LEU C 638 4.69 18.65 54.76
CA LEU C 638 4.71 19.84 53.92
C LEU C 638 3.42 20.66 54.07
N ARG C 639 2.29 19.97 54.12
CA ARG C 639 0.99 20.59 54.34
C ARG C 639 0.90 21.29 55.70
N SER C 640 1.45 20.65 56.74
CA SER C 640 1.41 21.22 58.08
C SER C 640 2.41 22.37 58.24
N ASN C 641 3.44 22.37 57.39
CA ASN C 641 4.42 23.47 57.32
C ASN C 641 3.80 24.77 56.81
N TYR C 642 2.77 24.64 55.99
CA TYR C 642 2.11 25.77 55.34
C TYR C 642 0.60 25.75 55.60
N ALA C 643 0.24 25.37 56.83
CA ALA C 643 -1.16 25.16 57.21
C ALA C 643 -2.00 26.44 57.18
N SER C 644 -1.40 27.54 57.61
CA SER C 644 -2.10 28.82 57.64
C SER C 644 -1.99 29.55 56.29
N ASN C 645 -1.11 29.05 55.43
CA ASN C 645 -0.91 29.61 54.10
C ASN C 645 -1.95 29.08 53.12
N MET C 646 -3.10 29.74 53.10
CA MET C 646 -4.26 29.31 52.31
C MET C 646 -4.07 29.26 50.78
N PRO C 647 -3.32 30.21 50.19
CA PRO C 647 -3.02 30.08 48.76
C PRO C 647 -2.17 28.85 48.41
N ILE C 648 -1.21 28.49 49.27
CA ILE C 648 -0.39 27.27 49.10
C ILE C 648 -1.28 26.00 49.20
N GLN C 649 -2.07 25.91 50.27
CA GLN C 649 -2.98 24.77 50.46
C GLN C 649 -3.88 24.53 49.25
N SER C 650 -4.33 25.61 48.63
CA SER C 650 -5.20 25.55 47.46
C SER C 650 -4.47 25.10 46.19
N GLN C 651 -3.18 25.43 46.08
CA GLN C 651 -2.37 24.96 44.94
C GLN C 651 -2.19 23.46 45.04
N ILE C 652 -1.87 22.99 46.24
CA ILE C 652 -1.73 21.56 46.52
C ILE C 652 -3.04 20.83 46.26
N ASP C 653 -4.14 21.38 46.79
CA ASP C 653 -5.47 20.81 46.59
C ASP C 653 -5.76 20.64 45.10
N SER C 654 -5.46 21.68 44.32
CA SER C 654 -5.70 21.68 42.87
C SER C 654 -4.83 20.67 42.12
N LEU C 655 -3.61 20.45 42.60
CA LEU C 655 -2.71 19.48 41.97
C LEU C 655 -3.21 18.05 42.20
N LEU C 656 -3.57 17.74 43.43
CA LEU C 656 -4.11 16.43 43.80
C LEU C 656 -5.48 16.18 43.19
N SER C 657 -6.24 17.26 43.01
CA SER C 657 -7.56 17.16 42.37
C SER C 657 -7.42 16.82 40.89
N LEU C 658 -6.48 17.49 40.22
CA LEU C 658 -6.23 17.22 38.80
C LEU C 658 -5.73 15.80 38.55
N MET C 659 -4.80 15.34 39.38
CA MET C 659 -4.27 13.98 39.29
C MET C 659 -5.35 12.93 39.55
N ASP C 660 -6.21 13.16 40.55
CA ASP C 660 -7.35 12.30 40.87
C ASP C 660 -8.31 12.15 39.69
N LEU C 661 -8.54 13.25 38.98
CA LEU C 661 -9.40 13.29 37.81
C LEU C 661 -8.96 12.37 36.67
N PHE C 662 -7.65 12.17 36.52
CA PHE C 662 -7.09 11.55 35.32
C PHE C 662 -6.13 10.36 35.50
N LEU C 663 -5.48 10.27 36.66
CA LEU C 663 -4.54 9.18 36.93
C LEU C 663 -5.20 8.08 37.76
N PRO C 664 -4.92 6.81 37.41
CA PRO C 664 -5.55 5.69 38.14
C PRO C 664 -4.88 5.40 39.49
N ASP C 665 -3.58 5.70 39.59
CA ASP C 665 -2.81 5.43 40.80
C ASP C 665 -3.05 6.44 41.94
N ILE C 666 -3.78 7.52 41.64
CA ILE C 666 -4.10 8.54 42.63
C ILE C 666 -5.61 8.63 42.82
N ASN C 667 -6.04 8.63 44.08
CA ASN C 667 -7.46 8.79 44.41
C ASN C 667 -7.67 9.70 45.62
N LEU C 668 -8.50 10.72 45.44
CA LEU C 668 -8.93 11.60 46.53
C LEU C 668 -10.37 11.32 46.94
N GLY C 669 -10.58 11.10 48.24
CA GLY C 669 -11.93 10.99 48.77
C GLY C 669 -12.55 12.36 49.01
N GLU C 670 -13.83 12.37 49.42
CA GLU C 670 -14.52 13.59 49.84
C GLU C 670 -13.78 14.27 51.00
N ASN C 671 -13.03 13.46 51.75
CA ASN C 671 -12.22 13.90 52.89
C ASN C 671 -11.07 14.84 52.56
N GLY C 672 -10.47 14.64 51.39
CA GLY C 672 -9.13 15.14 51.10
C GLY C 672 -8.10 14.05 51.40
N ALA C 673 -8.60 12.85 51.70
CA ALA C 673 -7.76 11.70 52.01
C ALA C 673 -7.18 11.11 50.73
N LEU C 674 -5.92 10.71 50.80
CA LEU C 674 -5.23 10.18 49.64
C LEU C 674 -5.15 8.66 49.61
N GLU C 675 -5.31 8.12 48.41
CA GLU C 675 -5.17 6.70 48.15
C GLU C 675 -4.19 6.53 46.99
N LEU C 676 -2.99 6.04 47.30
CA LEU C 676 -1.95 5.90 46.30
C LEU C 676 -1.54 4.44 46.08
N LYS C 677 -1.25 4.12 44.83
CA LYS C 677 -0.92 2.76 44.43
C LYS C 677 0.56 2.66 44.03
N ARG C 678 1.14 1.48 44.14
CA ARG C 678 2.58 1.27 43.91
C ARG C 678 3.07 1.92 42.62
N GLY C 679 2.16 2.04 41.64
CA GLY C 679 2.45 2.56 40.32
C GLY C 679 3.09 3.94 40.28
N ILE C 680 2.56 4.88 41.05
CA ILE C 680 3.13 6.24 41.07
C ILE C 680 4.56 6.32 41.61
N ALA C 681 4.94 5.37 42.45
CA ALA C 681 6.28 5.37 43.04
C ALA C 681 7.30 4.49 42.32
N LYS C 682 6.81 3.62 41.43
CA LYS C 682 7.63 2.64 40.71
C LYS C 682 8.85 3.25 40.01
N ASN C 683 8.60 4.03 38.95
CA ASN C 683 9.69 4.64 38.18
C ASN C 683 10.45 5.72 38.97
N PRO C 684 9.74 6.65 39.65
CA PRO C 684 10.43 7.65 40.46
C PRO C 684 11.51 7.07 41.38
N LEU C 685 11.18 6.04 42.17
CA LEU C 685 12.12 5.39 43.07
C LEU C 685 13.34 4.80 42.35
N THR C 686 13.07 3.98 41.33
CA THR C 686 14.13 3.35 40.53
C THR C 686 15.13 4.40 40.03
N ILE C 687 14.62 5.38 39.31
CA ILE C 687 15.45 6.31 38.57
C ILE C 687 16.09 7.37 39.45
N THR C 688 15.48 7.59 40.62
CA THR C 688 16.03 8.46 41.66
C THR C 688 17.33 7.88 42.21
N ILE C 689 17.33 6.57 42.47
CA ILE C 689 18.53 5.85 42.91
C ILE C 689 19.60 5.94 41.82
N TYR C 690 19.16 5.91 40.56
CA TYR C 690 20.05 5.92 39.41
C TYR C 690 20.55 7.32 39.03
N GLY C 691 20.13 8.32 39.80
CA GLY C 691 20.70 9.65 39.69
C GLY C 691 19.84 10.65 38.94
N SER C 692 18.58 10.28 38.65
CA SER C 692 17.66 11.25 38.04
C SER C 692 17.42 12.45 38.94
N GLY C 693 17.32 13.61 38.31
CA GLY C 693 16.92 14.83 39.00
C GLY C 693 15.43 14.83 39.25
N ALA C 694 14.99 15.73 40.12
CA ALA C 694 13.59 15.81 40.53
C ALA C 694 12.69 16.32 39.41
N ARG C 695 13.17 17.32 38.66
CA ARG C 695 12.41 17.92 37.55
C ARG C 695 12.00 16.91 36.47
N GLY C 696 12.89 15.96 36.18
CA GLY C 696 12.62 14.90 35.20
C GLY C 696 11.46 14.01 35.60
N ILE C 697 11.39 13.67 36.88
CA ILE C 697 10.25 12.92 37.41
C ILE C 697 8.95 13.74 37.34
N ALA C 698 9.04 15.02 37.68
CA ALA C 698 7.90 15.94 37.58
C ALA C 698 7.36 16.00 36.14
N GLY C 699 8.25 16.15 35.17
CA GLY C 699 7.87 16.20 33.76
C GLY C 699 7.17 14.93 33.29
N LYS C 700 7.63 13.79 33.81
CA LYS C 700 7.09 12.48 33.47
C LYS C 700 5.68 12.29 34.06
N LEU C 701 5.49 12.71 35.30
CA LEU C 701 4.14 12.72 35.91
C LEU C 701 3.16 13.64 35.18
N VAL C 702 3.64 14.79 34.72
CA VAL C 702 2.80 15.71 33.95
C VAL C 702 2.43 15.13 32.58
N SER C 703 3.39 14.43 31.95
CA SER C 703 3.15 13.70 30.70
C SER C 703 1.96 12.74 30.82
N SER C 704 1.90 12.05 31.96
CA SER C 704 0.83 11.09 32.24
C SER C 704 -0.53 11.77 32.34
N VAL C 705 -0.56 12.94 32.98
CA VAL C 705 -1.77 13.74 33.16
C VAL C 705 -2.27 14.31 31.82
N THR C 706 -1.34 14.89 31.04
CA THR C 706 -1.70 15.52 29.78
C THR C 706 -2.23 14.54 28.74
N ASP C 707 -1.61 13.36 28.64
CA ASP C 707 -2.12 12.32 27.73
C ASP C 707 -3.45 11.69 28.16
N ALA C 708 -3.74 11.70 29.45
CA ALA C 708 -5.06 11.29 29.94
C ALA C 708 -6.13 12.37 29.67
N ILE C 709 -5.75 13.64 29.74
CA ILE C 709 -6.63 14.74 29.34
C ILE C 709 -6.94 14.65 27.84
N TYR C 710 -5.91 14.41 27.03
CA TYR C 710 -6.09 14.27 25.58
C TYR C 710 -7.01 13.10 25.23
N GLU C 711 -6.90 12.01 25.99
CA GLU C 711 -7.82 10.88 25.89
C GLU C 711 -9.27 11.26 26.19
N ARG C 712 -9.48 12.08 27.22
CA ARG C 712 -10.83 12.55 27.58
C ARG C 712 -11.45 13.45 26.51
N MET C 713 -10.59 14.19 25.80
CA MET C 713 -11.03 15.06 24.72
C MET C 713 -11.57 14.28 23.54
N SER C 714 -11.04 13.08 23.34
CA SER C 714 -11.56 12.14 22.34
C SER C 714 -12.89 11.55 22.79
N ASP C 715 -13.03 11.28 24.08
CA ASP C 715 -14.28 10.81 24.67
C ASP C 715 -15.39 11.85 24.53
N VAL C 716 -15.01 13.14 24.54
CA VAL C 716 -15.95 14.25 24.34
C VAL C 716 -16.49 14.24 22.91
N LEU C 717 -15.58 14.11 21.94
CA LEU C 717 -15.93 14.11 20.52
C LEU C 717 -16.80 12.93 20.13
N LYS C 718 -16.61 11.81 20.83
CA LYS C 718 -17.43 10.62 20.68
C LYS C 718 -18.84 10.87 21.22
N ALA C 719 -18.91 11.56 22.36
CA ALA C 719 -20.18 11.85 23.02
C ALA C 719 -21.07 12.81 22.23
N ARG C 720 -20.46 13.79 21.57
CA ARG C 720 -21.20 14.73 20.73
C ARG C 720 -21.41 14.18 19.31
N ALA C 721 -20.87 12.99 19.06
CA ALA C 721 -21.16 12.25 17.82
C ALA C 721 -22.35 11.32 18.04
N LYS C 722 -22.31 10.58 19.16
CA LYS C 722 -23.38 9.68 19.55
C LYS C 722 -24.64 10.42 20.03
N ASP C 723 -24.42 11.49 20.81
CA ASP C 723 -25.51 12.30 21.35
C ASP C 723 -25.15 13.79 21.21
N PRO C 724 -25.55 14.42 20.09
CA PRO C 724 -25.20 15.81 19.78
C PRO C 724 -25.67 16.83 20.82
N ASN C 725 -26.73 16.49 21.56
CA ASN C 725 -27.28 17.37 22.60
C ASN C 725 -26.86 16.99 24.02
N ILE C 726 -25.67 16.41 24.15
CA ILE C 726 -25.11 16.11 25.48
C ILE C 726 -24.40 17.36 26.02
N SER C 727 -24.41 17.51 27.34
CA SER C 727 -23.71 18.63 27.98
C SER C 727 -22.20 18.41 27.97
N ALA C 728 -21.45 19.49 28.21
CA ALA C 728 -19.99 19.41 28.29
C ALA C 728 -19.53 18.57 29.49
N ALA C 729 -20.29 18.64 30.58
CA ALA C 729 -20.01 17.87 31.79
C ALA C 729 -20.29 16.39 31.62
N MET C 730 -21.41 16.06 30.98
CA MET C 730 -21.83 14.67 30.77
C MET C 730 -21.15 13.97 29.59
N ALA C 731 -20.18 14.68 28.97
CA ALA C 731 -19.40 14.11 27.90
C ALA C 731 -18.04 13.66 28.44
N MET C 732 -17.42 14.54 29.23
CA MET C 732 -16.08 14.34 29.75
C MET C 732 -16.10 13.52 31.03
N PHE C 733 -17.15 13.65 31.82
CA PHE C 733 -17.24 13.02 33.14
C PHE C 733 -18.50 12.17 33.30
N GLY C 734 -18.97 11.59 32.20
CA GLY C 734 -20.18 10.76 32.21
C GLY C 734 -20.04 9.50 33.04
N LYS C 735 -19.20 8.57 32.57
CA LYS C 735 -19.00 7.26 33.21
C LYS C 735 -18.45 7.33 34.64
N GLN C 736 -18.00 8.50 35.06
CA GLN C 736 -17.41 8.68 36.39
C GLN C 736 -18.42 9.14 37.43
N ALA C 737 -19.36 10.01 37.03
CA ALA C 737 -20.29 10.64 37.97
C ALA C 737 -21.58 9.84 38.18
N ALA C 738 -22.32 10.22 39.23
CA ALA C 738 -23.60 9.58 39.56
C ALA C 738 -24.77 10.31 38.89
N SER C 739 -24.88 11.62 39.14
CA SER C 739 -25.91 12.46 38.51
C SER C 739 -25.27 13.38 37.47
N GLU C 740 -25.98 14.46 37.11
CA GLU C 740 -25.46 15.46 36.19
C GLU C 740 -24.85 16.65 36.93
N ALA C 741 -25.44 16.97 38.09
CA ALA C 741 -24.87 17.96 39.00
C ALA C 741 -23.53 17.46 39.56
N HIS C 742 -23.40 16.13 39.60
CA HIS C 742 -22.16 15.47 40.00
C HIS C 742 -21.10 15.54 38.89
N ALA C 743 -21.55 15.81 37.67
CA ALA C 743 -20.66 15.90 36.51
C ALA C 743 -20.25 17.34 36.25
N GLU C 744 -21.17 18.28 36.50
CA GLU C 744 -20.88 19.71 36.40
C GLU C 744 -19.87 20.13 37.47
N GLU C 745 -19.88 19.39 38.58
CA GLU C 745 -18.93 19.58 39.68
C GLU C 745 -17.51 19.18 39.25
N LEU C 746 -17.41 18.11 38.48
CA LEU C 746 -16.13 17.59 38.01
C LEU C 746 -15.51 18.45 36.91
N LEU C 747 -16.35 18.99 36.04
CA LEU C 747 -15.90 19.95 35.02
C LEU C 747 -15.45 21.25 35.69
N ALA C 748 -16.22 21.72 36.67
CA ALA C 748 -15.87 22.89 37.48
C ALA C 748 -14.49 22.73 38.14
N ARG C 749 -14.26 21.55 38.73
CA ARG C 749 -12.96 21.19 39.32
C ARG C 749 -11.83 21.21 38.31
N PHE C 750 -12.06 20.61 37.15
CA PHE C 750 -11.09 20.56 36.07
C PHE C 750 -10.66 21.95 35.61
N LEU C 751 -11.64 22.81 35.35
CA LEU C 751 -11.39 24.18 34.92
C LEU C 751 -10.70 25.00 36.02
N LYS C 752 -11.14 24.81 37.28
CA LYS C 752 -10.50 25.48 38.42
C LYS C 752 -9.03 25.06 38.55
N ASP C 753 -8.79 23.75 38.64
CA ASP C 753 -7.43 23.19 38.75
C ASP C 753 -6.49 23.69 37.64
N MET C 754 -6.93 23.57 36.38
CA MET C 754 -6.11 24.01 35.24
C MET C 754 -5.76 25.49 35.31
N GLU C 755 -6.73 26.34 35.65
CA GLU C 755 -6.49 27.77 35.83
C GLU C 755 -5.49 28.04 36.96
N THR C 756 -5.74 27.42 38.12
CA THR C 756 -4.89 27.55 39.30
C THR C 756 -3.42 27.16 39.02
N LEU C 757 -3.22 26.00 38.39
CA LEU C 757 -1.88 25.42 38.24
C LEU C 757 -1.09 26.01 37.08
N THR C 758 -1.78 26.65 36.13
CA THR C 758 -1.09 27.29 35.01
C THR C 758 -0.79 28.77 35.26
N SER C 759 -1.58 29.41 36.11
CA SER C 759 -1.42 30.84 36.41
C SER C 759 -0.45 31.14 37.56
N THR C 760 -0.29 30.20 38.49
CA THR C 760 0.59 30.36 39.64
C THR C 760 1.53 29.17 39.76
N VAL C 761 2.81 29.45 39.98
CA VAL C 761 3.81 28.42 40.27
C VAL C 761 4.49 28.62 41.62
N PRO C 762 4.84 27.51 42.31
CA PRO C 762 5.68 27.63 43.48
C PRO C 762 7.14 27.86 43.09
N VAL C 763 7.83 28.67 43.89
CA VAL C 763 9.30 28.77 43.81
C VAL C 763 9.83 28.59 45.21
N LYS C 764 11.11 28.23 45.31
CA LYS C 764 11.74 28.08 46.62
C LYS C 764 12.72 29.23 46.83
N ARG C 765 12.38 30.13 47.77
CA ARG C 765 13.26 31.25 48.14
C ARG C 765 13.62 31.18 49.62
N LYS C 766 14.89 30.84 49.89
CA LYS C 766 15.42 30.72 51.25
C LYS C 766 14.92 29.45 51.96
N GLY C 767 14.77 28.37 51.21
CA GLY C 767 14.16 27.13 51.71
C GLY C 767 12.67 27.26 52.05
N VAL C 768 12.05 28.32 51.54
CA VAL C 768 10.63 28.58 51.77
C VAL C 768 9.89 28.62 50.43
N LEU C 769 8.79 27.89 50.33
CA LEU C 769 7.96 27.88 49.14
C LEU C 769 7.10 29.14 49.04
N GLU C 770 7.10 29.74 47.85
CA GLU C 770 6.41 30.99 47.56
C GLU C 770 5.65 30.90 46.25
N LEU C 771 4.48 31.51 46.20
CA LEU C 771 3.67 31.50 44.99
C LEU C 771 3.94 32.71 44.13
N GLN C 772 4.07 32.46 42.83
CA GLN C 772 4.49 33.47 41.86
C GLN C 772 3.67 33.30 40.58
N SER C 773 3.20 34.41 40.03
CA SER C 773 2.42 34.41 38.79
C SER C 773 3.28 34.03 37.59
N THR C 774 2.64 33.41 36.60
CA THR C 774 3.32 33.01 35.36
C THR C 774 3.06 34.01 34.25
N GLY C 775 1.83 34.51 34.17
CA GLY C 775 1.42 35.45 33.13
C GLY C 775 0.92 34.78 31.87
N THR C 776 0.29 33.61 32.02
CA THR C 776 -0.14 32.79 30.89
C THR C 776 -1.14 31.68 31.28
N GLY C 777 -1.92 31.93 32.34
CA GLY C 777 -2.89 30.96 32.86
C GLY C 777 -3.95 30.47 31.87
N ALA C 778 -4.59 29.35 32.21
CA ALA C 778 -5.58 28.70 31.34
C ALA C 778 -6.90 29.47 31.28
N LYS C 779 -7.34 29.76 30.06
CA LYS C 779 -8.56 30.55 29.82
C LYS C 779 -9.20 30.25 28.46
N GLY C 780 -10.51 30.45 28.38
CA GLY C 780 -11.21 30.42 27.10
C GLY C 780 -11.97 29.15 26.75
N LYS C 781 -12.56 29.16 25.57
CA LYS C 781 -13.36 28.05 25.03
C LYS C 781 -12.47 26.86 24.65
N ILE C 782 -12.87 25.67 25.10
CA ILE C 782 -12.18 24.43 24.77
C ILE C 782 -12.73 23.78 23.50
N ASN C 783 -11.85 23.53 22.53
CA ASN C 783 -12.16 22.72 21.36
C ASN C 783 -11.41 21.39 21.45
N PRO C 784 -12.11 20.32 21.85
CA PRO C 784 -11.54 19.00 22.17
C PRO C 784 -10.72 18.36 21.04
N LYS C 785 -11.07 18.69 19.79
CA LYS C 785 -10.32 18.23 18.63
C LYS C 785 -8.92 18.83 18.57
N THR C 786 -8.81 20.14 18.79
CA THR C 786 -7.53 20.85 18.68
C THR C 786 -6.83 21.05 20.03
N TYR C 787 -7.55 20.76 21.12
CA TYR C 787 -7.07 21.05 22.48
C TYR C 787 -5.65 20.56 22.73
N THR C 788 -4.79 21.50 23.08
CA THR C 788 -3.39 21.22 23.36
C THR C 788 -2.95 22.08 24.54
N ILE C 789 -2.37 21.43 25.55
CA ILE C 789 -1.76 22.14 26.67
C ILE C 789 -0.38 22.61 26.23
N LYS C 790 -0.26 23.91 25.94
CA LYS C 790 0.96 24.49 25.39
C LYS C 790 2.15 24.53 26.34
N GLY C 791 3.33 24.79 25.78
CA GLY C 791 4.61 24.68 26.48
C GLY C 791 4.74 25.41 27.79
N GLU C 792 4.33 26.68 27.80
CA GLU C 792 4.45 27.51 29.00
C GLU C 792 3.44 27.10 30.07
N GLN C 793 2.31 26.52 29.66
CA GLN C 793 1.36 25.95 30.59
C GLN C 793 1.87 24.63 31.16
N LEU C 794 2.59 23.87 30.32
CA LEU C 794 3.20 22.60 30.72
C LEU C 794 4.30 22.79 31.75
N LYS C 795 5.06 23.87 31.59
CA LYS C 795 6.15 24.20 32.49
C LYS C 795 5.60 24.57 33.87
N ALA C 796 4.44 25.23 33.87
CA ALA C 796 3.74 25.62 35.09
C ALA C 796 3.21 24.41 35.87
N LEU C 797 2.58 23.47 35.17
CA LEU C 797 2.14 22.21 35.79
C LEU C 797 3.32 21.45 36.39
N GLN C 798 4.46 21.52 35.71
CA GLN C 798 5.67 20.84 36.10
C GLN C 798 6.25 21.35 37.41
N GLU C 799 6.36 22.67 37.56
CA GLU C 799 6.90 23.27 38.79
C GLU C 799 5.97 22.99 39.97
N ASN C 800 4.66 23.07 39.73
CA ASN C 800 3.65 22.66 40.72
C ASN C 800 3.82 21.19 41.13
N MET C 801 3.90 20.30 40.14
CA MET C 801 4.13 18.87 40.36
C MET C 801 5.42 18.64 41.16
N LEU C 802 6.46 19.40 40.82
CA LEU C 802 7.77 19.29 41.46
C LEU C 802 7.75 19.57 42.97
N HIS C 803 7.32 20.77 43.36
CA HIS C 803 7.41 21.18 44.76
C HIS C 803 6.34 20.58 45.65
N PHE C 804 5.20 20.26 45.07
CA PHE C 804 4.07 19.77 45.87
C PHE C 804 3.91 18.25 45.93
N PHE C 805 4.58 17.53 45.04
CA PHE C 805 4.40 16.07 44.96
C PHE C 805 5.72 15.31 44.85
N VAL C 806 6.55 15.70 43.89
CA VAL C 806 7.82 15.02 43.65
C VAL C 806 8.80 15.19 44.81
N GLU C 807 8.93 16.41 45.33
CA GLU C 807 9.79 16.69 46.48
C GLU C 807 9.44 15.80 47.69
N PRO C 808 8.14 15.78 48.11
CA PRO C 808 7.68 14.82 49.13
C PRO C 808 7.96 13.34 48.82
N LEU C 809 7.78 12.95 47.55
CA LEU C 809 8.07 11.58 47.09
C LEU C 809 9.54 11.21 47.26
N ARG C 810 10.42 12.14 46.92
CA ARG C 810 11.87 11.98 47.03
C ARG C 810 12.36 11.82 48.47
N ASN C 811 11.75 12.55 49.40
CA ASN C 811 12.01 12.33 50.83
C ASN C 811 11.57 10.93 51.29
N GLY C 812 10.39 10.52 50.83
CA GLY C 812 9.86 9.17 51.09
C GLY C 812 10.73 8.04 50.52
N ILE C 813 11.27 8.25 49.33
CA ILE C 813 12.19 7.30 48.71
C ILE C 813 13.44 7.11 49.58
N THR C 814 14.07 8.23 49.94
CA THR C 814 15.25 8.23 50.81
C THR C 814 15.01 7.49 52.13
N GLN C 815 13.84 7.72 52.74
CA GLN C 815 13.48 7.06 53.98
C GLN C 815 13.34 5.54 53.80
N THR C 816 12.80 5.13 52.65
CA THR C 816 12.54 3.73 52.35
C THR C 816 13.81 2.93 52.01
N VAL C 817 14.67 3.50 51.15
CA VAL C 817 15.88 2.81 50.73
C VAL C 817 17.07 3.03 51.67
N GLY C 818 17.01 4.10 52.46
CA GLY C 818 18.05 4.41 53.44
C GLY C 818 19.04 5.46 52.99
N GLU C 819 19.38 6.37 53.90
CA GLU C 819 20.39 7.42 53.66
C GLU C 819 21.77 6.86 53.31
N SER C 820 22.11 5.72 53.89
CA SER C 820 23.39 5.06 53.64
C SER C 820 23.56 4.61 52.19
N LEU C 821 22.49 4.10 51.59
CA LEU C 821 22.51 3.79 50.17
C LEU C 821 22.66 5.08 49.36
N VAL C 822 21.93 6.12 49.74
CA VAL C 822 22.03 7.40 49.05
C VAL C 822 23.46 7.92 49.12
N TYR C 823 24.06 7.91 50.32
CA TYR C 823 25.46 8.28 50.48
C TYR C 823 26.39 7.52 49.50
N SER C 824 26.26 6.20 49.44
CA SER C 824 27.11 5.36 48.57
C SER C 824 27.03 5.72 47.09
N THR C 825 25.82 5.87 46.58
CA THR C 825 25.57 6.21 45.17
C THR C 825 26.12 7.60 44.82
N GLU C 826 26.08 8.52 45.77
CA GLU C 826 26.65 9.86 45.59
C GLU C 826 28.16 9.78 45.46
N GLN C 827 28.81 9.01 46.34
CA GLN C 827 30.26 8.84 46.31
C GLN C 827 30.70 8.12 45.04
N LEU C 828 29.97 7.09 44.67
CA LEU C 828 30.18 6.34 43.43
C LEU C 828 30.01 7.25 42.21
N GLN C 829 29.01 8.12 42.23
CA GLN C 829 28.77 9.07 41.14
C GLN C 829 29.91 10.10 41.03
N LYS C 830 30.33 10.62 42.18
CA LYS C 830 31.42 11.60 42.23
C LYS C 830 32.73 11.03 41.71
N ALA C 831 33.16 9.90 42.29
CA ALA C 831 34.36 9.20 41.86
C ALA C 831 34.37 8.88 40.35
N THR C 832 33.28 8.31 39.82
CA THR C 832 33.24 7.92 38.40
C THR C 832 33.18 9.13 37.48
N GLN C 833 32.48 10.18 37.92
CA GLN C 833 32.42 11.43 37.19
C GLN C 833 33.78 12.14 37.12
N ILE C 834 34.48 12.23 38.26
CA ILE C 834 35.78 12.91 38.34
C ILE C 834 36.78 12.25 37.39
N GLN C 835 36.86 10.92 37.47
CA GLN C 835 37.73 10.15 36.63
C GLN C 835 37.40 10.29 35.13
N SER C 836 36.12 10.32 34.77
CA SER C 836 35.70 10.51 33.38
C SER C 836 36.08 11.88 32.82
N VAL C 837 35.94 12.93 33.65
CA VAL C 837 36.37 14.29 33.28
C VAL C 837 37.84 14.28 32.86
N VAL C 838 38.68 13.59 33.63
CA VAL C 838 40.12 13.51 33.39
C VAL C 838 40.42 12.67 32.16
N LEU C 839 39.78 11.51 32.05
CA LEU C 839 39.93 10.65 30.88
C LEU C 839 39.61 11.43 29.59
N GLU C 840 38.47 12.12 29.59
CA GLU C 840 38.05 12.94 28.46
C GLU C 840 39.05 14.03 28.12
N ASP C 841 39.47 14.80 29.13
CA ASP C 841 40.41 15.92 28.94
C ASP C 841 41.80 15.49 28.48
N MET C 842 42.25 14.33 28.94
CA MET C 842 43.56 13.80 28.55
C MET C 842 43.57 13.26 27.12
N PHE C 843 42.46 12.66 26.70
CA PHE C 843 42.25 12.23 25.32
C PHE C 843 42.21 13.46 24.41
N LYS C 844 41.36 14.43 24.76
CA LYS C 844 41.26 15.69 24.03
C LYS C 844 42.62 16.38 23.82
N GLN C 845 43.41 16.49 24.90
CA GLN C 845 44.74 17.12 24.84
C GLN C 845 45.75 16.31 24.04
N ARG C 846 45.73 15.00 24.20
CA ARG C 846 46.61 14.11 23.42
C ARG C 846 46.25 14.06 21.95
N VAL C 847 44.96 14.21 21.64
CA VAL C 847 44.52 14.36 20.25
C VAL C 847 45.05 15.66 19.63
N GLN C 848 44.85 16.79 20.32
CA GLN C 848 45.30 18.09 19.81
C GLN C 848 46.82 18.16 19.62
N GLU C 849 47.56 17.61 20.59
CA GLU C 849 49.02 17.51 20.51
C GLU C 849 49.48 16.73 19.27
N LYS C 850 48.79 15.64 18.97
CA LYS C 850 49.12 14.81 17.81
C LYS C 850 48.76 15.53 16.50
N LEU C 851 47.66 16.29 16.53
CA LEU C 851 47.23 17.11 15.39
C LEU C 851 48.19 18.28 15.14
N ALA C 852 48.83 18.76 16.20
CA ALA C 852 49.80 19.83 16.11
C ALA C 852 51.06 19.36 15.36
N GLU C 853 51.46 18.11 15.60
CA GLU C 853 52.56 17.50 14.88
C GLU C 853 52.23 17.25 13.41
N LYS C 854 51.00 16.79 13.16
CA LYS C 854 50.52 16.49 11.82
C LYS C 854 50.45 17.73 10.94
N ALA C 855 50.20 18.88 11.57
CA ALA C 855 50.23 20.18 10.91
C ALA C 855 51.59 20.47 10.26
N LYS C 856 52.64 19.81 10.75
CA LYS C 856 54.00 19.97 10.22
C LYS C 856 54.34 18.88 9.21
N ASP C 857 53.46 17.89 9.09
CA ASP C 857 53.61 16.78 8.15
C ASP C 857 53.06 17.22 6.79
N PRO C 858 53.96 17.38 5.78
CA PRO C 858 53.59 17.93 4.47
C PRO C 858 52.53 17.12 3.72
N THR C 859 52.52 15.80 3.95
CA THR C 859 51.58 14.91 3.29
C THR C 859 50.15 14.97 3.89
N TRP C 860 50.01 15.66 5.02
CA TRP C 860 48.77 15.72 5.78
C TRP C 860 47.96 16.99 5.52
N LYS C 861 46.65 16.84 5.52
CA LYS C 861 45.72 17.94 5.34
C LYS C 861 44.73 17.94 6.51
N LYS C 862 44.37 19.13 6.99
CA LYS C 862 43.60 19.27 8.23
C LYS C 862 42.39 18.33 8.43
N GLY C 863 41.62 18.10 7.37
CA GLY C 863 40.45 17.23 7.49
C GLY C 863 40.72 15.73 7.52
N ASP C 864 41.97 15.34 7.31
CA ASP C 864 42.36 13.91 7.33
C ASP C 864 42.22 13.24 8.70
N PHE C 865 42.37 14.04 9.77
CA PHE C 865 42.37 13.54 11.16
C PHE C 865 43.50 12.54 11.42
N LEU C 866 43.33 11.67 12.40
CA LEU C 866 44.37 10.74 12.85
C LEU C 866 44.20 9.34 12.26
N THR C 867 45.24 8.52 12.37
CA THR C 867 45.16 7.13 11.93
C THR C 867 44.59 6.28 13.07
N GLN C 868 44.20 5.04 12.76
CA GLN C 868 43.67 4.15 13.80
C GLN C 868 44.76 3.79 14.83
N LYS C 869 45.98 3.54 14.36
CA LYS C 869 47.14 3.32 15.22
C LYS C 869 47.39 4.49 16.20
N GLU C 870 47.35 5.72 15.67
CA GLU C 870 47.44 6.94 16.49
C GLU C 870 46.32 7.05 17.53
N LEU C 871 45.08 6.78 17.12
CA LEU C 871 43.95 6.72 18.05
C LEU C 871 44.13 5.64 19.11
N ASN C 872 44.54 4.46 18.68
CA ASN C 872 44.82 3.33 19.59
C ASN C 872 45.87 3.69 20.65
N ASP C 873 46.93 4.38 20.22
CA ASP C 873 48.02 4.76 21.12
C ASP C 873 47.58 5.76 22.17
N ILE C 874 46.71 6.68 21.77
CA ILE C 874 46.12 7.65 22.70
C ILE C 874 45.18 6.97 23.72
N GLN C 875 44.39 6.00 23.27
CA GLN C 875 43.56 5.20 24.18
C GLN C 875 44.43 4.45 25.21
N ALA C 876 45.49 3.79 24.74
CA ALA C 876 46.38 3.04 25.61
C ALA C 876 47.11 3.92 26.63
N SER C 877 47.36 5.18 26.25
CA SER C 877 47.96 6.16 27.16
C SER C 877 47.03 6.57 28.31
N LEU C 878 45.82 6.04 28.32
CA LEU C 878 44.88 6.24 29.42
C LEU C 878 44.87 5.08 30.40
N ASN C 879 45.47 3.95 30.03
CA ASN C 879 45.46 2.73 30.85
C ASN C 879 45.99 2.90 32.29
N ASN C 880 46.97 3.78 32.46
CA ASN C 880 47.51 4.09 33.79
C ASN C 880 46.52 4.83 34.71
N LEU C 881 45.45 5.38 34.12
CA LEU C 881 44.36 6.04 34.88
C LEU C 881 43.20 5.11 35.22
N ALA C 882 43.34 3.82 34.90
CA ALA C 882 42.34 2.78 35.17
C ALA C 882 40.90 3.06 34.65
N PRO C 883 40.74 3.22 33.31
CA PRO C 883 39.41 3.55 32.76
C PRO C 883 38.37 2.44 32.92
N MET C 884 38.83 1.20 33.08
CA MET C 884 37.95 0.03 33.24
C MET C 884 37.73 -0.33 34.69
N ILE C 885 36.48 -0.60 35.05
CA ILE C 885 36.17 -1.19 36.35
C ILE C 885 36.06 -2.71 36.18
N GLU C 886 36.87 -3.43 36.96
CA GLU C 886 36.94 -4.89 36.88
C GLU C 886 36.34 -5.52 38.13
N THR C 887 35.45 -6.48 37.92
CA THR C 887 34.80 -7.16 39.03
C THR C 887 35.38 -8.56 39.23
N GLY C 888 36.12 -9.03 38.23
CA GLY C 888 36.59 -10.40 38.21
C GLY C 888 35.85 -11.26 37.19
N SER C 889 34.63 -10.87 36.85
CA SER C 889 33.81 -11.60 35.88
C SER C 889 33.16 -10.70 34.82
N GLN C 890 33.20 -9.39 35.08
CA GLN C 890 32.63 -8.37 34.21
C GLN C 890 33.58 -7.19 34.10
N THR C 891 33.46 -6.44 33.01
CA THR C 891 34.25 -5.22 32.81
C THR C 891 33.31 -4.09 32.42
N PHE C 892 33.45 -2.96 33.12
CA PHE C 892 32.65 -1.79 32.82
C PHE C 892 33.54 -0.64 32.41
N TYR C 893 33.12 0.07 31.38
CA TYR C 893 33.83 1.24 30.92
C TYR C 893 32.85 2.39 30.90
N ILE C 894 32.69 3.01 32.08
CA ILE C 894 31.68 4.03 32.32
C ILE C 894 31.81 5.26 31.40
N ALA C 895 33.06 5.65 31.12
CA ALA C 895 33.33 6.84 30.31
C ALA C 895 33.20 6.60 28.80
N GLY C 896 33.24 5.34 28.38
CA GLY C 896 33.17 5.01 26.95
C GLY C 896 32.00 5.63 26.19
N SER C 897 32.32 6.35 25.12
CA SER C 897 31.30 6.94 24.26
C SER C 897 31.80 7.06 22.83
N GLU C 898 30.89 7.45 21.94
CA GLU C 898 31.28 7.84 20.60
C GLU C 898 30.72 9.24 20.40
N ASN C 899 31.58 10.18 20.01
CA ASN C 899 31.10 11.56 19.88
C ASN C 899 31.79 12.36 18.79
N ALA C 900 31.08 13.40 18.32
CA ALA C 900 31.56 14.31 17.28
C ALA C 900 32.43 15.44 17.83
N GLU C 901 32.60 15.48 19.15
CA GLU C 901 33.34 16.57 19.80
C GLU C 901 34.86 16.42 19.76
N VAL C 902 35.33 15.19 19.55
CA VAL C 902 36.77 14.92 19.49
C VAL C 902 37.41 15.49 18.21
N ALA C 903 36.76 15.27 17.06
CA ALA C 903 37.30 15.72 15.78
C ALA C 903 36.75 17.08 15.35
N ASN C 904 35.51 17.38 15.76
CA ASN C 904 34.82 18.62 15.40
C ASN C 904 34.92 18.97 13.90
N GLN C 905 34.54 18.02 13.05
CA GLN C 905 34.62 18.20 11.61
C GLN C 905 33.60 17.33 10.87
N VAL C 906 33.26 17.75 9.65
CA VAL C 906 32.49 16.92 8.73
C VAL C 906 33.34 15.76 8.23
N LEU C 907 32.79 14.55 8.30
CA LEU C 907 33.43 13.37 7.73
C LEU C 907 33.22 13.31 6.21
N ALA C 908 31.97 13.48 5.79
CA ALA C 908 31.62 13.46 4.38
C ALA C 908 30.30 14.14 4.14
N THR C 909 30.10 14.55 2.89
CA THR C 909 28.81 15.01 2.40
C THR C 909 28.48 14.16 1.17
N ASN C 910 27.25 14.26 0.68
CA ASN C 910 26.94 13.80 -0.67
C ASN C 910 27.44 14.80 -1.72
N LEU C 911 27.18 14.49 -2.99
CA LEU C 911 27.68 15.31 -4.11
C LEU C 911 26.89 16.60 -4.37
N ASP C 912 25.80 16.80 -3.64
CA ASP C 912 25.09 18.08 -3.67
C ASP C 912 25.41 18.97 -2.48
N ASP C 913 26.53 18.68 -1.79
CA ASP C 913 26.98 19.44 -0.63
C ASP C 913 25.97 19.37 0.53
N ARG C 914 25.19 18.30 0.57
CA ARG C 914 24.21 18.09 1.64
C ARG C 914 24.50 16.77 2.34
N MET C 915 23.59 16.34 3.23
CA MET C 915 23.81 15.15 4.05
C MET C 915 25.20 15.16 4.69
N ARG C 916 25.48 16.24 5.39
CA ARG C 916 26.79 16.47 6.00
C ARG C 916 26.93 15.68 7.29
N VAL C 917 27.66 14.58 7.19
CA VAL C 917 27.89 13.69 8.31
C VAL C 917 29.09 14.14 9.13
N PRO C 918 28.87 14.38 10.45
CA PRO C 918 29.96 14.68 11.37
C PRO C 918 30.89 13.47 11.58
N MET C 919 32.18 13.73 11.75
CA MET C 919 33.11 12.67 12.12
C MET C 919 32.99 12.34 13.61
N SER C 920 32.52 11.13 13.89
CA SER C 920 32.39 10.65 15.27
C SER C 920 33.47 9.63 15.56
N ILE C 921 34.06 9.73 16.76
CA ILE C 921 35.10 8.79 17.15
C ILE C 921 34.87 8.25 18.56
N TYR C 922 35.32 7.03 18.77
CA TYR C 922 35.24 6.34 20.05
C TYR C 922 36.22 6.96 21.04
N ALA C 923 35.69 7.49 22.14
CA ALA C 923 36.48 8.29 23.08
C ALA C 923 35.79 8.40 24.43
N PRO C 924 36.57 8.59 25.51
CA PRO C 924 35.97 8.78 26.83
C PRO C 924 35.25 10.12 26.89
N ALA C 925 34.11 10.14 27.60
CA ALA C 925 33.36 11.36 27.81
C ALA C 925 32.88 11.39 29.27
N GLN C 926 32.40 12.54 29.71
CA GLN C 926 31.92 12.68 31.09
C GLN C 926 30.78 11.70 31.37
N ALA C 927 30.85 11.05 32.53
CA ALA C 927 29.90 10.03 32.90
C ALA C 927 28.56 10.60 33.38
N GLY C 928 28.59 11.78 33.97
CA GLY C 928 27.42 12.34 34.65
C GLY C 928 27.03 11.44 35.81
N VAL C 929 25.80 10.93 35.79
CA VAL C 929 25.32 9.99 36.82
C VAL C 929 25.40 8.51 36.42
N ALA C 930 25.92 8.24 35.21
CA ALA C 930 25.91 6.89 34.61
C ALA C 930 26.54 5.78 35.45
N GLY C 931 27.50 6.12 36.29
CA GLY C 931 28.15 5.16 37.18
C GLY C 931 27.20 4.35 38.05
N ILE C 932 26.17 4.99 38.58
CA ILE C 932 25.18 4.31 39.43
C ILE C 932 24.40 3.22 38.66
N PRO C 933 23.66 3.59 37.59
CA PRO C 933 22.99 2.53 36.83
C PRO C 933 23.92 1.47 36.25
N PHE C 934 25.09 1.87 35.72
CA PHE C 934 26.06 0.91 35.17
C PHE C 934 26.40 -0.18 36.17
N MET C 935 26.83 0.24 37.35
CA MET C 935 27.25 -0.66 38.42
C MET C 935 26.10 -1.43 39.10
N THR C 936 24.92 -0.81 39.22
CA THR C 936 23.78 -1.46 39.89
C THR C 936 23.13 -2.51 38.99
N ILE C 937 22.81 -2.11 37.76
CA ILE C 937 22.30 -3.03 36.76
C ILE C 937 23.35 -4.11 36.48
N GLY C 938 24.59 -3.68 36.31
CA GLY C 938 25.70 -4.56 35.96
C GLY C 938 25.96 -5.66 36.97
N THR C 939 26.23 -5.27 38.20
CA THR C 939 26.58 -6.22 39.26
C THR C 939 25.34 -6.85 39.91
N GLY C 940 24.17 -6.30 39.61
CA GLY C 940 22.91 -6.86 40.08
C GLY C 940 22.35 -7.87 39.08
N ASP C 941 21.36 -7.43 38.31
CA ASP C 941 20.66 -8.33 37.38
C ASP C 941 21.57 -8.91 36.29
N GLY C 942 22.53 -8.11 35.84
CA GLY C 942 23.52 -8.55 34.84
C GLY C 942 24.34 -9.73 35.32
N MET C 943 24.95 -9.57 36.49
CA MET C 943 25.73 -10.63 37.12
C MET C 943 24.86 -11.86 37.49
N MET C 944 23.62 -11.62 37.90
CA MET C 944 22.69 -12.71 38.21
C MET C 944 22.44 -13.57 36.98
N MET C 945 22.12 -12.94 35.86
CA MET C 945 21.79 -13.66 34.63
C MET C 945 22.99 -14.39 34.04
N GLN C 946 24.15 -13.75 34.06
CA GLN C 946 25.41 -14.35 33.62
C GLN C 946 25.73 -15.60 34.45
N THR C 947 25.52 -15.49 35.76
CA THR C 947 25.74 -16.59 36.69
C THR C 947 24.78 -17.72 36.41
N LEU C 948 23.51 -17.37 36.23
CA LEU C 948 22.46 -18.33 35.88
C LEU C 948 22.79 -19.14 34.61
N SER C 949 23.39 -18.49 33.62
CA SER C 949 23.79 -19.16 32.36
C SER C 949 24.96 -20.14 32.50
N THR C 950 25.85 -19.87 33.44
CA THR C 950 27.14 -20.56 33.49
C THR C 950 27.33 -21.43 34.71
N MET C 951 26.45 -21.27 35.69
CA MET C 951 26.58 -21.96 36.97
C MET C 951 26.45 -23.48 36.85
N LYS C 952 26.99 -24.18 37.84
CA LYS C 952 26.78 -25.62 37.97
C LYS C 952 25.27 -25.90 38.05
N GLY C 953 24.78 -26.72 37.12
CA GLY C 953 23.35 -27.01 37.03
C GLY C 953 22.53 -25.91 36.39
N ALA C 954 23.18 -25.03 35.64
CA ALA C 954 22.49 -23.94 34.92
C ALA C 954 21.22 -24.43 34.24
N PRO C 955 20.07 -23.79 34.57
CA PRO C 955 18.80 -24.13 33.92
C PRO C 955 18.89 -23.96 32.41
N LYS C 956 18.45 -24.99 31.69
CA LYS C 956 18.44 -24.96 30.22
C LYS C 956 17.02 -24.70 29.71
N ASN C 957 16.92 -24.38 28.42
CA ASN C 957 15.62 -24.14 27.76
C ASN C 957 14.81 -23.01 28.40
N THR C 958 15.50 -21.92 28.75
CA THR C 958 14.85 -20.75 29.35
C THR C 958 14.99 -19.52 28.45
N LEU C 959 14.15 -18.53 28.69
CA LEU C 959 14.35 -17.20 28.11
C LEU C 959 14.58 -16.21 29.25
N LYS C 960 15.71 -15.52 29.19
CA LYS C 960 16.04 -14.52 30.19
C LYS C 960 15.69 -13.13 29.66
N ILE C 961 14.96 -12.36 30.46
CA ILE C 961 14.61 -10.98 30.12
C ILE C 961 15.10 -10.03 31.23
N PHE C 962 16.40 -10.12 31.50
CA PHE C 962 17.14 -9.20 32.40
C PHE C 962 16.95 -9.45 33.91
N ASP C 963 15.73 -9.33 34.40
CA ASP C 963 15.49 -9.64 35.81
C ASP C 963 14.37 -10.65 35.97
N GLY C 964 13.94 -11.23 34.83
CA GLY C 964 12.93 -12.27 34.79
C GLY C 964 13.36 -13.41 33.88
N MET C 965 13.02 -14.64 34.27
CA MET C 965 13.34 -15.84 33.49
C MET C 965 12.15 -16.76 33.30
N ASN C 966 11.73 -16.92 32.05
CA ASN C 966 10.66 -17.85 31.68
C ASN C 966 11.16 -19.30 31.77
N ILE C 967 10.45 -20.12 32.54
CA ILE C 967 10.84 -21.51 32.83
C ILE C 967 9.75 -22.49 32.40
N GLY C 968 10.16 -23.58 31.77
CA GLY C 968 9.22 -24.64 31.36
C GLY C 968 8.63 -25.31 32.58
N LEU C 969 7.40 -25.79 32.45
CA LEU C 969 6.64 -26.26 33.61
C LEU C 969 7.21 -27.47 34.36
N ASN C 970 8.02 -28.28 33.69
CA ASN C 970 8.67 -29.41 34.35
C ASN C 970 9.85 -28.99 35.22
N ASP C 971 10.31 -27.75 35.04
CA ASP C 971 11.59 -27.31 35.61
C ASP C 971 11.46 -26.20 36.64
N ILE C 972 10.22 -25.83 36.99
CA ILE C 972 9.97 -24.57 37.69
C ILE C 972 10.60 -24.45 39.08
N THR C 973 10.67 -25.57 39.81
CA THR C 973 11.21 -25.55 41.17
C THR C 973 12.73 -25.45 41.15
N ASP C 974 13.38 -26.25 40.32
CA ASP C 974 14.84 -26.28 40.30
C ASP C 974 15.45 -25.05 39.63
N ALA C 975 14.82 -24.59 38.55
CA ALA C 975 15.29 -23.37 37.88
C ALA C 975 15.12 -22.13 38.76
N SER C 976 14.04 -22.06 39.53
CA SER C 976 13.80 -20.95 40.46
C SER C 976 14.79 -20.94 41.61
N ARG C 977 15.10 -22.13 42.12
CA ARG C 977 16.06 -22.25 43.20
C ARG C 977 17.47 -21.87 42.72
N LYS C 978 17.80 -22.27 41.49
CA LYS C 978 19.05 -21.84 40.88
C LYS C 978 19.08 -20.32 40.63
N ALA C 979 17.94 -19.74 40.26
CA ALA C 979 17.83 -18.29 40.05
C ALA C 979 18.10 -17.55 41.35
N ASN C 980 17.52 -18.05 42.44
CA ASN C 980 17.74 -17.50 43.76
C ASN C 980 19.15 -17.72 44.29
N GLU C 981 19.76 -18.85 43.92
CA GLU C 981 21.18 -19.09 44.19
C GLU C 981 22.07 -18.07 43.48
N ALA C 982 21.71 -17.76 42.23
CA ALA C 982 22.47 -16.80 41.42
C ALA C 982 22.33 -15.38 41.98
N VAL C 983 21.14 -15.06 42.50
CA VAL C 983 20.92 -13.81 43.22
C VAL C 983 21.88 -13.70 44.39
N TYR C 984 21.96 -14.76 45.18
CA TYR C 984 22.85 -14.79 46.33
C TYR C 984 24.32 -14.61 45.93
N THR C 985 24.70 -15.18 44.78
CA THR C 985 26.03 -14.99 44.20
C THR C 985 26.27 -13.52 43.84
N SER C 986 25.30 -12.90 43.16
CA SER C 986 25.41 -11.48 42.81
C SER C 986 25.55 -10.61 44.06
N TRP C 987 24.79 -10.95 45.10
CA TRP C 987 24.80 -10.22 46.36
C TRP C 987 26.09 -10.37 47.17
N GLN C 988 27.00 -11.24 46.70
CA GLN C 988 28.36 -11.33 47.23
C GLN C 988 29.28 -10.32 46.54
N GLY C 989 28.73 -9.57 45.60
CA GLY C 989 29.50 -8.57 44.88
C GLY C 989 29.73 -7.31 45.69
N ASN C 990 30.64 -6.47 45.21
CA ASN C 990 30.97 -5.23 45.90
C ASN C 990 31.36 -4.20 44.84
N PRO C 991 30.36 -3.63 44.12
CA PRO C 991 30.61 -2.62 43.10
C PRO C 991 31.47 -1.44 43.59
N ILE C 992 31.19 -0.94 44.80
CA ILE C 992 31.93 0.20 45.34
C ILE C 992 33.42 -0.13 45.48
N LYS C 993 33.74 -1.36 45.92
CA LYS C 993 35.12 -1.85 45.98
C LYS C 993 35.79 -1.88 44.63
N ASN C 994 35.07 -2.34 43.60
CA ASN C 994 35.59 -2.42 42.24
C ASN C 994 35.92 -1.03 41.72
N VAL C 995 35.03 -0.09 42.05
CA VAL C 995 35.18 1.32 41.70
C VAL C 995 36.32 1.96 42.50
N TYR C 996 36.38 1.66 43.79
CA TYR C 996 37.47 2.15 44.64
C TYR C 996 38.83 1.73 44.07
N GLU C 997 38.95 0.46 43.67
CA GLU C 997 40.20 -0.06 43.13
C GLU C 997 40.62 0.70 41.85
N SER C 998 39.66 1.00 40.99
CA SER C 998 39.91 1.82 39.80
C SER C 998 40.29 3.26 40.19
N TYR C 999 39.54 3.84 41.12
CA TYR C 999 39.77 5.22 41.57
C TYR C 999 41.12 5.41 42.30
N ALA C 1000 41.51 4.44 43.13
CA ALA C 1000 42.76 4.49 43.88
C ALA C 1000 43.97 4.52 42.94
N LYS C 1001 43.94 3.67 41.92
CA LYS C 1001 44.96 3.65 40.87
C LYS C 1001 44.97 4.96 40.04
N PHE C 1002 43.78 5.48 39.76
CA PHE C 1002 43.61 6.77 39.10
C PHE C 1002 44.25 7.93 39.89
N MET C 1003 44.09 7.92 41.21
CA MET C 1003 44.65 8.96 42.08
C MET C 1003 46.17 8.99 42.09
N LYS C 1004 46.78 7.83 41.85
CA LYS C 1004 48.23 7.65 41.86
C LYS C 1004 48.89 8.09 40.56
N ASN C 1005 48.07 8.31 39.53
CA ASN C 1005 48.59 8.53 38.18
C ASN C 1005 48.11 9.83 37.53
N VAL C 1006 47.03 10.40 38.07
CA VAL C 1006 46.47 11.64 37.56
C VAL C 1006 47.42 12.82 37.79
N ASP C 1007 47.43 13.74 36.83
CA ASP C 1007 48.22 14.95 36.89
C ASP C 1007 47.26 16.14 36.81
N PHE C 1008 46.84 16.66 37.96
CA PHE C 1008 45.85 17.76 37.98
C PHE C 1008 46.38 19.05 37.38
N SER C 1009 47.70 19.25 37.43
CA SER C 1009 48.33 20.46 36.90
C SER C 1009 48.28 20.52 35.37
N LYS C 1010 48.17 19.36 34.72
CA LYS C 1010 48.12 19.28 33.26
C LYS C 1010 46.72 19.52 32.70
N LEU C 1011 45.71 19.42 33.56
CA LEU C 1011 44.31 19.58 33.17
C LEU C 1011 43.98 20.99 32.67
N SER C 1012 42.99 21.08 31.80
CA SER C 1012 42.47 22.38 31.37
C SER C 1012 41.61 22.97 32.49
N PRO C 1013 41.56 24.32 32.58
CA PRO C 1013 40.62 25.05 33.45
C PRO C 1013 39.20 24.49 33.46
N GLU C 1014 38.67 24.16 32.29
CA GLU C 1014 37.31 23.61 32.14
C GLU C 1014 37.15 22.28 32.87
N ALA C 1015 38.17 21.42 32.76
CA ALA C 1015 38.17 20.11 33.43
C ALA C 1015 38.32 20.27 34.94
N LEU C 1016 39.13 21.23 35.36
CA LEU C 1016 39.28 21.52 36.79
C LEU C 1016 37.99 22.03 37.42
N GLU C 1017 37.30 22.92 36.73
CA GLU C 1017 36.00 23.42 37.19
C GLU C 1017 34.97 22.28 37.25
N ALA C 1018 35.03 21.38 36.28
CA ALA C 1018 34.17 20.20 36.26
C ALA C 1018 34.41 19.29 37.48
N ILE C 1019 35.68 19.11 37.85
CA ILE C 1019 36.04 18.28 39.02
C ILE C 1019 35.62 18.93 40.34
N GLY C 1020 35.77 20.26 40.42
CA GLY C 1020 35.30 21.04 41.57
C GLY C 1020 33.82 20.88 41.84
N LYS C 1021 33.02 20.83 40.79
CA LYS C 1021 31.56 20.64 40.88
C LYS C 1021 31.17 19.32 41.55
N SER C 1022 32.01 18.29 41.38
CA SER C 1022 31.79 16.98 42.00
C SER C 1022 32.47 16.83 43.36
N ALA C 1023 33.65 17.43 43.51
CA ALA C 1023 34.50 17.21 44.69
C ALA C 1023 34.32 18.22 45.83
N LEU C 1024 33.88 19.43 45.50
CA LEU C 1024 33.75 20.51 46.50
C LEU C 1024 32.33 21.06 46.59
N GLU C 1025 31.97 21.54 47.79
CA GLU C 1025 30.70 22.25 47.99
C GLU C 1025 30.72 23.60 47.27
N TYR C 1026 29.54 24.14 46.98
CA TYR C 1026 29.39 25.39 46.23
C TYR C 1026 30.24 26.56 46.76
N ASP C 1027 30.26 26.73 48.09
CA ASP C 1027 30.99 27.83 48.72
C ASP C 1027 32.53 27.71 48.65
N GLN C 1028 33.03 26.66 48.01
CA GLN C 1028 34.46 26.41 47.96
C GLN C 1028 35.02 26.41 46.55
N ARG C 1029 34.13 26.52 45.56
CA ARG C 1029 34.53 26.38 44.15
C ARG C 1029 35.20 27.63 43.56
N GLU C 1030 34.60 28.80 43.81
CA GLU C 1030 35.12 30.10 43.35
C GLU C 1030 36.64 30.24 43.47
N ASN C 1031 37.15 30.12 44.69
CA ASN C 1031 38.58 30.35 44.96
C ASN C 1031 39.43 29.07 45.10
N ALA C 1032 38.90 27.94 44.63
CA ALA C 1032 39.59 26.66 44.67
C ALA C 1032 40.86 26.64 43.83
N THR C 1033 41.97 26.28 44.45
CA THR C 1033 43.22 26.08 43.72
C THR C 1033 43.29 24.62 43.25
N VAL C 1034 44.31 24.32 42.43
CA VAL C 1034 44.55 22.96 41.96
C VAL C 1034 44.71 21.99 43.13
N ASP C 1035 45.51 22.37 44.14
CA ASP C 1035 45.70 21.54 45.34
C ASP C 1035 44.42 21.37 46.16
N ASP C 1036 43.56 22.39 46.17
CA ASP C 1036 42.25 22.27 46.80
C ASP C 1036 41.42 21.14 46.16
N ILE C 1037 41.44 21.10 44.84
CA ILE C 1037 40.64 20.14 44.07
C ILE C 1037 41.24 18.74 44.16
N ALA C 1038 42.57 18.68 44.10
CA ALA C 1038 43.33 17.43 44.25
C ALA C 1038 43.09 16.76 45.60
N ASN C 1039 43.07 17.56 46.67
CA ASN C 1039 42.79 17.08 48.03
C ASN C 1039 41.36 16.64 48.19
N ALA C 1040 40.45 17.34 47.52
CA ALA C 1040 39.02 17.04 47.58
C ALA C 1040 38.70 15.72 46.89
N ALA C 1041 39.35 15.49 45.75
CA ALA C 1041 39.22 14.24 45.00
C ALA C 1041 39.86 13.08 45.76
N SER C 1042 40.93 13.39 46.51
CA SER C 1042 41.61 12.40 47.34
C SER C 1042 40.75 11.94 48.53
N LEU C 1043 39.95 12.86 49.07
CA LEU C 1043 39.01 12.54 50.15
C LEU C 1043 37.89 11.58 49.73
N ILE C 1044 37.49 11.67 48.45
CA ILE C 1044 36.50 10.75 47.88
C ILE C 1044 37.02 9.31 47.85
N GLU C 1045 38.34 9.15 47.65
CA GLU C 1045 38.96 7.83 47.66
C GLU C 1045 38.88 7.17 49.04
N ARG C 1046 39.05 7.96 50.10
CA ARG C 1046 38.93 7.48 51.47
C ARG C 1046 37.48 7.12 51.80
N ASN C 1047 36.55 7.96 51.33
CA ASN C 1047 35.10 7.71 51.46
C ASN C 1047 34.71 6.39 50.81
N LEU C 1048 35.16 6.19 49.58
CA LEU C 1048 34.98 4.95 48.83
C LEU C 1048 35.57 3.75 49.54
N ARG C 1049 36.77 3.92 50.09
CA ARG C 1049 37.46 2.84 50.79
C ARG C 1049 36.64 2.33 51.99
N ASN C 1050 36.08 3.26 52.75
CA ASN C 1050 35.35 2.92 53.98
C ASN C 1050 33.98 2.30 53.71
N ILE C 1051 33.32 2.74 52.64
CA ILE C 1051 32.08 2.09 52.17
C ILE C 1051 32.37 0.63 51.76
N ALA C 1052 33.47 0.44 51.03
CA ALA C 1052 33.82 -0.86 50.46
C ALA C 1052 34.16 -1.88 51.55
N LEU C 1053 34.87 -1.41 52.58
CA LEU C 1053 35.20 -2.24 53.75
C LEU C 1053 33.90 -2.62 54.49
N GLY C 1054 33.01 -1.66 54.67
CA GLY C 1054 31.71 -1.92 55.28
C GLY C 1054 30.88 -2.96 54.54
N VAL C 1055 30.83 -2.85 53.22
CA VAL C 1055 30.09 -3.79 52.37
C VAL C 1055 30.63 -5.22 52.49
N ASP C 1056 31.95 -5.35 52.44
CA ASP C 1056 32.67 -6.62 52.55
C ASP C 1056 32.34 -7.36 53.86
N ILE C 1057 32.37 -6.63 54.98
CA ILE C 1057 32.10 -7.19 56.30
C ILE C 1057 30.63 -7.58 56.43
N ARG C 1058 29.74 -6.71 55.96
CA ARG C 1058 28.30 -6.98 55.97
C ARG C 1058 27.97 -8.28 55.23
N HIS C 1059 28.60 -8.49 54.07
CA HIS C 1059 28.38 -9.69 53.27
C HIS C 1059 28.91 -10.95 53.96
N LYS C 1060 30.10 -10.85 54.57
CA LYS C 1060 30.68 -11.97 55.33
C LYS C 1060 29.85 -12.36 56.55
N VAL C 1061 29.35 -11.36 57.28
CA VAL C 1061 28.49 -11.56 58.45
C VAL C 1061 27.18 -12.28 58.08
N LEU C 1062 26.52 -11.80 57.03
CA LEU C 1062 25.30 -12.41 56.51
C LEU C 1062 25.48 -13.88 56.10
N ASP C 1063 26.62 -14.19 55.47
CA ASP C 1063 26.89 -15.58 55.05
C ASP C 1063 26.95 -16.55 56.24
N LYS C 1064 27.30 -16.04 57.42
CA LYS C 1064 27.36 -16.84 58.64
C LYS C 1064 26.00 -17.13 59.26
N VAL C 1065 25.00 -16.31 58.95
CA VAL C 1065 23.66 -16.53 59.51
C VAL C 1065 22.78 -17.29 58.51
N ASN C 1066 21.70 -17.90 59.03
CA ASN C 1066 20.76 -18.65 58.19
C ASN C 1066 19.84 -17.75 57.36
N LEU C 1067 20.01 -17.84 56.05
CA LEU C 1067 19.26 -17.04 55.10
C LEU C 1067 18.39 -17.88 54.18
N SER C 1068 17.22 -17.33 53.84
CA SER C 1068 16.40 -17.87 52.77
C SER C 1068 16.18 -16.79 51.72
N ILE C 1069 16.48 -17.10 50.46
CA ILE C 1069 16.44 -16.09 49.39
C ILE C 1069 15.36 -16.39 48.34
N ASP C 1070 14.42 -15.46 48.18
CA ASP C 1070 13.34 -15.60 47.20
C ASP C 1070 13.08 -14.26 46.52
N GLN C 1071 14.11 -13.74 45.86
CA GLN C 1071 14.01 -12.51 45.07
C GLN C 1071 13.38 -12.80 43.71
N MET C 1072 13.75 -13.94 43.13
CA MET C 1072 13.21 -14.37 41.85
C MET C 1072 11.97 -15.20 42.11
N ALA C 1073 10.90 -14.50 42.47
CA ALA C 1073 9.69 -15.09 43.03
C ALA C 1073 8.63 -15.54 42.02
N ALA C 1074 7.76 -16.43 42.50
CA ALA C 1074 6.57 -16.97 41.83
C ALA C 1074 6.30 -18.39 42.34
N VAL C 1075 7.34 -19.22 42.27
CA VAL C 1075 7.23 -20.67 42.48
C VAL C 1075 7.29 -21.06 43.95
N GLY C 1076 7.99 -20.27 44.75
CA GLY C 1076 8.21 -20.59 46.15
C GLY C 1076 9.31 -21.62 46.27
N ALA C 1077 10.41 -21.39 45.53
CA ALA C 1077 11.58 -22.25 45.61
C ALA C 1077 12.83 -21.47 46.07
N PRO C 1078 12.90 -21.14 47.37
CA PRO C 1078 13.98 -20.27 47.86
C PRO C 1078 15.32 -20.98 47.97
N TYR C 1079 16.40 -20.25 47.75
CA TYR C 1079 17.73 -20.76 48.01
C TYR C 1079 18.09 -20.61 49.50
N GLN C 1080 18.67 -21.67 50.05
CA GLN C 1080 19.18 -21.67 51.42
C GLN C 1080 20.71 -21.61 51.43
N ASN C 1081 21.27 -20.62 52.10
CA ASN C 1081 22.73 -20.50 52.23
C ASN C 1081 23.34 -21.43 53.29
N ASN C 1082 22.48 -22.04 54.11
CA ASN C 1082 22.90 -22.92 55.20
C ASN C 1082 24.03 -22.35 56.09
N GLY C 1083 23.90 -21.08 56.46
CA GLY C 1083 24.76 -20.47 57.47
C GLY C 1083 24.37 -21.05 58.82
N LYS C 1084 25.38 -21.28 59.67
CA LYS C 1084 25.19 -22.05 60.90
C LYS C 1084 24.64 -21.26 62.09
N ILE C 1085 24.80 -19.94 62.08
CA ILE C 1085 24.27 -19.08 63.16
C ILE C 1085 22.77 -18.85 62.96
N ASP C 1086 21.99 -19.21 63.99
CA ASP C 1086 20.54 -19.20 63.91
C ASP C 1086 19.97 -17.87 64.43
N LEU C 1087 19.26 -17.16 63.57
CA LEU C 1087 18.61 -15.90 63.95
C LEU C 1087 17.09 -15.96 63.96
N SER C 1088 16.54 -17.18 64.03
CA SER C 1088 15.10 -17.36 64.15
C SER C 1088 14.63 -17.04 65.57
N ASN C 1089 13.33 -16.76 65.71
CA ASN C 1089 12.73 -16.40 66.99
C ASN C 1089 13.35 -15.13 67.59
N MET C 1090 13.73 -14.20 66.71
CA MET C 1090 14.27 -12.90 67.09
C MET C 1090 13.53 -11.81 66.31
N THR C 1091 13.38 -10.64 66.91
CA THR C 1091 12.84 -9.47 66.20
C THR C 1091 13.92 -8.86 65.30
N PRO C 1092 13.51 -8.04 64.31
CA PRO C 1092 14.45 -7.21 63.53
C PRO C 1092 15.45 -6.42 64.37
N GLU C 1093 15.01 -5.98 65.55
CA GLU C 1093 15.89 -5.27 66.49
C GLU C 1093 16.94 -6.20 67.07
N GLN C 1094 16.53 -7.41 67.47
CA GLN C 1094 17.46 -8.39 68.04
C GLN C 1094 18.41 -8.95 67.00
N GLN C 1095 17.91 -9.14 65.78
CA GLN C 1095 18.73 -9.60 64.66
C GLN C 1095 19.85 -8.59 64.35
N ALA C 1096 19.47 -7.31 64.24
CA ALA C 1096 20.43 -6.23 63.98
C ALA C 1096 21.54 -6.19 65.03
N ASP C 1097 21.16 -6.25 66.30
CA ASP C 1097 22.12 -6.29 67.41
C ASP C 1097 23.11 -7.44 67.30
N GLU C 1098 22.61 -8.64 66.98
CA GLU C 1098 23.46 -9.81 66.81
C GLU C 1098 24.36 -9.68 65.56
N LEU C 1099 23.79 -9.18 64.48
CA LEU C 1099 24.54 -8.95 63.24
C LEU C 1099 25.66 -7.94 63.45
N ASN C 1100 25.36 -6.88 64.20
CA ASN C 1100 26.36 -5.85 64.54
C ASN C 1100 27.46 -6.36 65.47
N LYS C 1101 27.11 -7.29 66.35
CA LYS C 1101 28.11 -7.96 67.18
C LYS C 1101 29.05 -8.76 66.30
N LEU C 1102 28.49 -9.45 65.31
CA LEU C 1102 29.29 -10.19 64.32
C LEU C 1102 30.10 -9.24 63.43
N PHE C 1103 29.53 -8.07 63.12
CA PHE C 1103 30.22 -7.03 62.36
C PHE C 1103 31.49 -6.62 63.12
N ARG C 1104 31.32 -6.23 64.37
CA ARG C 1104 32.42 -5.82 65.25
C ARG C 1104 33.49 -6.90 65.37
N GLU C 1105 33.04 -8.14 65.48
CA GLU C 1105 33.90 -9.31 65.61
C GLU C 1105 34.71 -9.56 64.34
N GLU C 1106 34.07 -9.42 63.18
CA GLU C 1106 34.70 -9.61 61.89
C GLU C 1106 35.74 -8.51 61.63
N LEU C 1107 35.40 -7.29 62.01
CA LEU C 1107 36.31 -6.14 61.92
C LEU C 1107 37.50 -6.31 62.88
N GLU C 1108 37.27 -7.03 63.97
CA GLU C 1108 38.29 -7.26 64.99
C GLU C 1108 39.25 -8.41 64.61
N ALA C 1109 38.85 -9.18 63.59
CA ALA C 1109 39.71 -10.23 63.06
C ALA C 1109 40.66 -9.67 61.99
N ARG C 1110 40.46 -8.39 61.66
CA ARG C 1110 41.20 -7.73 60.58
C ARG C 1110 41.89 -6.44 61.04
#